data_4XIG
#
_entry.id   4XIG
#
_cell.length_a   72.175
_cell.length_b   133.412
_cell.length_c   272.687
_cell.angle_alpha   90.00
_cell.angle_beta   90.00
_cell.angle_gamma   90.00
#
_symmetry.space_group_name_H-M   'P 21 21 21'
#
loop_
_entity.id
_entity.type
_entity.pdbx_description
1 polymer AlgM1
2 polymer AlgM2
3 polymer AlgS
4 polymer AlgQ2
5 branched '4-deoxy-alpha-L-erythro-hex-4-enopyranuronic acid-(1-4)-beta-D-mannopyranuronic acid-(1-4)-beta-D-mannopyranuronic acid-(1-4)-beta-D-mannopyranuronic acid'
#
loop_
_entity_poly.entity_id
_entity_poly.type
_entity_poly.pdbx_seq_one_letter_code
_entity_poly.pdbx_strand_id
1 'polypeptide(L)'
;MERLWKDIKRDWLLYAMLLPTIIWFLIFLYKPMIGLQMAFKQYSAWKGIAGSPWIGFDHFVTLFQSEQFIRAIKNTLTLS
GLSLLFGFPMPILLALMINEVYSKGYRKAVQTIVYLPHFISIVIVAGLVVTFLSPSTGVVNNMLSWIGLDRVYFLTQPEW
FRPIYISSNIWKEAGFDSIVYLAAIMSINPALYESAQVDGATRWQMITRITLPCIVPTIAVLLVIRLGHILEVGFEYIIL
LYQPTTYETADVISTYIYRLGLQGARYDIATAAGIFNAVVALVIVLFANHMSRRITKTGVF
;
M
2 'polypeptide(L)'
;MLATPFYSRSDRIFGIVNAVLLGIFALCALYPIIYIFSMSISSGAAVTQGRVFLLPVDIDFSAYGRVLHDKLFWTSYANT
IFYTVFGVVTSLIFIVPGAYALSKPRIRGRRVFGFIIAFTMWFNAGMIPFFLNMRDLGLLDNRFGILIGFACNAFNIILM
RNYFESISASFEEAARMDGANDLQILWKVYIPLAKPALATITLLCAISRWNGYFWAMVLLRAEEKIPLQVYLKKTIVDLN
VNEEFAGALLTNSYSMETVVGAIIVMSIIPVIIVYPVVQKYFTKGVMLGGVKELEHHHHHHHHHH
;
N
3 'polypeptide(L)'
;MVASVSIQNVVKRYDKTTVVHGVSLDIEPGEFVVLVGPSGCGKSTTLRMVAGLEEISGGTIRIDGRVINDLAPKDRDVAM
VFQNYALYPHLNVRDNISFGLRLKRTKKSVIDAAVKTAADILGLQPLLERKPSDLSGGQRQRVAMGRAIVRDPKVFLFDQ
PLSNLDAKLRTQMRAEIKRLHQRLGTTVIYVTHDQVEAMTLADRIVVMRDGLIEQIGKPMDLFLHPANTFVASFIGSPPM
NLMPARIAVDSTQHVELNGGNRISLLPRAGTHLAPGQEVVFGIRPEDVTLDGVEGSERAQIKATVDIVEPLGSESILHAT
VGDHSLVVKVGGLNEVHPGDPVTLHVDLTRVHLFDAQSQASIY
;
S,T
4 'polypeptide(L)'
;MKKMMLSVAAVATLMAFAAPVATAKEATWVTDKPLTLKIHMHFRDKWVWDENWPVAKESFRLTNVKLQSVANKAATNSQE
QFNLMMASGDLPDVVGGDNLKDKFIQYGQEGAFVPLNKLIDQYAPHIKAFFKSHPEVERAIKAPDGNIYFIPYVPDGVVA
RGYFIREDWLKKLNLKPPQNIDELYTVLKAFKEKDPNGNGKADEVPFIDRHPDEVFRLVNFWGARSSGSDNYMDFYIDNG
RVKHPWAETAFRDGMKHVAQWYKEGLIDKEIFTRKARAREQMFGGNLGGFTHDWFASTMTFNEGLAKTVPGFKLIPIAPP
TNSKGQRWEEDSRQKVRPDGWAITVKNKNPVETIKFFDFYFSRPGRDISNFGVPGVTYDIKNGKAVFKDSVLKSPQPVNN
QLYDMGAQIPIGFWQDYDYERQWTTPEAQAGIDMYVKGKYVMPGFEGVNMTREERAIYDKYWADVRTYMYEMGQAWVMGT
KDVDKTWDEYQRQLKLRGLYQVLQMMQQAYDRQYKN
;
Q
#
loop_
_chem_comp.id
_chem_comp.type
_chem_comp.name
_chem_comp.formula
BEM D-saccharide, beta linking 'beta-D-mannopyranuronic acid' 'C6 H10 O7'
MAW L-saccharide, alpha linking '4-deoxy-alpha-L-erythro-hex-4-enopyranuronic acid' 'C6 H8 O6'
#
# COMPACT_ATOMS: atom_id res chain seq x y z
N GLU A 2 -12.85 22.88 -33.53
CA GLU A 2 -13.75 21.73 -33.59
C GLU A 2 -14.27 21.34 -32.21
N ARG A 3 -14.06 20.08 -31.85
CA ARG A 3 -14.51 19.56 -30.57
C ARG A 3 -13.60 19.97 -29.42
N LEU A 4 -12.32 19.60 -29.53
CA LEU A 4 -11.33 19.78 -28.46
C LEU A 4 -11.37 21.15 -27.79
N TRP A 5 -11.56 22.20 -28.59
CA TRP A 5 -11.71 23.55 -28.06
C TRP A 5 -12.95 23.66 -27.18
N LYS A 6 -14.07 23.14 -27.68
CA LYS A 6 -15.34 23.18 -26.97
C LYS A 6 -15.28 22.39 -25.67
N ASP A 7 -14.57 21.27 -25.69
CA ASP A 7 -14.39 20.45 -24.50
C ASP A 7 -13.46 21.13 -23.51
N ILE A 8 -12.46 21.84 -24.02
CA ILE A 8 -11.50 22.55 -23.19
C ILE A 8 -12.18 23.73 -22.50
N LYS A 9 -13.15 24.35 -23.16
CA LYS A 9 -13.89 25.45 -22.55
C LYS A 9 -14.63 25.00 -21.28
N ARG A 10 -15.12 23.77 -21.29
CA ARG A 10 -15.79 23.21 -20.13
C ARG A 10 -14.81 22.66 -19.09
N ASP A 11 -13.74 22.03 -19.57
CA ASP A 11 -12.80 21.32 -18.73
C ASP A 11 -11.60 22.16 -18.29
N TRP A 12 -11.65 23.46 -18.57
CA TRP A 12 -10.52 24.36 -18.32
C TRP A 12 -10.00 24.25 -16.88
N LEU A 13 -10.90 24.12 -15.92
CA LEU A 13 -10.54 24.07 -14.52
C LEU A 13 -10.09 22.66 -14.11
N LEU A 14 -10.24 21.73 -15.04
CA LEU A 14 -9.74 20.36 -14.88
C LEU A 14 -8.30 20.30 -15.40
N TYR A 15 -8.14 20.63 -16.68
CA TYR A 15 -6.82 20.80 -17.29
C TYR A 15 -5.92 21.68 -16.43
N ALA A 16 -6.49 22.72 -15.82
CA ALA A 16 -5.75 23.57 -14.90
C ALA A 16 -5.18 22.77 -13.74
N MET A 17 -5.93 21.77 -13.28
CA MET A 17 -5.45 20.89 -12.22
C MET A 17 -4.37 19.94 -12.73
N LEU A 18 -4.53 19.49 -13.97
CA LEU A 18 -3.62 18.50 -14.53
C LEU A 18 -2.26 19.10 -14.92
N LEU A 19 -2.25 20.39 -15.25
CA LEU A 19 -1.04 21.05 -15.75
C LEU A 19 0.18 21.01 -14.81
N PRO A 20 0.02 21.40 -13.53
CA PRO A 20 1.23 21.46 -12.69
C PRO A 20 1.91 20.11 -12.50
N THR A 21 1.13 19.05 -12.41
CA THR A 21 1.67 17.70 -12.29
C THR A 21 2.47 17.32 -13.53
N ILE A 22 1.90 17.59 -14.69
CA ILE A 22 2.56 17.33 -15.96
C ILE A 22 3.88 18.10 -16.04
N ILE A 23 3.84 19.38 -15.67
CA ILE A 23 5.04 20.21 -15.64
C ILE A 23 6.10 19.59 -14.74
N TRP A 24 5.66 19.15 -13.55
CA TRP A 24 6.55 18.51 -12.59
C TRP A 24 7.24 17.29 -13.20
N PHE A 25 6.47 16.44 -13.86
CA PHE A 25 7.00 15.23 -14.47
C PHE A 25 7.94 15.55 -15.64
N LEU A 26 7.62 16.60 -16.39
CA LEU A 26 8.46 16.99 -17.52
C LEU A 26 9.80 17.56 -17.04
N ILE A 27 9.77 18.23 -15.90
CA ILE A 27 10.97 18.85 -15.35
C ILE A 27 11.86 17.86 -14.59
N PHE A 28 11.32 17.30 -13.51
CA PHE A 28 12.14 16.50 -12.60
C PHE A 28 12.38 15.07 -13.06
N LEU A 29 11.73 14.67 -14.15
CA LEU A 29 11.88 13.31 -14.67
C LEU A 29 12.40 13.26 -16.10
N TYR A 30 11.65 13.84 -17.03
CA TYR A 30 11.97 13.75 -18.45
C TYR A 30 13.15 14.61 -18.88
N LYS A 31 13.38 15.73 -18.19
CA LYS A 31 14.56 16.56 -18.47
C LYS A 31 15.88 15.84 -18.14
N PRO A 32 15.92 15.10 -17.00
CA PRO A 32 17.08 14.23 -16.78
C PRO A 32 17.28 13.18 -17.86
N MET A 33 16.28 12.93 -18.68
CA MET A 33 16.43 12.00 -19.81
C MET A 33 17.16 12.70 -20.96
N ILE A 34 16.92 14.00 -21.10
CA ILE A 34 17.68 14.82 -22.05
C ILE A 34 19.13 14.86 -21.59
N GLY A 35 19.31 15.14 -20.30
CA GLY A 35 20.63 15.11 -19.70
C GLY A 35 21.24 13.73 -19.75
N LEU A 36 20.40 12.72 -19.91
CA LEU A 36 20.84 11.35 -20.04
C LEU A 36 21.40 11.11 -21.44
N GLN A 37 20.70 11.60 -22.44
CA GLN A 37 21.18 11.52 -23.81
C GLN A 37 22.46 12.33 -23.98
N MET A 38 22.59 13.40 -23.20
CA MET A 38 23.78 14.25 -23.26
C MET A 38 24.98 13.68 -22.52
N ALA A 39 24.74 13.08 -21.35
CA ALA A 39 25.83 12.52 -20.55
C ALA A 39 26.44 11.28 -21.21
N PHE A 40 25.81 10.84 -22.30
CA PHE A 40 26.27 9.69 -23.07
C PHE A 40 27.65 9.92 -23.69
N LYS A 41 27.84 11.09 -24.29
CA LYS A 41 29.03 11.35 -25.11
C LYS A 41 30.28 11.74 -24.30
N GLN A 42 30.25 12.93 -23.72
CA GLN A 42 31.37 13.48 -22.96
C GLN A 42 31.76 12.57 -21.80
N TYR A 43 33.04 12.54 -21.44
CA TYR A 43 34.06 13.43 -22.01
C TYR A 43 35.17 12.66 -22.71
N ILE A 55 30.17 12.03 -29.20
CA ILE A 55 30.44 10.59 -29.09
C ILE A 55 31.88 10.39 -28.63
N GLY A 56 32.10 9.45 -27.71
CA GLY A 56 31.02 8.66 -27.12
C GLY A 56 31.02 7.21 -27.57
N PHE A 57 30.18 6.41 -26.93
CA PHE A 57 30.02 4.97 -27.20
C PHE A 57 31.25 4.14 -26.81
N ASP A 58 32.35 4.81 -26.51
CA ASP A 58 33.62 4.11 -26.25
C ASP A 58 33.73 3.55 -24.84
N HIS A 59 33.32 4.32 -23.84
CA HIS A 59 33.45 3.90 -22.45
C HIS A 59 32.48 2.78 -22.08
N PHE A 60 31.57 2.46 -23.00
CA PHE A 60 30.74 1.27 -22.87
C PHE A 60 31.62 0.03 -22.96
N VAL A 61 32.76 0.16 -23.65
CA VAL A 61 33.74 -0.90 -23.71
C VAL A 61 34.56 -0.91 -22.42
N THR A 62 34.75 0.27 -21.84
CA THR A 62 35.40 0.37 -20.54
C THR A 62 34.55 -0.34 -19.50
N LEU A 63 33.24 -0.31 -19.71
CA LEU A 63 32.31 -1.09 -18.89
C LEU A 63 32.38 -2.56 -19.28
N PHE A 64 32.56 -2.82 -20.57
CA PHE A 64 32.67 -4.18 -21.08
C PHE A 64 33.88 -4.89 -20.49
N GLN A 65 35.05 -4.25 -20.59
CA GLN A 65 36.23 -4.80 -19.93
C GLN A 65 36.58 -4.00 -18.68
N SER A 66 36.24 -4.58 -17.53
CA SER A 66 36.73 -4.11 -16.24
C SER A 66 36.61 -5.27 -15.26
N GLU A 67 37.52 -5.37 -14.31
CA GLU A 67 37.42 -6.41 -13.30
C GLU A 67 36.58 -5.94 -12.12
N GLN A 68 36.38 -4.63 -12.03
CA GLN A 68 35.54 -4.04 -10.99
C GLN A 68 34.05 -4.12 -11.33
N PHE A 69 33.72 -3.75 -12.56
CA PHE A 69 32.33 -3.61 -12.98
C PHE A 69 31.66 -4.94 -13.35
N ILE A 70 32.42 -5.86 -13.92
CA ILE A 70 31.84 -7.13 -14.36
C ILE A 70 31.40 -7.96 -13.15
N ARG A 71 32.09 -7.79 -12.03
CA ARG A 71 31.71 -8.48 -10.81
C ARG A 71 30.58 -7.74 -10.13
N ALA A 72 30.36 -6.49 -10.54
CA ALA A 72 29.26 -5.69 -10.02
C ALA A 72 27.94 -6.12 -10.64
N ILE A 73 27.95 -6.37 -11.95
CA ILE A 73 26.77 -6.91 -12.63
C ILE A 73 26.62 -8.38 -12.25
N LYS A 74 27.74 -9.07 -12.06
CA LYS A 74 27.71 -10.44 -11.54
C LYS A 74 26.95 -10.51 -10.21
N ASN A 75 27.36 -9.68 -9.26
CA ASN A 75 26.73 -9.65 -7.94
C ASN A 75 25.35 -9.02 -7.97
N THR A 76 25.08 -8.24 -9.02
CA THR A 76 23.75 -7.65 -9.20
C THR A 76 22.77 -8.75 -9.59
N LEU A 77 23.20 -9.61 -10.52
CA LEU A 77 22.42 -10.76 -10.93
C LEU A 77 22.23 -11.73 -9.78
N THR A 78 23.32 -12.00 -9.06
CA THR A 78 23.27 -12.89 -7.90
C THR A 78 22.29 -12.38 -6.85
N LEU A 79 22.46 -11.12 -6.44
CA LEU A 79 21.60 -10.52 -5.43
C LEU A 79 20.15 -10.45 -5.90
N SER A 80 19.96 -10.26 -7.20
CA SER A 80 18.62 -10.28 -7.78
C SER A 80 17.99 -11.65 -7.59
N GLY A 81 18.75 -12.69 -7.91
CA GLY A 81 18.29 -14.05 -7.74
C GLY A 81 17.94 -14.39 -6.31
N LEU A 82 18.82 -14.05 -5.38
CA LEU A 82 18.59 -14.35 -3.97
C LEU A 82 17.40 -13.56 -3.42
N SER A 83 17.36 -12.27 -3.71
CA SER A 83 16.27 -11.41 -3.24
C SER A 83 14.93 -11.90 -3.78
N LEU A 84 14.91 -12.29 -5.04
CA LEU A 84 13.73 -12.90 -5.64
C LEU A 84 13.33 -14.16 -4.86
N LEU A 85 14.19 -15.17 -4.95
CA LEU A 85 13.97 -16.49 -4.36
C LEU A 85 13.52 -16.46 -2.90
N PHE A 86 14.37 -15.94 -2.02
CA PHE A 86 14.06 -15.92 -0.59
C PHE A 86 13.12 -14.78 -0.19
N GLY A 87 13.31 -13.61 -0.80
CA GLY A 87 12.58 -12.42 -0.40
C GLY A 87 11.14 -12.32 -0.86
N PHE A 88 10.87 -12.66 -2.12
CA PHE A 88 9.54 -12.45 -2.69
C PHE A 88 8.42 -13.33 -2.08
N PRO A 89 8.65 -14.64 -1.89
CA PRO A 89 7.57 -15.47 -1.35
C PRO A 89 7.24 -15.20 0.12
N MET A 90 8.21 -14.70 0.88
CA MET A 90 8.05 -14.54 2.33
C MET A 90 6.81 -13.72 2.75
N PRO A 91 6.52 -12.60 2.06
CA PRO A 91 5.29 -11.91 2.43
C PRO A 91 4.02 -12.71 2.13
N ILE A 92 4.05 -13.51 1.07
CA ILE A 92 2.91 -14.36 0.74
C ILE A 92 2.72 -15.42 1.82
N LEU A 93 3.83 -15.98 2.27
CA LEU A 93 3.81 -16.98 3.34
C LEU A 93 3.28 -16.38 4.62
N LEU A 94 3.78 -15.20 4.97
CA LEU A 94 3.30 -14.47 6.15
C LEU A 94 1.80 -14.21 6.07
N ALA A 95 1.34 -13.80 4.89
CA ALA A 95 -0.08 -13.51 4.69
C ALA A 95 -0.92 -14.77 4.87
N LEU A 96 -0.46 -15.88 4.29
CA LEU A 96 -1.16 -17.15 4.43
C LEU A 96 -1.23 -17.61 5.88
N MET A 97 -0.13 -17.43 6.61
CA MET A 97 -0.06 -17.84 8.00
C MET A 97 -0.95 -16.99 8.89
N ILE A 98 -0.93 -15.69 8.68
CA ILE A 98 -1.78 -14.77 9.43
C ILE A 98 -3.26 -15.04 9.14
N ASN A 99 -3.55 -15.36 7.87
CA ASN A 99 -4.92 -15.65 7.45
C ASN A 99 -5.53 -16.85 8.16
N GLU A 100 -4.68 -17.78 8.61
CA GLU A 100 -5.14 -19.00 9.24
C GLU A 100 -5.28 -18.85 10.76
N VAL A 101 -5.06 -17.64 11.26
CA VAL A 101 -5.10 -17.39 12.70
C VAL A 101 -6.49 -17.04 13.20
N TYR A 102 -6.84 -17.58 14.36
CA TYR A 102 -8.10 -17.26 15.05
C TYR A 102 -7.74 -16.47 16.30
N SER A 103 -8.73 -16.15 17.13
CA SER A 103 -8.51 -15.32 18.32
C SER A 103 -7.94 -13.97 17.91
N LYS A 104 -8.81 -13.13 17.35
CA LYS A 104 -8.43 -11.90 16.65
C LYS A 104 -7.42 -11.02 17.38
N GLY A 105 -7.45 -11.04 18.71
CA GLY A 105 -6.47 -10.29 19.50
C GLY A 105 -5.05 -10.74 19.25
N TYR A 106 -4.83 -12.05 19.23
CA TYR A 106 -3.51 -12.63 18.97
C TYR A 106 -3.00 -12.25 17.58
N ARG A 107 -3.86 -12.44 16.59
CA ARG A 107 -3.54 -12.07 15.21
C ARG A 107 -3.26 -10.57 15.08
N LYS A 108 -3.95 -9.79 15.91
CA LYS A 108 -3.75 -8.35 15.95
C LYS A 108 -2.34 -8.02 16.45
N ALA A 109 -1.98 -8.57 17.61
CA ALA A 109 -0.65 -8.35 18.17
C ALA A 109 0.44 -8.79 17.20
N VAL A 110 0.26 -9.97 16.61
CA VAL A 110 1.19 -10.48 15.62
C VAL A 110 1.34 -9.50 14.46
N GLN A 111 0.22 -9.03 13.91
CA GLN A 111 0.26 -8.09 12.81
C GLN A 111 0.96 -6.78 13.19
N THR A 112 0.72 -6.30 14.40
CA THR A 112 1.40 -5.10 14.88
C THR A 112 2.91 -5.29 14.88
N ILE A 113 3.34 -6.35 15.57
CA ILE A 113 4.76 -6.65 15.70
C ILE A 113 5.45 -6.83 14.35
N VAL A 114 4.82 -7.58 13.46
CA VAL A 114 5.42 -7.93 12.18
C VAL A 114 5.39 -6.76 11.20
N TYR A 115 4.35 -5.93 11.25
CA TYR A 115 4.26 -4.78 10.37
C TYR A 115 5.15 -3.63 10.86
N LEU A 116 5.49 -3.65 12.14
CA LEU A 116 6.28 -2.58 12.75
C LEU A 116 7.64 -2.27 12.11
N PRO A 117 8.49 -3.29 11.86
CA PRO A 117 9.85 -2.99 11.40
C PRO A 117 9.94 -2.22 10.08
N HIS A 118 8.86 -2.22 9.30
CA HIS A 118 8.82 -1.46 8.05
C HIS A 118 9.01 0.03 8.29
N PHE A 119 8.49 0.51 9.41
CA PHE A 119 8.54 1.94 9.73
C PHE A 119 9.91 2.35 10.27
N ILE A 120 10.73 1.36 10.61
CA ILE A 120 12.09 1.62 11.05
C ILE A 120 12.94 2.05 9.84
N SER A 121 13.69 3.14 10.00
CA SER A 121 14.49 3.68 8.90
C SER A 121 15.59 2.73 8.47
N ILE A 122 16.03 2.86 7.22
CA ILE A 122 17.03 1.97 6.65
C ILE A 122 18.40 2.10 7.32
N VAL A 123 18.78 3.33 7.67
CA VAL A 123 20.06 3.55 8.33
C VAL A 123 19.98 3.08 9.78
N ILE A 124 18.77 3.05 10.32
CA ILE A 124 18.55 2.54 11.67
C ILE A 124 18.58 1.02 11.66
N VAL A 125 18.11 0.44 10.56
CA VAL A 125 18.20 -1.00 10.36
C VAL A 125 19.66 -1.41 10.24
N ALA A 126 20.40 -0.69 9.39
CA ALA A 126 21.83 -0.94 9.20
C ALA A 126 22.58 -0.74 10.52
N GLY A 127 22.12 0.22 11.31
CA GLY A 127 22.71 0.49 12.62
C GLY A 127 22.46 -0.67 13.56
N LEU A 128 21.27 -1.23 13.50
CA LEU A 128 20.91 -2.41 14.29
C LEU A 128 21.79 -3.58 13.89
N VAL A 129 22.06 -3.69 12.59
CA VAL A 129 22.92 -4.76 12.07
C VAL A 129 24.36 -4.62 12.57
N VAL A 130 24.94 -3.44 12.39
CA VAL A 130 26.33 -3.21 12.76
C VAL A 130 26.50 -3.26 14.29
N THR A 131 25.45 -2.93 15.02
CA THR A 131 25.50 -3.00 16.47
C THR A 131 25.40 -4.44 16.95
N PHE A 132 24.47 -5.20 16.38
CA PHE A 132 24.25 -6.58 16.80
C PHE A 132 25.42 -7.49 16.41
N LEU A 133 26.03 -7.19 15.27
CA LEU A 133 27.03 -8.09 14.69
C LEU A 133 28.47 -7.71 15.06
N SER A 134 28.62 -6.68 15.88
CA SER A 134 29.94 -6.24 16.33
C SER A 134 30.58 -7.27 17.25
N PRO A 135 31.85 -7.61 17.00
CA PRO A 135 32.58 -8.64 17.77
C PRO A 135 32.78 -8.27 19.23
N SER A 136 32.45 -9.19 20.12
CA SER A 136 32.61 -9.02 21.57
C SER A 136 31.83 -7.82 22.09
N THR A 137 30.83 -7.40 21.33
CA THR A 137 29.95 -6.30 21.73
C THR A 137 28.50 -6.68 21.51
N GLY A 138 28.14 -6.87 20.24
CA GLY A 138 26.78 -7.19 19.84
C GLY A 138 26.24 -8.44 20.48
N VAL A 139 24.91 -8.51 20.57
CA VAL A 139 24.24 -9.59 21.26
C VAL A 139 24.37 -10.92 20.51
N VAL A 140 24.49 -10.87 19.19
CA VAL A 140 24.55 -12.08 18.37
C VAL A 140 25.77 -12.92 18.73
N ASN A 141 26.95 -12.31 18.71
CA ASN A 141 28.18 -13.00 19.06
C ASN A 141 28.20 -13.46 20.52
N ASN A 142 27.49 -12.73 21.37
CA ASN A 142 27.36 -13.11 22.78
C ASN A 142 26.53 -14.38 22.94
N MET A 143 25.43 -14.45 22.22
CA MET A 143 24.56 -15.62 22.23
C MET A 143 25.28 -16.80 21.59
N LEU A 144 26.14 -16.51 20.62
CA LEU A 144 26.94 -17.54 19.98
C LEU A 144 28.02 -18.05 20.95
N SER A 145 28.49 -17.17 21.82
CA SER A 145 29.50 -17.52 22.81
C SER A 145 28.88 -18.29 23.97
N TRP A 146 27.60 -18.04 24.22
CA TRP A 146 26.88 -18.72 25.29
C TRP A 146 26.70 -20.20 24.98
N ILE A 147 26.52 -20.52 23.71
CA ILE A 147 26.30 -21.90 23.27
C ILE A 147 27.64 -22.55 22.91
N GLY A 148 28.71 -21.75 22.90
CA GLY A 148 30.03 -22.24 22.57
C GLY A 148 30.28 -22.37 21.09
N LEU A 149 29.72 -21.44 20.31
CA LEU A 149 29.92 -21.39 18.87
C LEU A 149 31.07 -20.45 18.52
N ASP A 150 31.76 -19.97 19.55
CA ASP A 150 32.82 -18.97 19.43
C ASP A 150 32.29 -17.65 18.89
N ARG A 151 32.99 -17.06 17.92
CA ARG A 151 32.59 -15.76 17.41
C ARG A 151 32.93 -15.57 15.93
N VAL A 152 32.21 -14.66 15.29
CA VAL A 152 32.40 -14.35 13.88
C VAL A 152 32.29 -12.85 13.64
N TYR A 153 33.21 -12.29 12.85
CA TYR A 153 33.11 -10.90 12.45
C TYR A 153 32.36 -10.87 11.12
N PHE A 154 31.12 -10.39 11.15
CA PHE A 154 30.21 -10.54 10.03
C PHE A 154 30.43 -9.55 8.88
N LEU A 155 30.56 -8.28 9.23
CA LEU A 155 30.58 -7.24 8.20
C LEU A 155 31.90 -7.17 7.45
N THR A 156 32.93 -7.81 7.99
CA THR A 156 34.22 -7.87 7.31
C THR A 156 34.34 -9.14 6.47
N GLN A 157 33.37 -10.04 6.62
CA GLN A 157 33.36 -11.30 5.87
C GLN A 157 32.44 -11.22 4.66
N PRO A 158 32.99 -11.45 3.46
CA PRO A 158 32.23 -11.41 2.21
C PRO A 158 31.22 -12.55 2.11
N GLU A 159 31.48 -13.64 2.82
CA GLU A 159 30.60 -14.80 2.81
C GLU A 159 29.24 -14.48 3.42
N TRP A 160 29.25 -13.67 4.47
CA TRP A 160 28.03 -13.43 5.25
C TRP A 160 27.20 -12.24 4.79
N PHE A 161 27.70 -11.46 3.84
CA PHE A 161 27.04 -10.22 3.44
C PHE A 161 25.60 -10.43 2.98
N ARG A 162 25.42 -11.30 1.98
CA ARG A 162 24.09 -11.54 1.42
C ARG A 162 23.08 -12.13 2.42
N PRO A 163 23.48 -13.15 3.21
CA PRO A 163 22.51 -13.66 4.20
C PRO A 163 22.06 -12.58 5.19
N ILE A 164 23.00 -11.80 5.69
CA ILE A 164 22.68 -10.69 6.59
C ILE A 164 21.72 -9.72 5.91
N TYR A 165 22.03 -9.38 4.66
CA TYR A 165 21.19 -8.48 3.88
C TYR A 165 19.75 -8.98 3.80
N ILE A 166 19.55 -10.15 3.19
CA ILE A 166 18.21 -10.66 2.98
C ILE A 166 17.48 -10.93 4.29
N SER A 167 18.21 -11.25 5.35
CA SER A 167 17.61 -11.47 6.66
C SER A 167 17.07 -10.18 7.25
N SER A 168 17.89 -9.13 7.24
CA SER A 168 17.46 -7.83 7.73
C SER A 168 16.33 -7.30 6.86
N ASN A 169 16.38 -7.63 5.58
CA ASN A 169 15.40 -7.17 4.61
C ASN A 169 14.04 -7.80 4.82
N ILE A 170 14.02 -9.11 5.09
CA ILE A 170 12.74 -9.76 5.37
C ILE A 170 12.25 -9.32 6.73
N TRP A 171 13.16 -9.16 7.69
CA TRP A 171 12.77 -8.67 9.01
C TRP A 171 12.06 -7.33 8.91
N LYS A 172 12.59 -6.46 8.06
CA LYS A 172 12.01 -5.14 7.87
C LYS A 172 10.70 -5.16 7.06
N GLU A 173 10.75 -5.73 5.85
CA GLU A 173 9.65 -5.57 4.90
C GLU A 173 8.63 -6.72 4.75
N ALA A 174 8.85 -7.86 5.41
CA ALA A 174 8.02 -9.04 5.15
C ALA A 174 6.55 -8.79 5.47
N GLY A 175 6.29 -8.21 6.64
CA GLY A 175 4.93 -7.97 7.08
C GLY A 175 4.20 -6.93 6.24
N PHE A 176 4.84 -5.77 6.08
CA PHE A 176 4.25 -4.69 5.31
C PHE A 176 3.97 -5.14 3.88
N ASP A 177 4.83 -5.99 3.34
CA ASP A 177 4.61 -6.53 2.01
C ASP A 177 3.57 -7.66 2.05
N SER A 178 3.35 -8.21 3.25
CA SER A 178 2.35 -9.26 3.42
C SER A 178 0.95 -8.68 3.54
N ILE A 179 0.88 -7.39 3.87
CA ILE A 179 -0.40 -6.70 4.01
C ILE A 179 -1.26 -6.80 2.76
N VAL A 180 -0.67 -6.52 1.60
CA VAL A 180 -1.39 -6.54 0.33
C VAL A 180 -1.97 -7.92 0.03
N TYR A 181 -1.14 -8.95 0.17
CA TYR A 181 -1.58 -10.33 -0.06
C TYR A 181 -2.69 -10.71 0.92
N LEU A 182 -2.54 -10.26 2.16
CA LEU A 182 -3.53 -10.53 3.21
C LEU A 182 -4.87 -9.89 2.86
N ALA A 183 -4.81 -8.70 2.28
CA ALA A 183 -6.02 -8.02 1.82
C ALA A 183 -6.60 -8.73 0.61
N ALA A 184 -5.74 -9.35 -0.18
CA ALA A 184 -6.15 -10.04 -1.39
C ALA A 184 -6.89 -11.34 -1.08
N ILE A 185 -6.42 -12.06 -0.06
CA ILE A 185 -7.05 -13.33 0.31
C ILE A 185 -8.29 -13.11 1.17
N MET A 186 -8.43 -11.90 1.71
CA MET A 186 -9.61 -11.55 2.49
C MET A 186 -10.72 -10.98 1.61
N SER A 187 -10.39 -10.74 0.34
CA SER A 187 -11.35 -10.18 -0.61
C SER A 187 -12.14 -11.27 -1.31
N ILE A 188 -11.82 -12.52 -0.98
CA ILE A 188 -12.52 -13.67 -1.57
C ILE A 188 -13.79 -13.98 -0.79
N ASN A 189 -14.89 -14.17 -1.51
CA ASN A 189 -16.16 -14.47 -0.86
C ASN A 189 -16.13 -15.81 -0.14
N PRO A 190 -16.65 -15.84 1.10
CA PRO A 190 -16.62 -17.01 1.99
C PRO A 190 -17.22 -18.27 1.37
N ALA A 191 -18.13 -18.11 0.41
CA ALA A 191 -18.81 -19.25 -0.19
C ALA A 191 -17.86 -20.26 -0.80
N LEU A 192 -16.77 -19.75 -1.38
CA LEU A 192 -15.76 -20.60 -2.01
C LEU A 192 -15.09 -21.53 -1.01
N TYR A 193 -14.90 -21.04 0.21
CA TYR A 193 -14.31 -21.83 1.28
C TYR A 193 -15.32 -22.74 1.96
N GLU A 194 -16.53 -22.22 2.18
CA GLU A 194 -17.57 -22.96 2.88
C GLU A 194 -18.07 -24.15 2.07
N SER A 195 -18.28 -23.94 0.78
CA SER A 195 -18.72 -25.01 -0.10
C SER A 195 -17.66 -26.11 -0.17
N ALA A 196 -16.40 -25.71 0.02
CA ALA A 196 -15.29 -26.66 0.06
C ALA A 196 -15.29 -27.40 1.40
N GLN A 197 -15.71 -26.70 2.45
CA GLN A 197 -15.81 -27.29 3.78
C GLN A 197 -16.89 -28.37 3.81
N VAL A 198 -18.00 -28.10 3.13
CA VAL A 198 -19.06 -29.10 3.00
C VAL A 198 -18.54 -30.31 2.25
N ASP A 199 -17.62 -30.08 1.31
CA ASP A 199 -17.00 -31.15 0.55
C ASP A 199 -15.86 -31.80 1.33
N GLY A 200 -15.56 -31.23 2.50
CA GLY A 200 -14.54 -31.79 3.38
C GLY A 200 -13.11 -31.48 2.98
N ALA A 201 -12.88 -30.22 2.58
CA ALA A 201 -11.53 -29.79 2.25
C ALA A 201 -10.75 -29.46 3.52
N THR A 202 -9.48 -29.86 3.54
CA THR A 202 -8.61 -29.54 4.66
C THR A 202 -8.04 -28.14 4.49
N ARG A 203 -7.25 -27.69 5.46
CA ARG A 203 -6.66 -26.35 5.41
C ARG A 203 -5.69 -26.22 4.24
N TRP A 204 -4.78 -27.19 4.13
CA TRP A 204 -3.78 -27.17 3.07
C TRP A 204 -4.45 -27.35 1.71
N GLN A 205 -5.47 -28.20 1.65
CA GLN A 205 -6.25 -28.39 0.44
C GLN A 205 -6.87 -27.07 -0.02
N MET A 206 -7.28 -26.25 0.94
CA MET A 206 -7.89 -24.98 0.61
C MET A 206 -6.85 -23.93 0.19
N ILE A 207 -5.76 -23.81 0.94
CA ILE A 207 -4.75 -22.82 0.57
C ILE A 207 -4.13 -23.16 -0.78
N THR A 208 -4.05 -24.44 -1.10
CA THR A 208 -3.53 -24.87 -2.40
C THR A 208 -4.53 -24.77 -3.55
N ARG A 209 -5.73 -25.30 -3.36
CA ARG A 209 -6.67 -25.44 -4.49
C ARG A 209 -7.57 -24.23 -4.77
N ILE A 210 -7.70 -23.30 -3.83
CA ILE A 210 -8.56 -22.14 -4.07
C ILE A 210 -7.84 -20.81 -3.74
N THR A 211 -7.41 -20.64 -2.50
CA THR A 211 -6.73 -19.41 -2.05
C THR A 211 -5.63 -18.95 -3.00
N LEU A 212 -4.59 -19.76 -3.15
CA LEU A 212 -3.46 -19.42 -4.01
C LEU A 212 -3.85 -19.14 -5.47
N PRO A 213 -4.58 -20.06 -6.14
CA PRO A 213 -4.92 -19.74 -7.53
C PRO A 213 -5.84 -18.53 -7.68
N CYS A 214 -6.52 -18.14 -6.60
CA CYS A 214 -7.33 -16.93 -6.61
C CYS A 214 -6.46 -15.68 -6.41
N ILE A 215 -5.38 -15.83 -5.66
CA ILE A 215 -4.52 -14.69 -5.37
C ILE A 215 -3.42 -14.53 -6.42
N VAL A 216 -3.33 -15.50 -7.34
CA VAL A 216 -2.28 -15.52 -8.37
C VAL A 216 -2.07 -14.20 -9.15
N PRO A 217 -3.14 -13.56 -9.67
CA PRO A 217 -2.88 -12.35 -10.45
C PRO A 217 -2.23 -11.23 -9.64
N THR A 218 -2.60 -11.12 -8.37
CA THR A 218 -2.03 -10.12 -7.49
C THR A 218 -0.52 -10.34 -7.32
N ILE A 219 -0.14 -11.58 -7.03
CA ILE A 219 1.26 -11.92 -6.85
C ILE A 219 2.01 -11.80 -8.16
N ALA A 220 1.29 -11.88 -9.28
CA ALA A 220 1.90 -11.74 -10.59
C ALA A 220 2.25 -10.28 -10.87
N VAL A 221 1.29 -9.40 -10.64
CA VAL A 221 1.50 -7.96 -10.78
C VAL A 221 2.63 -7.51 -9.84
N LEU A 222 2.54 -7.92 -8.58
CA LEU A 222 3.58 -7.59 -7.61
C LEU A 222 4.92 -8.19 -8.02
N LEU A 223 4.88 -9.31 -8.73
CA LEU A 223 6.11 -9.95 -9.20
C LEU A 223 6.77 -9.16 -10.31
N VAL A 224 5.99 -8.67 -11.27
CA VAL A 224 6.57 -7.91 -12.37
C VAL A 224 7.01 -6.53 -11.88
N ILE A 225 6.29 -5.98 -10.90
CA ILE A 225 6.70 -4.73 -10.28
C ILE A 225 8.02 -4.95 -9.54
N ARG A 226 8.15 -6.12 -8.91
CA ARG A 226 9.38 -6.49 -8.23
C ARG A 226 10.53 -6.65 -9.22
N LEU A 227 10.23 -7.20 -10.39
CA LEU A 227 11.22 -7.42 -11.43
C LEU A 227 11.63 -6.11 -12.08
N GLY A 228 10.78 -5.09 -11.94
CA GLY A 228 11.11 -3.77 -12.45
C GLY A 228 12.32 -3.18 -11.75
N HIS A 229 12.33 -3.25 -10.43
CA HIS A 229 13.41 -2.69 -9.62
C HIS A 229 14.48 -3.72 -9.25
N ILE A 230 14.36 -4.94 -9.78
CA ILE A 230 15.21 -6.05 -9.36
C ILE A 230 16.70 -5.80 -9.55
N LEU A 231 17.07 -4.88 -10.45
CA LEU A 231 18.47 -4.57 -10.67
C LEU A 231 19.02 -3.57 -9.64
N GLU A 232 18.11 -2.82 -9.03
CA GLU A 232 18.49 -1.79 -8.06
C GLU A 232 18.41 -2.29 -6.62
N VAL A 233 18.15 -3.59 -6.46
CA VAL A 233 17.90 -4.19 -5.16
C VAL A 233 19.00 -3.92 -4.12
N GLY A 234 18.58 -3.45 -2.94
CA GLY A 234 19.47 -3.25 -1.82
C GLY A 234 20.54 -2.18 -1.99
N PHE A 235 20.26 -1.19 -2.84
CA PHE A 235 21.22 -0.12 -3.10
C PHE A 235 21.56 0.68 -1.85
N GLU A 236 20.55 1.10 -1.10
CA GLU A 236 20.74 1.97 0.05
C GLU A 236 21.29 1.22 1.27
N TYR A 237 21.13 -0.10 1.27
CA TYR A 237 21.71 -0.94 2.31
C TYR A 237 23.19 -1.18 2.03
N ILE A 238 23.49 -1.52 0.78
CA ILE A 238 24.85 -1.80 0.34
C ILE A 238 25.71 -0.56 0.43
N ILE A 239 25.17 0.59 0.01
CA ILE A 239 25.88 1.85 0.09
C ILE A 239 26.27 2.19 1.54
N LEU A 240 25.61 1.53 2.47
CA LEU A 240 25.86 1.72 3.90
C LEU A 240 26.88 0.73 4.45
N LEU A 241 26.54 -0.55 4.43
CA LEU A 241 27.28 -1.54 5.20
C LEU A 241 28.41 -2.28 4.48
N TYR A 242 28.73 -1.90 3.25
CA TYR A 242 29.76 -2.64 2.52
C TYR A 242 31.18 -2.23 2.93
N GLN A 243 31.95 -3.21 3.40
CA GLN A 243 33.32 -3.00 3.81
C GLN A 243 34.27 -3.22 2.63
N PRO A 244 35.45 -2.58 2.66
CA PRO A 244 36.47 -2.77 1.61
C PRO A 244 36.81 -4.24 1.37
N THR A 245 36.73 -5.06 2.41
CA THR A 245 36.97 -6.48 2.29
C THR A 245 35.79 -7.18 1.60
N THR A 246 34.59 -6.68 1.85
CA THR A 246 33.38 -7.26 1.30
C THR A 246 32.94 -6.59 0.01
N TYR A 247 33.75 -5.64 -0.47
CA TYR A 247 33.47 -4.91 -1.71
C TYR A 247 33.19 -5.85 -2.89
N GLU A 248 33.85 -7.01 -2.90
CA GLU A 248 33.73 -7.96 -3.99
C GLU A 248 32.29 -8.44 -4.19
N THR A 249 31.70 -9.02 -3.15
CA THR A 249 30.36 -9.59 -3.25
C THR A 249 29.25 -8.54 -3.13
N ALA A 250 29.54 -7.45 -2.42
CA ALA A 250 28.53 -6.45 -2.12
C ALA A 250 28.24 -5.49 -3.27
N ASP A 251 29.26 -5.23 -4.09
CA ASP A 251 29.15 -4.22 -5.15
C ASP A 251 28.10 -4.58 -6.19
N VAL A 252 27.20 -3.62 -6.45
CA VAL A 252 26.12 -3.79 -7.40
C VAL A 252 26.20 -2.63 -8.41
N ILE A 253 25.62 -2.82 -9.60
CA ILE A 253 25.64 -1.82 -10.66
C ILE A 253 25.25 -0.43 -10.15
N SER A 254 24.20 -0.35 -9.35
CA SER A 254 23.76 0.91 -8.77
C SER A 254 24.82 1.50 -7.84
N THR A 255 25.48 0.63 -7.08
CA THR A 255 26.55 1.04 -6.17
C THR A 255 27.76 1.54 -6.96
N TYR A 256 28.05 0.85 -8.06
CA TYR A 256 29.13 1.25 -8.97
C TYR A 256 28.86 2.65 -9.53
N ILE A 257 27.65 2.83 -10.03
CA ILE A 257 27.19 4.11 -10.58
C ILE A 257 27.28 5.23 -9.56
N TYR A 258 26.89 4.92 -8.32
CA TYR A 258 26.99 5.92 -7.25
C TYR A 258 28.43 6.29 -6.94
N ARG A 259 29.25 5.28 -6.67
CA ARG A 259 30.63 5.47 -6.25
C ARG A 259 31.45 6.21 -7.30
N LEU A 260 31.32 5.80 -8.55
CA LEU A 260 32.05 6.48 -9.61
C LEU A 260 31.45 7.83 -9.95
N GLY A 261 30.13 7.86 -10.15
CA GLY A 261 29.45 9.06 -10.57
C GLY A 261 29.38 10.21 -9.57
N LEU A 262 28.80 9.94 -8.41
CA LEU A 262 28.62 10.99 -7.40
C LEU A 262 29.87 11.24 -6.58
N GLN A 263 30.52 10.16 -6.16
CA GLN A 263 31.72 10.26 -5.32
C GLN A 263 32.97 10.49 -6.15
N GLY A 264 33.31 9.51 -6.98
CA GLY A 264 34.48 9.60 -7.83
C GLY A 264 34.39 10.70 -8.88
N ALA A 265 33.21 11.30 -9.00
CA ALA A 265 32.95 12.43 -9.89
C ALA A 265 33.19 12.08 -11.35
N ARG A 266 32.99 10.82 -11.70
CA ARG A 266 33.02 10.43 -13.11
C ARG A 266 31.60 10.21 -13.60
N TYR A 267 31.10 11.17 -14.38
CA TYR A 267 29.70 11.16 -14.80
C TYR A 267 29.46 10.27 -16.00
N ASP A 268 30.42 10.24 -16.92
CA ASP A 268 30.27 9.56 -18.21
C ASP A 268 30.00 8.05 -18.10
N ILE A 269 30.95 7.35 -17.49
CA ILE A 269 30.88 5.90 -17.41
C ILE A 269 29.74 5.45 -16.49
N ALA A 270 29.51 6.22 -15.44
CA ALA A 270 28.43 5.93 -14.49
C ALA A 270 27.08 6.09 -15.15
N THR A 271 26.93 7.15 -15.95
CA THR A 271 25.68 7.38 -16.65
C THR A 271 25.47 6.33 -17.73
N ALA A 272 26.56 5.91 -18.35
CA ALA A 272 26.50 4.83 -19.35
C ALA A 272 25.98 3.56 -18.69
N ALA A 273 26.52 3.24 -17.51
CA ALA A 273 26.06 2.10 -16.74
C ALA A 273 24.60 2.28 -16.33
N GLY A 274 24.19 3.54 -16.14
CA GLY A 274 22.81 3.86 -15.84
C GLY A 274 21.90 3.53 -17.00
N ILE A 275 22.34 3.86 -18.20
CA ILE A 275 21.60 3.53 -19.42
C ILE A 275 21.49 2.02 -19.56
N PHE A 276 22.61 1.32 -19.37
CA PHE A 276 22.62 -0.14 -19.43
C PHE A 276 21.60 -0.74 -18.47
N ASN A 277 21.68 -0.35 -17.19
CA ASN A 277 20.81 -0.87 -16.16
C ASN A 277 19.34 -0.56 -16.41
N ALA A 278 19.06 0.67 -16.86
CA ALA A 278 17.69 1.10 -17.14
C ALA A 278 17.10 0.35 -18.32
N VAL A 279 17.90 0.15 -19.36
CA VAL A 279 17.46 -0.57 -20.54
C VAL A 279 17.19 -2.03 -20.22
N VAL A 280 18.12 -2.67 -19.51
CA VAL A 280 17.93 -4.07 -19.12
C VAL A 280 16.71 -4.21 -18.21
N ALA A 281 16.50 -3.23 -17.34
CA ALA A 281 15.33 -3.24 -16.45
C ALA A 281 14.03 -3.14 -17.24
N LEU A 282 14.02 -2.25 -18.24
CA LEU A 282 12.83 -2.04 -19.06
C LEU A 282 12.54 -3.29 -19.90
N VAL A 283 13.59 -3.93 -20.39
CA VAL A 283 13.45 -5.14 -21.18
C VAL A 283 12.91 -6.28 -20.32
N ILE A 284 13.52 -6.49 -19.15
CA ILE A 284 13.12 -7.60 -18.29
C ILE A 284 11.71 -7.37 -17.73
N VAL A 285 11.33 -6.11 -17.55
CA VAL A 285 9.97 -5.81 -17.07
C VAL A 285 8.98 -5.89 -18.22
N LEU A 286 9.48 -5.77 -19.46
CA LEU A 286 8.64 -5.92 -20.64
C LEU A 286 8.31 -7.40 -20.85
N PHE A 287 9.33 -8.24 -20.77
CA PHE A 287 9.13 -9.69 -20.86
C PHE A 287 8.32 -10.20 -19.68
N ALA A 288 8.57 -9.63 -18.50
CA ALA A 288 7.82 -9.99 -17.30
C ALA A 288 6.35 -9.66 -17.48
N ASN A 289 6.07 -8.43 -17.92
CA ASN A 289 4.69 -8.01 -18.17
C ASN A 289 4.01 -8.85 -19.23
N HIS A 290 4.76 -9.20 -20.27
CA HIS A 290 4.22 -10.03 -21.36
C HIS A 290 3.83 -11.42 -20.87
N MET A 291 4.76 -12.07 -20.16
CA MET A 291 4.52 -13.42 -19.67
C MET A 291 3.48 -13.45 -18.55
N SER A 292 3.32 -12.32 -17.86
CA SER A 292 2.32 -12.21 -16.81
C SER A 292 0.99 -11.75 -17.40
N ARG A 293 1.01 -11.40 -18.68
CA ARG A 293 -0.19 -11.01 -19.40
C ARG A 293 -0.81 -12.22 -20.09
N ARG A 294 -0.05 -12.82 -21.00
CA ARG A 294 -0.52 -13.97 -21.77
C ARG A 294 -0.97 -15.12 -20.88
N ILE A 295 -0.19 -15.42 -19.85
CA ILE A 295 -0.49 -16.52 -18.94
C ILE A 295 -1.58 -16.18 -17.92
N THR A 296 -1.44 -15.03 -17.28
CA THR A 296 -2.29 -14.67 -16.15
C THR A 296 -3.40 -13.69 -16.53
N LYS A 297 -4.22 -13.32 -15.54
CA LYS A 297 -5.28 -12.34 -15.75
C LYS A 297 -4.70 -10.94 -15.84
N THR A 298 -5.03 -10.25 -16.93
CA THR A 298 -4.60 -8.87 -17.23
C THR A 298 -3.12 -8.62 -16.92
N GLY A 299 -2.82 -7.48 -16.29
CA GLY A 299 -1.45 -7.11 -16.00
C GLY A 299 -1.28 -5.61 -15.95
N VAL A 300 -0.05 -5.15 -16.16
CA VAL A 300 0.23 -3.72 -16.21
C VAL A 300 0.96 -3.34 -17.50
N LEU B 2 -12.48 -16.07 6.60
CA LEU B 2 -12.50 -17.52 6.66
C LEU B 2 -13.61 -18.02 7.58
N ALA B 3 -13.81 -19.33 7.59
CA ALA B 3 -14.86 -19.93 8.42
C ALA B 3 -14.31 -20.37 9.77
N THR B 4 -15.19 -20.92 10.61
CA THR B 4 -14.78 -21.42 11.92
C THR B 4 -15.31 -22.81 12.22
N PRO B 5 -14.93 -23.80 11.39
CA PRO B 5 -15.43 -25.17 11.61
C PRO B 5 -14.83 -25.87 12.83
N PHE B 6 -13.60 -25.52 13.19
CA PHE B 6 -12.82 -26.30 14.16
C PHE B 6 -12.69 -27.73 13.64
N TYR B 7 -13.28 -28.68 14.37
CA TYR B 7 -13.38 -30.07 13.90
C TYR B 7 -12.04 -30.72 13.58
N SER B 8 -11.80 -30.97 12.29
CA SER B 8 -10.80 -31.92 11.81
C SER B 8 -9.41 -31.81 12.43
N ARG B 9 -8.78 -32.98 12.58
CA ARG B 9 -7.54 -33.16 13.34
C ARG B 9 -6.33 -32.56 12.65
N SER B 10 -6.03 -33.07 11.46
CA SER B 10 -4.91 -32.57 10.65
C SER B 10 -4.95 -31.04 10.56
N ASP B 11 -6.15 -30.49 10.42
CA ASP B 11 -6.34 -29.05 10.38
C ASP B 11 -6.05 -28.41 11.73
N ARG B 12 -6.37 -29.11 12.81
CA ARG B 12 -6.09 -28.62 14.17
C ARG B 12 -4.58 -28.50 14.40
N ILE B 13 -3.87 -29.59 14.14
CA ILE B 13 -2.42 -29.60 14.28
C ILE B 13 -1.78 -28.57 13.35
N PHE B 14 -2.31 -28.48 12.13
CA PHE B 14 -1.87 -27.49 11.15
C PHE B 14 -1.95 -26.08 11.73
N GLY B 15 -3.13 -25.74 12.26
CA GLY B 15 -3.35 -24.44 12.86
C GLY B 15 -2.45 -24.17 14.04
N ILE B 16 -2.26 -25.19 14.87
CA ILE B 16 -1.42 -25.05 16.07
C ILE B 16 0.04 -24.76 15.70
N VAL B 17 0.62 -25.60 14.85
CA VAL B 17 2.01 -25.41 14.44
C VAL B 17 2.17 -24.12 13.65
N ASN B 18 1.10 -23.72 12.96
CA ASN B 18 1.08 -22.43 12.26
C ASN B 18 1.22 -21.28 13.25
N ALA B 19 0.41 -21.33 14.31
CA ALA B 19 0.44 -20.30 15.34
C ALA B 19 1.78 -20.28 16.06
N VAL B 20 2.39 -21.46 16.22
CA VAL B 20 3.69 -21.57 16.86
C VAL B 20 4.78 -20.92 16.01
N LEU B 21 4.84 -21.31 14.74
CA LEU B 21 5.83 -20.76 13.82
C LEU B 21 5.68 -19.25 13.68
N LEU B 22 4.46 -18.79 13.47
CA LEU B 22 4.18 -17.36 13.34
C LEU B 22 4.53 -16.62 14.62
N GLY B 23 4.33 -17.29 15.76
CA GLY B 23 4.68 -16.72 17.04
C GLY B 23 6.18 -16.55 17.18
N ILE B 24 6.93 -17.57 16.80
CA ILE B 24 8.39 -17.52 16.84
C ILE B 24 8.91 -16.41 15.96
N PHE B 25 8.40 -16.34 14.74
CA PHE B 25 8.79 -15.29 13.79
C PHE B 25 8.48 -13.90 14.36
N ALA B 26 7.31 -13.78 15.00
CA ALA B 26 6.90 -12.53 15.62
C ALA B 26 7.87 -12.12 16.72
N LEU B 27 8.28 -13.08 17.55
CA LEU B 27 9.23 -12.83 18.62
C LEU B 27 10.58 -12.41 18.06
N CYS B 28 10.98 -13.04 16.96
CA CYS B 28 12.23 -12.67 16.29
C CYS B 28 12.15 -11.26 15.73
N ALA B 29 10.94 -10.84 15.37
CA ALA B 29 10.72 -9.49 14.85
C ALA B 29 10.73 -8.44 15.96
N LEU B 30 10.18 -8.80 17.11
CA LEU B 30 10.05 -7.87 18.24
C LEU B 30 11.35 -7.73 19.03
N TYR B 31 12.15 -8.79 19.04
CA TYR B 31 13.36 -8.87 19.86
C TYR B 31 14.34 -7.68 19.74
N PRO B 32 14.70 -7.26 18.52
CA PRO B 32 15.71 -6.19 18.46
C PRO B 32 15.27 -4.88 19.09
N ILE B 33 13.99 -4.55 19.00
CA ILE B 33 13.47 -3.30 19.57
C ILE B 33 13.64 -3.26 21.08
N ILE B 34 13.09 -4.25 21.77
CA ILE B 34 13.21 -4.31 23.22
C ILE B 34 14.68 -4.44 23.63
N TYR B 35 15.45 -5.13 22.80
CA TYR B 35 16.89 -5.21 23.03
C TYR B 35 17.52 -3.83 23.07
N ILE B 36 17.48 -3.10 21.95
CA ILE B 36 18.13 -1.80 21.88
C ILE B 36 17.56 -0.83 22.91
N PHE B 37 16.30 -1.00 23.28
CA PHE B 37 15.74 -0.20 24.36
C PHE B 37 16.48 -0.47 25.68
N SER B 38 16.49 -1.75 26.08
CA SER B 38 17.14 -2.16 27.32
C SER B 38 18.62 -1.76 27.35
N MET B 39 19.30 -2.05 26.25
CA MET B 39 20.72 -1.76 26.11
C MET B 39 21.00 -0.26 26.16
N SER B 40 20.10 0.52 25.57
CA SER B 40 20.22 1.98 25.63
C SER B 40 20.08 2.45 27.06
N ILE B 41 19.17 1.82 27.80
CA ILE B 41 19.01 2.15 29.20
C ILE B 41 20.16 1.58 30.03
N SER B 42 20.71 0.45 29.59
CA SER B 42 21.74 -0.27 30.34
C SER B 42 23.09 0.46 30.43
N SER B 43 23.91 0.05 31.39
CA SER B 43 25.24 0.63 31.59
C SER B 43 26.21 0.18 30.50
N GLY B 44 27.18 1.05 30.20
CA GLY B 44 28.16 0.76 29.17
C GLY B 44 29.03 -0.44 29.50
N ALA B 45 29.32 -0.61 30.79
CA ALA B 45 30.16 -1.72 31.25
C ALA B 45 29.50 -3.06 30.99
N ALA B 46 28.24 -3.19 31.43
CA ALA B 46 27.47 -4.41 31.23
C ALA B 46 27.36 -4.75 29.75
N VAL B 47 26.99 -3.76 28.95
CA VAL B 47 26.89 -3.93 27.51
C VAL B 47 28.21 -4.38 26.92
N THR B 48 29.31 -3.84 27.45
CA THR B 48 30.64 -4.18 26.96
C THR B 48 31.05 -5.61 27.31
N GLN B 49 30.68 -6.08 28.50
CA GLN B 49 31.16 -7.37 28.99
C GLN B 49 30.47 -8.59 28.36
N GLY B 50 29.37 -8.36 27.63
CA GLY B 50 28.61 -9.45 27.07
C GLY B 50 27.36 -9.74 27.88
N ARG B 51 27.04 -8.80 28.77
CA ARG B 51 25.85 -8.84 29.61
C ARG B 51 24.64 -8.36 28.82
N VAL B 52 23.64 -7.84 29.53
CA VAL B 52 22.34 -7.36 28.99
C VAL B 52 21.60 -8.52 28.29
N PHE B 53 21.51 -8.53 26.96
CA PHE B 53 20.50 -9.29 26.21
C PHE B 53 19.12 -8.66 26.41
N LEU B 54 18.14 -9.49 26.74
CA LEU B 54 16.74 -9.04 26.84
C LEU B 54 16.52 -7.85 27.78
N LEU B 55 16.65 -8.08 29.08
CA LEU B 55 16.39 -7.02 30.06
C LEU B 55 17.65 -6.24 30.42
N PRO B 56 17.50 -5.00 30.91
CA PRO B 56 18.66 -4.23 31.37
C PRO B 56 19.31 -4.84 32.62
N VAL B 57 20.41 -4.25 33.09
CA VAL B 57 21.05 -4.79 34.29
C VAL B 57 21.20 -3.75 35.41
N ASP B 58 22.18 -2.87 35.29
CA ASP B 58 22.43 -1.81 36.27
C ASP B 58 21.87 -0.48 35.78
N ILE B 59 21.27 -0.56 34.59
CA ILE B 59 20.87 0.54 33.70
C ILE B 59 21.96 1.61 33.57
N ASP B 60 21.62 2.81 33.10
CA ASP B 60 22.47 3.98 33.24
C ASP B 60 21.67 5.29 33.36
N PHE B 61 21.02 5.61 32.24
CA PHE B 61 20.28 6.84 31.95
C PHE B 61 21.17 8.02 31.48
N SER B 62 22.48 7.80 31.45
CA SER B 62 23.43 8.85 31.06
C SER B 62 23.56 9.06 29.55
N ALA B 63 23.48 7.97 28.78
CA ALA B 63 23.64 8.02 27.33
C ALA B 63 22.60 8.94 26.71
N TYR B 64 21.38 8.89 27.25
CA TYR B 64 20.33 9.79 26.82
C TYR B 64 20.71 11.23 27.14
N GLY B 65 21.47 11.42 28.21
CA GLY B 65 22.02 12.72 28.54
C GLY B 65 23.01 13.16 27.48
N ARG B 66 23.77 12.20 26.96
CA ARG B 66 24.72 12.50 25.88
C ARG B 66 24.01 12.91 24.60
N VAL B 67 22.94 12.20 24.24
CA VAL B 67 22.25 12.51 22.99
C VAL B 67 21.38 13.76 23.13
N LEU B 68 20.97 14.09 24.35
CA LEU B 68 20.15 15.28 24.57
C LEU B 68 20.97 16.56 24.52
N HIS B 69 22.29 16.44 24.65
CA HIS B 69 23.17 17.58 24.60
C HIS B 69 23.71 17.82 23.18
N ASP B 70 23.24 17.00 22.25
CA ASP B 70 23.66 17.12 20.85
C ASP B 70 22.78 18.12 20.11
N LYS B 71 23.39 19.19 19.61
CA LYS B 71 22.65 20.23 18.92
C LYS B 71 22.25 19.79 17.50
N LEU B 72 23.18 19.17 16.80
CA LEU B 72 22.95 18.74 15.43
C LEU B 72 21.89 17.66 15.35
N PHE B 73 21.75 16.90 16.42
CA PHE B 73 20.73 15.85 16.50
C PHE B 73 19.33 16.45 16.48
N TRP B 74 19.08 17.40 17.39
CA TRP B 74 17.79 18.06 17.47
C TRP B 74 17.52 18.92 16.25
N THR B 75 18.58 19.56 15.73
CA THR B 75 18.47 20.35 14.51
C THR B 75 18.00 19.46 13.35
N SER B 76 18.63 18.30 13.23
CA SER B 76 18.28 17.34 12.19
C SER B 76 16.88 16.78 12.39
N TYR B 77 16.47 16.65 13.64
CA TYR B 77 15.13 16.21 13.97
C TYR B 77 14.11 17.24 13.46
N ALA B 78 14.40 18.50 13.71
CA ALA B 78 13.58 19.60 13.20
C ALA B 78 13.54 19.57 11.68
N ASN B 79 14.67 19.25 11.06
CA ASN B 79 14.74 19.13 9.61
C ASN B 79 13.84 18.02 9.07
N THR B 80 13.84 16.88 9.75
CA THR B 80 12.97 15.77 9.35
C THR B 80 11.51 16.13 9.54
N ILE B 81 11.19 16.85 10.61
CA ILE B 81 9.82 17.31 10.84
C ILE B 81 9.37 18.22 9.70
N PHE B 82 10.18 19.23 9.41
CA PHE B 82 9.93 20.18 8.33
C PHE B 82 9.70 19.46 7.00
N TYR B 83 10.66 18.61 6.64
CA TYR B 83 10.62 17.87 5.38
C TYR B 83 9.39 16.96 5.28
N THR B 84 9.02 16.33 6.39
CA THR B 84 7.85 15.46 6.40
C THR B 84 6.57 16.27 6.20
N VAL B 85 6.36 17.28 7.03
CA VAL B 85 5.16 18.11 6.94
C VAL B 85 5.03 18.76 5.56
N PHE B 86 5.94 19.67 5.25
CA PHE B 86 5.83 20.45 4.01
C PHE B 86 6.06 19.60 2.77
N GLY B 87 6.79 18.49 2.92
CA GLY B 87 7.00 17.57 1.82
C GLY B 87 5.71 16.84 1.48
N VAL B 88 5.02 16.36 2.52
CA VAL B 88 3.73 15.69 2.33
C VAL B 88 2.72 16.67 1.74
N VAL B 89 2.68 17.89 2.28
CA VAL B 89 1.77 18.91 1.77
C VAL B 89 2.02 19.20 0.28
N THR B 90 3.27 19.53 -0.05
CA THR B 90 3.65 19.80 -1.43
C THR B 90 3.42 18.60 -2.33
N SER B 91 3.43 17.40 -1.75
CA SER B 91 3.11 16.19 -2.50
C SER B 91 1.62 16.15 -2.84
N LEU B 92 0.78 16.31 -1.82
CA LEU B 92 -0.67 16.26 -2.00
C LEU B 92 -1.15 17.32 -2.98
N ILE B 93 -0.58 18.52 -2.87
CA ILE B 93 -0.96 19.64 -3.73
C ILE B 93 -0.80 19.30 -5.22
N PHE B 94 0.28 18.60 -5.54
CA PHE B 94 0.53 18.19 -6.92
C PHE B 94 -0.28 16.94 -7.31
N ILE B 95 -0.43 16.02 -6.36
CA ILE B 95 -1.05 14.73 -6.66
C ILE B 95 -2.57 14.81 -6.79
N VAL B 96 -3.25 15.19 -5.71
CA VAL B 96 -4.71 15.10 -5.64
C VAL B 96 -5.47 15.74 -6.82
N PRO B 97 -5.23 17.03 -7.13
CA PRO B 97 -5.99 17.59 -8.24
C PRO B 97 -5.59 17.00 -9.59
N GLY B 98 -4.33 16.64 -9.74
CA GLY B 98 -3.84 16.05 -10.98
C GLY B 98 -4.45 14.68 -11.21
N ALA B 99 -4.53 13.89 -10.14
CA ALA B 99 -5.14 12.57 -10.21
C ALA B 99 -6.65 12.71 -10.43
N TYR B 100 -7.23 13.77 -9.88
CA TYR B 100 -8.65 14.04 -10.06
C TYR B 100 -8.95 14.39 -11.51
N ALA B 101 -8.04 15.11 -12.14
CA ALA B 101 -8.19 15.49 -13.54
C ALA B 101 -7.91 14.30 -14.45
N LEU B 102 -7.00 13.43 -14.03
CA LEU B 102 -6.67 12.24 -14.80
C LEU B 102 -7.76 11.19 -14.65
N SER B 103 -8.57 11.32 -13.61
CA SER B 103 -9.62 10.34 -13.32
C SER B 103 -10.81 10.48 -14.26
N LYS B 104 -11.19 11.72 -14.55
CA LYS B 104 -12.35 11.98 -15.39
C LYS B 104 -12.14 11.47 -16.81
N PRO B 105 -13.10 10.68 -17.31
CA PRO B 105 -13.00 9.98 -18.59
C PRO B 105 -12.89 10.92 -19.79
N ARG B 106 -13.30 12.18 -19.64
CA ARG B 106 -13.21 13.10 -20.76
C ARG B 106 -12.02 14.04 -20.61
N ILE B 107 -10.98 13.76 -21.40
CA ILE B 107 -9.78 14.57 -21.51
C ILE B 107 -9.23 14.29 -22.91
N ARG B 108 -8.62 15.28 -23.55
CA ARG B 108 -8.01 15.03 -24.85
C ARG B 108 -6.77 14.15 -24.68
N GLY B 109 -5.88 14.58 -23.79
CA GLY B 109 -4.61 13.90 -23.62
C GLY B 109 -4.59 12.87 -22.52
N ARG B 110 -5.77 12.38 -22.12
CA ARG B 110 -5.91 11.37 -21.08
C ARG B 110 -4.94 10.21 -21.30
N ARG B 111 -4.97 9.69 -22.53
CA ARG B 111 -4.05 8.66 -22.98
C ARG B 111 -2.59 9.07 -22.80
N VAL B 112 -2.19 10.14 -23.51
CA VAL B 112 -0.80 10.55 -23.56
C VAL B 112 -0.29 11.14 -22.24
N PHE B 113 -1.17 11.74 -21.45
CA PHE B 113 -0.76 12.26 -20.14
C PHE B 113 -0.61 11.11 -19.16
N GLY B 114 -1.55 10.17 -19.21
CA GLY B 114 -1.46 8.95 -18.42
C GLY B 114 -0.17 8.23 -18.73
N PHE B 115 0.21 8.22 -20.00
CA PHE B 115 1.49 7.66 -20.41
C PHE B 115 2.66 8.46 -19.85
N ILE B 116 2.58 9.78 -19.93
CA ILE B 116 3.63 10.67 -19.44
C ILE B 116 3.93 10.39 -17.97
N ILE B 117 2.88 10.17 -17.18
CA ILE B 117 3.05 9.86 -15.77
C ILE B 117 3.55 8.43 -15.58
N ALA B 118 2.75 7.46 -16.01
CA ALA B 118 3.02 6.05 -15.77
C ALA B 118 4.38 5.57 -16.29
N PHE B 119 4.89 6.20 -17.36
CA PHE B 119 6.14 5.78 -17.99
C PHE B 119 7.33 5.87 -17.05
N THR B 120 7.28 6.82 -16.12
CA THR B 120 8.39 7.06 -15.20
C THR B 120 8.61 5.89 -14.24
N MET B 121 7.64 4.98 -14.17
CA MET B 121 7.76 3.80 -13.32
C MET B 121 8.81 2.81 -13.81
N TRP B 122 8.67 2.41 -15.07
CA TRP B 122 9.47 1.32 -15.60
C TRP B 122 10.75 1.80 -16.27
N PHE B 123 10.88 3.11 -16.44
CA PHE B 123 12.10 3.69 -16.98
C PHE B 123 12.47 4.96 -16.23
N ASN B 124 13.71 5.02 -15.75
CA ASN B 124 14.23 6.21 -15.11
C ASN B 124 15.51 6.65 -15.79
N ALA B 125 15.75 7.95 -15.84
CA ALA B 125 16.95 8.49 -16.46
C ALA B 125 18.20 7.94 -15.79
N GLY B 126 18.29 8.13 -14.47
CA GLY B 126 19.39 7.59 -13.70
C GLY B 126 19.67 8.43 -12.47
N MET B 127 20.64 8.00 -11.68
CA MET B 127 21.05 8.72 -10.48
C MET B 127 21.79 10.00 -10.84
N ILE B 128 22.83 9.84 -11.65
CA ILE B 128 23.69 10.96 -12.05
C ILE B 128 22.97 12.02 -12.90
N PRO B 129 22.20 11.61 -13.92
CA PRO B 129 21.50 12.67 -14.66
C PRO B 129 20.46 13.40 -13.83
N PHE B 130 19.89 12.72 -12.84
CA PHE B 130 18.94 13.34 -11.94
C PHE B 130 19.65 14.35 -11.04
N PHE B 131 20.82 13.96 -10.52
CA PHE B 131 21.61 14.85 -9.68
C PHE B 131 22.06 16.09 -10.46
N LEU B 132 22.45 15.87 -11.72
CA LEU B 132 22.86 16.96 -12.60
C LEU B 132 21.69 17.89 -12.89
N ASN B 133 20.51 17.30 -13.08
CA ASN B 133 19.31 18.10 -13.32
C ASN B 133 18.92 18.87 -12.07
N MET B 134 19.32 18.35 -10.91
CA MET B 134 19.13 19.05 -9.65
C MET B 134 20.14 20.19 -9.52
N ARG B 135 21.29 20.01 -10.15
CA ARG B 135 22.36 21.01 -10.07
C ARG B 135 22.06 22.26 -10.89
N ASP B 136 21.61 22.08 -12.14
CA ASP B 136 21.36 23.22 -13.02
C ASP B 136 20.02 23.89 -12.73
N LEU B 137 19.22 23.28 -11.85
CA LEU B 137 17.97 23.88 -11.41
C LEU B 137 18.21 24.80 -10.22
N GLY B 138 19.41 24.73 -9.66
CA GLY B 138 19.79 25.55 -8.52
C GLY B 138 19.12 25.10 -7.24
N LEU B 139 18.73 23.83 -7.19
CA LEU B 139 18.03 23.28 -6.03
C LEU B 139 18.99 22.57 -5.07
N LEU B 140 20.28 22.58 -5.40
CA LEU B 140 21.29 21.96 -4.54
C LEU B 140 21.49 22.74 -3.25
N ASP B 141 21.69 22.00 -2.15
CA ASP B 141 21.85 22.59 -0.83
C ASP B 141 20.67 23.48 -0.49
N ASN B 142 19.47 23.05 -0.87
CA ASN B 142 18.26 23.83 -0.65
C ASN B 142 17.12 22.95 -0.13
N ARG B 143 16.42 23.44 0.88
CA ARG B 143 15.31 22.70 1.48
C ARG B 143 14.14 22.59 0.50
N PHE B 144 13.85 23.70 -0.18
CA PHE B 144 12.78 23.71 -1.17
C PHE B 144 13.11 22.74 -2.31
N GLY B 145 14.41 22.61 -2.60
CA GLY B 145 14.86 21.67 -3.61
C GLY B 145 14.65 20.23 -3.15
N ILE B 146 14.65 20.03 -1.84
CA ILE B 146 14.38 18.71 -1.28
C ILE B 146 12.88 18.44 -1.28
N LEU B 147 12.09 19.50 -1.14
CA LEU B 147 10.63 19.38 -1.15
C LEU B 147 10.11 19.13 -2.57
N ILE B 148 10.30 20.12 -3.44
CA ILE B 148 9.81 20.03 -4.81
C ILE B 148 10.59 19.01 -5.63
N GLY B 149 11.74 18.57 -5.10
CA GLY B 149 12.57 17.60 -5.80
C GLY B 149 11.81 16.32 -6.08
N PHE B 150 11.33 15.67 -5.03
CA PHE B 150 10.32 14.64 -5.20
C PHE B 150 9.04 15.04 -4.47
N ALA B 151 8.07 15.56 -5.21
CA ALA B 151 6.72 15.73 -4.68
C ALA B 151 5.78 14.67 -5.22
N CYS B 152 6.27 13.87 -6.16
CA CYS B 152 5.37 13.02 -6.92
C CYS B 152 5.94 11.64 -7.24
N ASN B 153 5.13 10.63 -6.95
CA ASN B 153 5.38 9.28 -7.44
C ASN B 153 4.21 8.88 -8.33
N ALA B 154 4.49 8.24 -9.45
CA ALA B 154 3.44 7.83 -10.37
C ALA B 154 2.48 6.86 -9.70
N PHE B 155 3.00 6.09 -8.75
CA PHE B 155 2.22 5.13 -7.98
C PHE B 155 1.07 5.81 -7.24
N ASN B 156 1.42 6.82 -6.45
CA ASN B 156 0.42 7.56 -5.67
C ASN B 156 -0.62 8.22 -6.57
N ILE B 157 -0.18 8.65 -7.76
CA ILE B 157 -1.06 9.30 -8.71
C ILE B 157 -2.06 8.31 -9.30
N ILE B 158 -1.59 7.16 -9.76
CA ILE B 158 -2.50 6.18 -10.35
C ILE B 158 -3.39 5.55 -9.26
N LEU B 159 -2.92 5.57 -8.02
CA LEU B 159 -3.70 5.04 -6.91
C LEU B 159 -4.85 5.99 -6.58
N MET B 160 -4.51 7.28 -6.44
CA MET B 160 -5.50 8.31 -6.16
C MET B 160 -6.51 8.38 -7.30
N ARG B 161 -6.02 8.24 -8.53
CA ARG B 161 -6.86 8.25 -9.71
C ARG B 161 -7.80 7.04 -9.71
N ASN B 162 -7.25 5.87 -9.40
CA ASN B 162 -8.06 4.65 -9.36
C ASN B 162 -9.13 4.70 -8.28
N TYR B 163 -8.82 5.32 -7.15
CA TYR B 163 -9.81 5.46 -6.09
C TYR B 163 -10.85 6.51 -6.47
N PHE B 164 -10.43 7.51 -7.23
CA PHE B 164 -11.34 8.55 -7.71
C PHE B 164 -12.33 7.97 -8.72
N GLU B 165 -11.85 7.07 -9.56
CA GLU B 165 -12.67 6.45 -10.59
C GLU B 165 -13.64 5.42 -9.99
N SER B 166 -13.32 4.94 -8.79
CA SER B 166 -14.18 3.98 -8.11
C SER B 166 -15.38 4.66 -7.49
N ILE B 167 -15.35 5.99 -7.45
CA ILE B 167 -16.47 6.78 -6.94
C ILE B 167 -17.53 6.93 -8.03
N SER B 168 -18.79 6.76 -7.65
CA SER B 168 -19.91 6.86 -8.59
C SER B 168 -19.94 8.23 -9.27
N ALA B 169 -20.19 8.23 -10.57
CA ALA B 169 -20.19 9.47 -11.34
C ALA B 169 -21.44 10.31 -11.07
N SER B 170 -22.43 9.70 -10.42
CA SER B 170 -23.69 10.36 -10.13
C SER B 170 -23.52 11.59 -9.25
N PHE B 171 -22.48 11.59 -8.43
CA PHE B 171 -22.19 12.72 -7.55
C PHE B 171 -21.71 13.92 -8.37
N GLU B 172 -20.72 13.69 -9.20
CA GLU B 172 -20.19 14.73 -10.09
C GLU B 172 -21.27 15.24 -11.03
N GLU B 173 -22.06 14.33 -11.58
CA GLU B 173 -23.12 14.67 -12.52
C GLU B 173 -24.21 15.50 -11.84
N ALA B 174 -24.59 15.11 -10.63
CA ALA B 174 -25.58 15.86 -9.87
C ALA B 174 -25.05 17.24 -9.54
N ALA B 175 -23.76 17.31 -9.23
CA ALA B 175 -23.10 18.59 -8.96
C ALA B 175 -23.17 19.49 -10.18
N ARG B 176 -22.89 18.93 -11.35
CA ARG B 176 -22.97 19.67 -12.61
C ARG B 176 -24.39 20.14 -12.87
N MET B 177 -25.36 19.29 -12.54
CA MET B 177 -26.77 19.63 -12.68
C MET B 177 -27.15 20.81 -11.78
N ASP B 178 -26.55 20.84 -10.59
CA ASP B 178 -26.82 21.91 -9.64
C ASP B 178 -26.00 23.16 -9.93
N GLY B 179 -25.08 23.04 -10.91
CA GLY B 179 -24.28 24.17 -11.33
C GLY B 179 -22.83 24.13 -10.90
N ALA B 180 -22.50 23.18 -10.03
CA ALA B 180 -21.12 23.04 -9.57
C ALA B 180 -20.20 22.60 -10.70
N ASN B 181 -19.08 23.29 -10.86
CA ASN B 181 -18.17 23.02 -11.96
C ASN B 181 -16.72 22.79 -11.51
N ASP B 182 -16.20 21.61 -11.81
CA ASP B 182 -14.80 21.28 -11.56
C ASP B 182 -14.38 21.45 -10.09
N LEU B 183 -13.51 22.42 -9.83
CA LEU B 183 -12.89 22.57 -8.51
C LEU B 183 -13.85 22.53 -7.33
N GLN B 184 -14.92 23.32 -7.40
CA GLN B 184 -15.90 23.38 -6.32
C GLN B 184 -16.48 22.00 -6.02
N ILE B 185 -16.67 21.19 -7.05
CA ILE B 185 -17.01 19.79 -6.88
C ILE B 185 -15.95 19.08 -6.02
N LEU B 186 -14.72 19.05 -6.53
CA LEU B 186 -13.62 18.30 -5.91
C LEU B 186 -13.49 18.54 -4.41
N TRP B 187 -13.60 19.79 -3.98
CA TRP B 187 -13.46 20.11 -2.57
C TRP B 187 -14.69 19.67 -1.76
N LYS B 188 -15.87 19.88 -2.33
CA LYS B 188 -17.11 19.69 -1.58
C LYS B 188 -17.59 18.23 -1.47
N VAL B 189 -17.26 17.39 -2.45
CA VAL B 189 -17.75 16.01 -2.43
C VAL B 189 -16.63 14.97 -2.60
N TYR B 190 -15.90 15.02 -3.72
CA TYR B 190 -14.91 13.99 -4.03
C TYR B 190 -13.80 13.85 -2.98
N ILE B 191 -13.32 14.96 -2.42
CA ILE B 191 -12.26 14.90 -1.42
C ILE B 191 -12.70 14.24 -0.10
N PRO B 192 -13.84 14.67 0.49
CA PRO B 192 -14.25 13.96 1.71
C PRO B 192 -14.66 12.50 1.45
N LEU B 193 -14.94 12.16 0.19
CA LEU B 193 -15.20 10.78 -0.19
C LEU B 193 -13.89 10.01 -0.37
N ALA B 194 -12.80 10.74 -0.55
CA ALA B 194 -11.50 10.14 -0.84
C ALA B 194 -10.64 9.91 0.40
N LYS B 195 -11.21 10.17 1.57
CA LYS B 195 -10.47 10.10 2.85
C LYS B 195 -9.55 8.88 3.03
N PRO B 196 -10.02 7.66 2.71
CA PRO B 196 -9.09 6.54 2.86
C PRO B 196 -7.85 6.65 1.97
N ALA B 197 -8.05 7.01 0.71
CA ALA B 197 -6.95 7.15 -0.23
C ALA B 197 -6.03 8.29 0.18
N LEU B 198 -6.63 9.37 0.68
CA LEU B 198 -5.88 10.49 1.22
C LEU B 198 -4.98 10.04 2.37
N ALA B 199 -5.54 9.21 3.24
CA ALA B 199 -4.80 8.70 4.38
C ALA B 199 -3.64 7.80 3.94
N THR B 200 -3.91 6.90 2.99
CA THR B 200 -2.88 6.01 2.49
C THR B 200 -1.74 6.80 1.86
N ILE B 201 -2.08 7.73 0.98
CA ILE B 201 -1.08 8.54 0.28
C ILE B 201 -0.27 9.39 1.24
N THR B 202 -0.95 10.09 2.16
CA THR B 202 -0.26 10.96 3.10
C THR B 202 0.63 10.12 4.03
N LEU B 203 0.23 8.87 4.27
CA LEU B 203 1.03 7.97 5.09
C LEU B 203 2.31 7.56 4.35
N LEU B 204 2.14 7.09 3.12
CA LEU B 204 3.28 6.68 2.30
C LEU B 204 4.28 7.82 2.11
N CYS B 205 3.76 9.02 1.86
CA CYS B 205 4.60 10.19 1.70
C CYS B 205 5.27 10.57 3.01
N ALA B 206 4.56 10.42 4.12
CA ALA B 206 5.11 10.70 5.44
C ALA B 206 6.30 9.80 5.74
N ILE B 207 6.11 8.50 5.59
CA ILE B 207 7.19 7.55 5.87
C ILE B 207 8.29 7.67 4.83
N SER B 208 7.96 8.19 3.65
CA SER B 208 8.96 8.41 2.62
C SER B 208 9.87 9.58 3.01
N ARG B 209 9.27 10.63 3.55
CA ARG B 209 10.02 11.82 3.94
C ARG B 209 10.80 11.61 5.24
N TRP B 210 10.22 10.85 6.16
CA TRP B 210 10.82 10.66 7.48
C TRP B 210 12.07 9.78 7.41
N ASN B 211 11.96 8.67 6.69
CA ASN B 211 13.06 7.71 6.61
C ASN B 211 13.97 7.96 5.40
N GLY B 212 13.71 9.03 4.66
CA GLY B 212 14.52 9.40 3.52
C GLY B 212 15.95 9.69 3.90
N TYR B 213 16.90 9.12 3.16
CA TYR B 213 18.31 9.23 3.49
C TYR B 213 19.18 9.69 2.32
N PHE B 214 19.21 8.87 1.26
CA PHE B 214 20.18 9.02 0.17
C PHE B 214 20.23 10.42 -0.45
N TRP B 215 19.17 10.78 -1.17
CA TRP B 215 19.15 12.06 -1.88
C TRP B 215 19.23 13.24 -0.93
N ALA B 216 18.84 13.01 0.32
CA ALA B 216 18.95 14.04 1.35
C ALA B 216 20.42 14.34 1.62
N MET B 217 21.24 13.30 1.72
CA MET B 217 22.66 13.48 2.00
C MET B 217 23.40 13.92 0.74
N VAL B 218 22.88 13.56 -0.42
CA VAL B 218 23.53 13.89 -1.68
C VAL B 218 23.30 15.35 -2.07
N LEU B 219 22.06 15.82 -1.95
CA LEU B 219 21.69 17.16 -2.42
C LEU B 219 21.94 18.26 -1.39
N LEU B 220 22.22 17.89 -0.15
CA LEU B 220 22.42 18.87 0.90
C LEU B 220 23.88 18.98 1.34
N ARG B 221 24.28 20.20 1.68
CA ARG B 221 25.65 20.49 2.07
C ARG B 221 25.70 21.08 3.48
N ALA B 222 25.07 22.25 3.65
CA ALA B 222 25.02 22.93 4.93
C ALA B 222 24.44 22.02 6.02
N GLU B 223 25.18 21.92 7.12
CA GLU B 223 24.84 20.97 8.19
C GLU B 223 23.54 21.29 8.91
N GLU B 224 23.10 22.55 8.84
CA GLU B 224 21.87 22.96 9.49
C GLU B 224 20.63 22.52 8.71
N LYS B 225 20.83 22.16 7.44
CA LYS B 225 19.74 21.69 6.60
C LYS B 225 19.60 20.18 6.62
N ILE B 226 20.57 19.50 7.24
CA ILE B 226 20.63 18.04 7.21
C ILE B 226 19.55 17.40 8.09
N PRO B 227 18.83 16.40 7.54
CA PRO B 227 17.82 15.61 8.23
C PRO B 227 18.40 14.57 9.19
N LEU B 228 17.56 14.05 10.09
CA LEU B 228 18.00 13.12 11.13
C LEU B 228 18.69 11.87 10.59
N GLN B 229 18.23 11.38 9.44
CA GLN B 229 18.75 10.14 8.89
C GLN B 229 20.20 10.26 8.43
N VAL B 230 20.59 11.44 7.96
CA VAL B 230 21.95 11.68 7.51
C VAL B 230 22.90 11.73 8.70
N TYR B 231 22.53 12.52 9.71
CA TYR B 231 23.31 12.58 10.95
C TYR B 231 23.43 11.19 11.55
N LEU B 232 22.34 10.43 11.47
CA LEU B 232 22.35 9.05 11.90
C LEU B 232 23.35 8.23 11.10
N LYS B 233 23.44 8.51 9.80
CA LYS B 233 24.42 7.83 8.97
C LYS B 233 25.82 8.15 9.47
N LYS B 234 26.02 9.36 9.97
CA LYS B 234 27.31 9.69 10.56
C LYS B 234 27.57 8.98 11.88
N THR B 235 26.67 9.12 12.84
CA THR B 235 26.91 8.60 14.18
C THR B 235 26.65 7.10 14.31
N ILE B 236 25.52 6.63 13.79
CA ILE B 236 25.11 5.25 14.03
C ILE B 236 25.87 4.19 13.23
N VAL B 237 25.89 4.32 11.90
CA VAL B 237 26.54 3.29 11.09
C VAL B 237 28.01 3.54 10.72
N ASP B 238 28.48 4.78 10.84
CA ASP B 238 29.89 5.07 10.58
C ASP B 238 30.76 4.82 11.81
N LEU B 239 30.25 5.25 12.97
CA LEU B 239 30.87 4.99 14.27
C LEU B 239 32.22 5.68 14.50
N ASN B 240 32.73 6.40 13.51
CA ASN B 240 33.96 7.17 13.70
C ASN B 240 33.66 8.46 14.45
N VAL B 241 34.50 8.79 15.42
CA VAL B 241 34.25 9.95 16.28
C VAL B 241 35.51 10.73 16.66
N ASN B 242 35.30 11.93 17.17
CA ASN B 242 36.36 12.82 17.61
C ASN B 242 37.06 12.32 18.88
N GLU B 243 38.26 12.84 19.14
CA GLU B 243 38.96 12.56 20.38
C GLU B 243 38.17 13.09 21.57
N GLU B 244 37.31 14.07 21.30
CA GLU B 244 36.45 14.65 22.31
C GLU B 244 35.45 13.62 22.85
N PHE B 245 34.80 12.91 21.93
CA PHE B 245 33.83 11.89 22.30
C PHE B 245 34.52 10.65 22.86
N ALA B 246 35.71 10.37 22.34
CA ALA B 246 36.51 9.25 22.82
C ALA B 246 37.00 9.53 24.23
N GLY B 247 37.30 10.80 24.51
CA GLY B 247 37.69 11.22 25.84
C GLY B 247 36.48 11.37 26.75
N ALA B 248 35.30 11.36 26.13
CA ALA B 248 34.05 11.47 26.87
C ALA B 248 33.51 10.09 27.21
N LEU B 249 34.25 9.05 26.83
CA LEU B 249 33.85 7.68 27.13
C LEU B 249 34.19 7.30 28.57
N LEU B 250 35.38 7.67 29.01
CA LEU B 250 35.86 7.29 30.35
C LEU B 250 35.44 8.25 31.45
N THR B 251 34.99 9.44 31.09
CA THR B 251 34.57 10.45 32.07
C THR B 251 33.06 10.39 32.31
N ASN B 252 32.43 9.43 31.67
CA ASN B 252 30.97 9.31 31.64
C ASN B 252 30.47 7.99 32.21
N SER B 253 31.00 6.90 31.66
CA SER B 253 30.69 5.49 31.99
C SER B 253 29.56 4.93 31.13
N TYR B 254 28.98 5.73 30.25
CA TYR B 254 28.21 5.14 29.16
C TYR B 254 29.19 4.71 28.07
N SER B 255 28.88 3.62 27.39
CA SER B 255 29.70 3.19 26.27
C SER B 255 29.26 3.93 25.02
N MET B 256 29.90 3.64 23.89
CA MET B 256 29.46 4.22 22.63
C MET B 256 28.22 3.50 22.14
N GLU B 257 28.13 2.21 22.48
CA GLU B 257 27.02 1.38 22.04
C GLU B 257 25.71 1.82 22.72
N THR B 258 25.81 2.22 23.98
CA THR B 258 24.65 2.73 24.71
C THR B 258 24.22 4.07 24.13
N VAL B 259 25.19 4.87 23.69
CA VAL B 259 24.90 6.14 23.04
C VAL B 259 24.15 5.89 21.74
N VAL B 260 24.68 4.98 20.92
CA VAL B 260 24.02 4.56 19.69
C VAL B 260 22.57 4.15 19.96
N GLY B 261 22.41 3.12 20.79
CA GLY B 261 21.10 2.61 21.14
C GLY B 261 20.14 3.70 21.61
N ALA B 262 20.65 4.63 22.42
CA ALA B 262 19.85 5.75 22.88
C ALA B 262 19.41 6.64 21.71
N ILE B 263 20.33 6.86 20.78
CA ILE B 263 20.03 7.67 19.59
C ILE B 263 18.93 7.03 18.76
N ILE B 264 19.07 5.74 18.48
CA ILE B 264 18.07 5.07 17.65
C ILE B 264 16.74 4.96 18.40
N VAL B 265 16.80 4.91 19.73
CA VAL B 265 15.58 4.92 20.53
C VAL B 265 14.86 6.25 20.34
N MET B 266 15.57 7.35 20.57
CA MET B 266 15.00 8.68 20.42
C MET B 266 14.53 8.92 18.99
N SER B 267 15.13 8.20 18.05
CA SER B 267 14.77 8.31 16.64
C SER B 267 13.49 7.55 16.30
N ILE B 268 13.32 6.37 16.88
CA ILE B 268 12.15 5.54 16.57
C ILE B 268 10.96 5.78 17.51
N ILE B 269 11.17 6.57 18.56
CA ILE B 269 10.09 6.83 19.52
C ILE B 269 8.83 7.43 18.89
N PRO B 270 8.97 8.48 18.04
CA PRO B 270 7.73 9.02 17.44
C PRO B 270 7.02 8.00 16.57
N VAL B 271 7.77 7.13 15.91
CA VAL B 271 7.20 6.06 15.10
C VAL B 271 6.36 5.13 15.96
N ILE B 272 6.94 4.69 17.08
CA ILE B 272 6.24 3.81 18.02
C ILE B 272 5.01 4.50 18.60
N ILE B 273 5.08 5.83 18.73
CA ILE B 273 3.95 6.61 19.23
C ILE B 273 2.79 6.67 18.24
N VAL B 274 3.08 7.03 17.00
CA VAL B 274 2.04 7.26 16.01
C VAL B 274 1.53 5.98 15.33
N TYR B 275 2.30 4.89 15.47
CA TYR B 275 1.94 3.63 14.81
C TYR B 275 0.58 3.05 15.24
N PRO B 276 0.31 2.97 16.57
CA PRO B 276 -0.97 2.37 16.97
C PRO B 276 -2.18 3.16 16.47
N VAL B 277 -2.07 4.48 16.40
CA VAL B 277 -3.15 5.32 15.90
C VAL B 277 -3.43 5.02 14.43
N VAL B 278 -2.37 5.01 13.63
CA VAL B 278 -2.46 4.73 12.21
C VAL B 278 -3.08 3.36 11.95
N GLN B 279 -2.53 2.33 12.60
CA GLN B 279 -3.02 0.97 12.41
C GLN B 279 -4.46 0.82 12.88
N LYS B 280 -4.79 1.49 13.98
CA LYS B 280 -6.15 1.47 14.51
C LYS B 280 -7.12 2.07 13.49
N TYR B 281 -6.68 3.14 12.85
CA TYR B 281 -7.48 3.79 11.81
C TYR B 281 -7.67 2.90 10.60
N PHE B 282 -6.60 2.25 10.16
CA PHE B 282 -6.64 1.49 8.90
C PHE B 282 -7.32 0.12 9.03
N THR B 283 -7.11 -0.56 10.14
CA THR B 283 -7.72 -1.89 10.32
C THR B 283 -9.25 -1.78 10.32
N LYS B 284 -9.78 -1.04 11.30
CA LYS B 284 -11.21 -0.74 11.46
C LYS B 284 -12.11 -1.93 11.10
N GLY B 285 -11.96 -3.02 11.83
CA GLY B 285 -12.63 -4.25 11.45
C GLY B 285 -11.82 -5.44 11.90
N VAL B 286 -11.98 -6.56 11.20
CA VAL B 286 -11.15 -7.72 11.46
C VAL B 286 -9.92 -7.68 10.56
N MET B 287 -8.76 -7.44 11.18
CA MET B 287 -7.46 -7.38 10.52
C MET B 287 -7.42 -6.47 9.29
N LEU B 288 -7.11 -7.06 8.13
CA LEU B 288 -7.01 -6.40 6.82
C LEU B 288 -5.73 -5.56 6.68
N GLY B 289 -5.02 -5.34 7.77
CA GLY B 289 -3.73 -4.68 7.71
C GLY B 289 -3.67 -3.25 8.21
N GLY B 290 -2.45 -2.75 8.41
CA GLY B 290 -2.22 -1.42 8.93
C GLY B 290 -1.82 -0.40 7.88
N VAL B 291 -2.19 -0.66 6.63
CA VAL B 291 -1.84 0.18 5.49
C VAL B 291 -2.01 1.68 5.75
N MET C 1 -30.79 -42.10 -0.84
CA MET C 1 -30.42 -40.89 -0.12
C MET C 1 -31.65 -40.11 0.32
N VAL C 2 -32.67 -40.82 0.77
CA VAL C 2 -33.91 -40.21 1.24
C VAL C 2 -33.98 -40.32 2.77
N ALA C 3 -33.88 -39.19 3.46
CA ALA C 3 -33.82 -39.21 4.92
C ALA C 3 -34.54 -38.02 5.56
N SER C 4 -35.18 -38.28 6.70
CA SER C 4 -35.85 -37.25 7.48
C SER C 4 -34.85 -36.45 8.32
N VAL C 5 -35.21 -35.23 8.66
CA VAL C 5 -34.34 -34.42 9.53
C VAL C 5 -35.15 -33.71 10.62
N SER C 6 -34.76 -33.95 11.87
CA SER C 6 -35.47 -33.39 13.02
C SER C 6 -34.66 -32.31 13.73
N ILE C 7 -35.28 -31.14 13.86
CA ILE C 7 -34.70 -30.01 14.58
C ILE C 7 -35.46 -29.74 15.87
N GLN C 8 -34.78 -29.91 17.00
CA GLN C 8 -35.42 -29.77 18.31
C GLN C 8 -34.78 -28.67 19.16
N ASN C 9 -35.56 -27.62 19.41
CA ASN C 9 -35.19 -26.51 20.29
C ASN C 9 -33.83 -25.89 19.99
N VAL C 10 -33.49 -25.78 18.71
CA VAL C 10 -32.21 -25.23 18.32
C VAL C 10 -32.14 -23.73 18.59
N VAL C 11 -31.01 -23.30 19.14
CA VAL C 11 -30.78 -21.89 19.43
C VAL C 11 -29.31 -21.56 19.16
N LYS C 12 -29.08 -20.43 18.50
CA LYS C 12 -27.71 -20.00 18.20
C LYS C 12 -27.45 -18.64 18.83
N ARG C 13 -26.36 -18.54 19.57
CA ARG C 13 -26.02 -17.32 20.29
C ARG C 13 -24.69 -16.75 19.83
N TYR C 14 -24.69 -15.48 19.45
CA TYR C 14 -23.46 -14.79 19.10
C TYR C 14 -23.19 -13.60 20.02
N ASP C 15 -22.18 -13.71 20.87
CA ASP C 15 -21.82 -12.64 21.80
C ASP C 15 -23.01 -12.18 22.65
N LYS C 16 -23.67 -13.11 23.34
CA LYS C 16 -24.82 -12.83 24.18
C LYS C 16 -25.95 -12.14 23.43
N THR C 17 -26.47 -12.83 22.42
CA THR C 17 -27.55 -12.31 21.57
C THR C 17 -28.71 -13.28 21.51
N THR C 18 -28.41 -14.51 21.05
CA THR C 18 -29.41 -15.52 20.70
C THR C 18 -30.25 -15.03 19.53
N VAL C 19 -29.68 -15.12 18.33
CA VAL C 19 -30.34 -14.72 17.10
C VAL C 19 -31.62 -15.52 16.90
N VAL C 20 -31.49 -16.84 16.92
CA VAL C 20 -32.65 -17.72 16.80
C VAL C 20 -32.97 -18.28 18.19
N HIS C 21 -34.26 -18.37 18.51
CA HIS C 21 -34.69 -18.82 19.82
C HIS C 21 -35.56 -20.07 19.74
N GLY C 22 -35.02 -21.20 20.22
CA GLY C 22 -35.77 -22.44 20.35
C GLY C 22 -36.57 -22.87 19.14
N VAL C 23 -35.94 -22.84 17.97
CA VAL C 23 -36.60 -23.23 16.73
C VAL C 23 -36.74 -24.74 16.64
N SER C 24 -37.97 -25.22 16.47
CA SER C 24 -38.23 -26.65 16.38
C SER C 24 -39.06 -27.01 15.14
N LEU C 25 -38.46 -27.78 14.25
CA LEU C 25 -39.14 -28.23 13.04
C LEU C 25 -38.78 -29.67 12.69
N ASP C 26 -39.79 -30.50 12.44
CA ASP C 26 -39.55 -31.87 12.00
C ASP C 26 -39.86 -32.02 10.51
N ILE C 27 -38.90 -32.57 9.77
CA ILE C 27 -39.03 -32.67 8.33
C ILE C 27 -39.02 -34.11 7.83
N GLU C 28 -40.13 -34.51 7.21
CA GLU C 28 -40.30 -35.85 6.64
C GLU C 28 -39.37 -36.05 5.45
N PRO C 29 -39.04 -37.31 5.13
CA PRO C 29 -38.16 -37.63 4.00
C PRO C 29 -38.75 -37.24 2.63
N GLY C 30 -37.93 -36.59 1.80
CA GLY C 30 -38.34 -36.22 0.46
C GLY C 30 -39.33 -35.06 0.42
N GLU C 31 -39.42 -34.33 1.53
CA GLU C 31 -40.37 -33.23 1.65
C GLU C 31 -39.72 -31.89 1.33
N PHE C 32 -40.44 -31.02 0.63
CA PHE C 32 -39.94 -29.68 0.34
C PHE C 32 -40.47 -28.70 1.38
N VAL C 33 -39.56 -28.19 2.21
CA VAL C 33 -39.93 -27.27 3.26
C VAL C 33 -39.15 -25.95 3.14
N VAL C 34 -39.87 -24.83 3.16
CA VAL C 34 -39.22 -23.54 2.97
C VAL C 34 -39.27 -22.66 4.20
N LEU C 35 -38.09 -22.21 4.66
CA LEU C 35 -38.01 -21.19 5.69
C LEU C 35 -38.11 -19.82 5.03
N VAL C 36 -39.14 -19.06 5.38
CA VAL C 36 -39.35 -17.76 4.75
C VAL C 36 -39.65 -16.69 5.79
N GLY C 37 -39.24 -15.45 5.50
CA GLY C 37 -39.51 -14.33 6.38
C GLY C 37 -38.67 -13.12 6.00
N PRO C 38 -38.82 -12.01 6.74
CA PRO C 38 -38.05 -10.80 6.49
C PRO C 38 -36.57 -10.97 6.84
N SER C 39 -35.73 -10.04 6.39
CA SER C 39 -34.30 -10.10 6.64
C SER C 39 -34.00 -9.97 8.14
N GLY C 40 -32.87 -10.53 8.56
CA GLY C 40 -32.41 -10.38 9.94
C GLY C 40 -32.65 -11.54 10.88
N CYS C 41 -33.61 -12.39 10.56
CA CYS C 41 -33.93 -13.54 11.41
C CYS C 41 -32.90 -14.66 11.22
N GLY C 42 -33.14 -15.79 11.88
CA GLY C 42 -32.21 -16.89 11.88
C GLY C 42 -32.51 -17.97 10.85
N LYS C 43 -33.24 -17.59 9.80
CA LYS C 43 -33.60 -18.53 8.74
C LYS C 43 -32.37 -19.11 8.07
N SER C 44 -31.41 -18.24 7.75
CA SER C 44 -30.15 -18.65 7.15
C SER C 44 -29.25 -19.28 8.20
N THR C 45 -29.31 -18.77 9.42
CA THR C 45 -28.51 -19.28 10.51
C THR C 45 -28.91 -20.71 10.87
N THR C 46 -30.19 -21.01 10.77
CA THR C 46 -30.69 -22.36 11.04
C THR C 46 -30.16 -23.33 10.00
N LEU C 47 -30.33 -22.97 8.73
CA LEU C 47 -29.85 -23.78 7.61
C LEU C 47 -28.35 -24.02 7.72
N ARG C 48 -27.63 -22.98 8.11
CA ARG C 48 -26.18 -23.07 8.29
C ARG C 48 -25.82 -23.97 9.46
N MET C 49 -26.67 -23.96 10.49
CA MET C 49 -26.47 -24.82 11.65
C MET C 49 -26.66 -26.28 11.26
N VAL C 50 -27.63 -26.53 10.38
CA VAL C 50 -27.83 -27.87 9.84
C VAL C 50 -26.62 -28.27 9.00
N ALA C 51 -26.11 -27.32 8.22
CA ALA C 51 -24.95 -27.55 7.37
C ALA C 51 -23.69 -27.81 8.18
N GLY C 52 -23.58 -27.15 9.33
CA GLY C 52 -22.42 -27.31 10.18
C GLY C 52 -21.45 -26.14 10.05
N LEU C 53 -21.84 -25.14 9.27
CA LEU C 53 -21.01 -23.96 9.07
C LEU C 53 -21.05 -23.05 10.28
N GLU C 54 -22.11 -23.18 11.08
CA GLU C 54 -22.22 -22.44 12.33
C GLU C 54 -22.52 -23.39 13.49
N GLU C 55 -22.03 -23.04 14.67
CA GLU C 55 -22.16 -23.91 15.83
C GLU C 55 -23.54 -23.81 16.47
N ILE C 56 -24.01 -24.92 17.03
CA ILE C 56 -25.28 -24.95 17.73
C ILE C 56 -25.07 -24.65 19.21
N SER C 57 -25.65 -23.54 19.67
CA SER C 57 -25.44 -23.09 21.04
C SER C 57 -26.33 -23.85 22.03
N GLY C 58 -27.40 -24.46 21.51
CA GLY C 58 -28.32 -25.22 22.33
C GLY C 58 -29.35 -25.92 21.47
N GLY C 59 -29.95 -26.97 22.01
CA GLY C 59 -30.89 -27.78 21.25
C GLY C 59 -30.14 -28.75 20.37
N THR C 60 -30.86 -29.71 19.78
CA THR C 60 -30.20 -30.73 18.97
C THR C 60 -30.84 -30.84 17.59
N ILE C 61 -30.01 -31.14 16.58
CA ILE C 61 -30.50 -31.37 15.23
C ILE C 61 -29.94 -32.70 14.75
N ARG C 62 -30.76 -33.47 14.05
CA ARG C 62 -30.35 -34.81 13.64
C ARG C 62 -30.93 -35.21 12.29
N ILE C 63 -30.20 -36.07 11.59
CA ILE C 63 -30.68 -36.66 10.35
C ILE C 63 -30.84 -38.16 10.56
N ASP C 64 -32.04 -38.66 10.29
CA ASP C 64 -32.43 -40.04 10.64
C ASP C 64 -32.22 -40.26 12.13
N GLY C 65 -31.36 -41.21 12.49
CA GLY C 65 -31.10 -41.51 13.88
C GLY C 65 -29.82 -40.89 14.41
N ARG C 66 -28.99 -40.40 13.49
CA ARG C 66 -27.70 -39.81 13.85
C ARG C 66 -27.80 -38.33 14.20
N VAL C 67 -27.25 -37.96 15.36
CA VAL C 67 -27.17 -36.56 15.76
C VAL C 67 -25.91 -35.92 15.19
N ILE C 68 -26.10 -34.88 14.38
CA ILE C 68 -25.01 -34.27 13.62
C ILE C 68 -24.39 -33.05 14.30
N ASN C 69 -24.84 -32.75 15.52
CA ASN C 69 -24.38 -31.58 16.27
C ASN C 69 -22.85 -31.50 16.43
N ASP C 70 -22.24 -32.60 16.85
CA ASP C 70 -20.79 -32.64 17.01
C ASP C 70 -20.09 -33.18 15.77
N LEU C 71 -20.87 -33.46 14.73
CA LEU C 71 -20.34 -34.00 13.49
C LEU C 71 -19.71 -32.91 12.64
N ALA C 72 -19.11 -33.31 11.52
CA ALA C 72 -18.53 -32.36 10.57
C ALA C 72 -19.39 -32.27 9.31
N PRO C 73 -19.41 -31.09 8.67
CA PRO C 73 -20.23 -30.85 7.47
C PRO C 73 -20.00 -31.88 6.36
N LYS C 74 -18.78 -32.39 6.26
CA LYS C 74 -18.47 -33.42 5.27
C LYS C 74 -19.20 -34.72 5.57
N ASP C 75 -19.38 -35.01 6.86
CA ASP C 75 -19.97 -36.27 7.28
C ASP C 75 -21.46 -36.15 7.57
N ARG C 76 -22.00 -34.94 7.44
CA ARG C 76 -23.40 -34.68 7.73
C ARG C 76 -24.33 -35.17 6.62
N ASP C 77 -23.74 -35.63 5.52
CA ASP C 77 -24.51 -36.12 4.37
C ASP C 77 -25.44 -35.05 3.82
N VAL C 78 -24.97 -33.81 3.79
CA VAL C 78 -25.75 -32.70 3.24
C VAL C 78 -24.96 -31.95 2.18
N ALA C 79 -25.66 -31.29 1.27
CA ALA C 79 -25.00 -30.45 0.27
C ALA C 79 -25.69 -29.10 0.20
N MET C 80 -24.90 -28.02 0.08
CA MET C 80 -25.47 -26.69 0.13
C MET C 80 -25.22 -25.85 -1.13
N VAL C 81 -26.25 -25.14 -1.55
CA VAL C 81 -26.16 -24.14 -2.59
C VAL C 81 -26.27 -22.76 -1.93
N PHE C 82 -25.23 -21.95 -2.06
CA PHE C 82 -25.22 -20.64 -1.44
C PHE C 82 -25.86 -19.65 -2.39
N GLN C 83 -26.03 -18.40 -1.95
CA GLN C 83 -26.67 -17.44 -2.83
C GLN C 83 -25.70 -16.80 -3.82
N ASN C 84 -24.44 -16.64 -3.43
CA ASN C 84 -23.49 -16.01 -4.34
C ASN C 84 -22.43 -16.92 -4.95
N TYR C 85 -22.66 -17.36 -6.19
CA TYR C 85 -21.59 -17.84 -7.08
C TYR C 85 -20.50 -18.67 -6.41
N ALA C 86 -20.82 -19.90 -6.04
CA ALA C 86 -19.88 -20.77 -5.33
C ALA C 86 -18.87 -21.48 -6.22
N LEU C 87 -18.79 -21.09 -7.48
CA LEU C 87 -17.88 -21.73 -8.42
C LEU C 87 -16.57 -20.96 -8.53
N TYR C 88 -15.47 -21.69 -8.69
CA TYR C 88 -14.13 -21.11 -8.71
C TYR C 88 -13.75 -20.60 -10.09
N PRO C 89 -13.25 -19.35 -10.16
CA PRO C 89 -13.01 -18.65 -11.43
C PRO C 89 -11.92 -19.27 -12.30
N HIS C 90 -10.88 -19.84 -11.72
CA HIS C 90 -9.78 -20.36 -12.52
C HIS C 90 -10.15 -21.72 -13.12
N LEU C 91 -10.88 -22.53 -12.36
CA LEU C 91 -11.31 -23.84 -12.83
C LEU C 91 -12.51 -23.75 -13.77
N ASN C 92 -12.61 -24.70 -14.69
CA ASN C 92 -13.74 -24.80 -15.60
C ASN C 92 -14.96 -25.38 -14.90
N VAL C 93 -16.08 -25.41 -15.62
CA VAL C 93 -17.33 -25.95 -15.10
C VAL C 93 -17.20 -27.42 -14.69
N ARG C 94 -16.65 -28.23 -15.59
CA ARG C 94 -16.40 -29.64 -15.29
C ARG C 94 -15.50 -29.79 -14.06
N ASP C 95 -14.49 -28.94 -13.97
CA ASP C 95 -13.59 -28.95 -12.83
C ASP C 95 -14.29 -28.45 -11.57
N ASN C 96 -15.21 -27.52 -11.74
CA ASN C 96 -16.00 -27.03 -10.62
C ASN C 96 -16.86 -28.12 -10.01
N ILE C 97 -17.66 -28.78 -10.84
CA ILE C 97 -18.56 -29.84 -10.36
C ILE C 97 -17.79 -30.99 -9.69
N SER C 98 -16.63 -31.32 -10.24
CA SER C 98 -15.86 -32.45 -9.75
C SER C 98 -14.90 -32.08 -8.62
N PHE C 99 -14.93 -30.82 -8.20
CA PHE C 99 -14.04 -30.30 -7.15
C PHE C 99 -14.07 -31.15 -5.88
N GLY C 100 -15.24 -31.18 -5.23
CA GLY C 100 -15.41 -31.91 -3.99
C GLY C 100 -15.02 -33.37 -4.08
N LEU C 101 -15.30 -33.99 -5.22
CA LEU C 101 -14.94 -35.38 -5.43
C LEU C 101 -13.44 -35.51 -5.71
N ARG C 102 -12.88 -34.47 -6.33
CA ARG C 102 -11.45 -34.43 -6.62
C ARG C 102 -10.64 -34.19 -5.35
N LEU C 103 -11.32 -33.77 -4.30
CA LEU C 103 -10.65 -33.56 -3.02
C LEU C 103 -10.12 -34.86 -2.46
N LYS C 104 -10.88 -35.94 -2.65
CA LYS C 104 -10.42 -37.26 -2.22
C LYS C 104 -9.84 -38.06 -3.39
N ARG C 105 -9.87 -37.47 -4.59
CA ARG C 105 -9.34 -38.13 -5.79
C ARG C 105 -9.98 -39.51 -6.03
N THR C 106 -9.15 -40.54 -6.02
CA THR C 106 -9.52 -41.93 -6.34
C THR C 106 -9.92 -42.17 -7.80
N LYS C 107 -11.03 -42.87 -8.03
CA LYS C 107 -11.37 -43.30 -9.38
C LYS C 107 -11.96 -42.22 -10.29
N LYS C 108 -11.23 -41.93 -11.36
CA LYS C 108 -11.63 -40.91 -12.33
C LYS C 108 -12.92 -41.26 -13.04
N SER C 109 -13.22 -42.54 -13.15
CA SER C 109 -14.48 -43.00 -13.75
C SER C 109 -15.71 -42.54 -12.98
N VAL C 110 -15.59 -42.51 -11.66
CA VAL C 110 -16.68 -42.06 -10.81
C VAL C 110 -16.94 -40.56 -10.94
N ILE C 111 -15.88 -39.76 -10.86
CA ILE C 111 -16.02 -38.32 -11.05
C ILE C 111 -16.41 -37.96 -12.48
N ASP C 112 -16.15 -38.87 -13.41
CA ASP C 112 -16.53 -38.65 -14.81
C ASP C 112 -18.03 -38.88 -14.97
N ALA C 113 -18.48 -40.10 -14.66
CA ALA C 113 -19.89 -40.46 -14.79
C ALA C 113 -20.80 -39.58 -13.95
N ALA C 114 -20.33 -39.19 -12.76
CA ALA C 114 -21.11 -38.35 -11.86
C ALA C 114 -21.40 -37.01 -12.54
N VAL C 115 -20.36 -36.37 -13.04
CA VAL C 115 -20.50 -35.08 -13.71
C VAL C 115 -21.29 -35.23 -15.00
N LYS C 116 -21.21 -36.41 -15.63
CA LYS C 116 -22.01 -36.66 -16.83
C LYS C 116 -23.50 -36.62 -16.47
N THR C 117 -23.88 -37.36 -15.44
CA THR C 117 -25.27 -37.42 -15.00
C THR C 117 -25.76 -36.04 -14.55
N ALA C 118 -24.95 -35.34 -13.77
CA ALA C 118 -25.30 -34.00 -13.29
C ALA C 118 -25.51 -33.01 -14.44
N ALA C 119 -24.55 -32.97 -15.35
CA ALA C 119 -24.60 -32.08 -16.52
C ALA C 119 -25.75 -32.46 -17.45
N ASP C 120 -26.14 -33.73 -17.42
CA ASP C 120 -27.28 -34.18 -18.19
C ASP C 120 -28.57 -33.68 -17.56
N ILE C 121 -28.60 -33.66 -16.23
CA ILE C 121 -29.76 -33.14 -15.51
C ILE C 121 -29.95 -31.64 -15.73
N LEU C 122 -28.89 -30.88 -15.49
CA LEU C 122 -28.98 -29.42 -15.60
C LEU C 122 -28.67 -28.83 -16.98
N GLY C 123 -28.25 -29.66 -17.93
CA GLY C 123 -27.96 -29.17 -19.27
C GLY C 123 -26.63 -28.45 -19.28
N LEU C 124 -25.70 -28.98 -18.48
CA LEU C 124 -24.37 -28.41 -18.32
C LEU C 124 -23.36 -29.11 -19.22
N GLN C 125 -23.83 -29.95 -20.12
CA GLN C 125 -22.98 -30.62 -21.09
C GLN C 125 -22.19 -29.66 -22.01
N PRO C 126 -22.87 -28.68 -22.64
CA PRO C 126 -22.04 -27.85 -23.53
C PRO C 126 -21.11 -26.94 -22.74
N LEU C 127 -21.49 -26.63 -21.52
CA LEU C 127 -20.76 -25.69 -20.67
C LEU C 127 -19.59 -26.36 -19.94
N LEU C 128 -19.42 -27.66 -20.14
CA LEU C 128 -18.38 -28.44 -19.49
C LEU C 128 -16.96 -27.88 -19.66
N GLU C 129 -16.64 -27.41 -20.85
CA GLU C 129 -15.30 -26.85 -21.09
C GLU C 129 -15.29 -25.34 -20.92
N ARG C 130 -16.44 -24.76 -20.63
CA ARG C 130 -16.56 -23.31 -20.45
C ARG C 130 -15.97 -22.89 -19.12
N LYS C 131 -15.73 -21.59 -18.97
CA LYS C 131 -15.21 -21.05 -17.71
C LYS C 131 -16.18 -20.02 -17.12
N PRO C 132 -16.23 -19.97 -15.77
CA PRO C 132 -17.11 -19.08 -15.00
C PRO C 132 -16.90 -17.61 -15.32
N SER C 133 -15.75 -17.23 -15.87
CA SER C 133 -15.51 -15.83 -16.21
C SER C 133 -16.59 -15.35 -17.17
N ASP C 134 -16.88 -16.16 -18.19
CA ASP C 134 -17.99 -15.85 -19.08
C ASP C 134 -19.13 -16.85 -18.86
N LEU C 135 -20.16 -16.43 -18.14
CA LEU C 135 -21.35 -17.25 -17.90
C LEU C 135 -22.53 -16.39 -17.48
N SER C 136 -23.73 -16.96 -17.52
CA SER C 136 -24.90 -16.29 -17.00
C SER C 136 -24.99 -16.53 -15.49
N GLY C 137 -25.74 -15.69 -14.79
CA GLY C 137 -25.93 -15.85 -13.36
C GLY C 137 -26.66 -17.15 -13.09
N GLY C 138 -27.73 -17.37 -13.85
CA GLY C 138 -28.54 -18.57 -13.75
C GLY C 138 -27.74 -19.82 -14.03
N GLN C 139 -26.84 -19.73 -14.99
CA GLN C 139 -25.98 -20.85 -15.34
C GLN C 139 -24.99 -21.15 -14.21
N ARG C 140 -24.51 -20.09 -13.55
CA ARG C 140 -23.63 -20.25 -12.41
C ARG C 140 -24.37 -20.96 -11.28
N GLN C 141 -25.63 -20.58 -11.07
CA GLN C 141 -26.43 -21.20 -10.04
C GLN C 141 -26.74 -22.65 -10.42
N ARG C 142 -26.83 -22.91 -11.73
CA ARG C 142 -27.06 -24.25 -12.23
C ARG C 142 -25.88 -25.17 -11.95
N VAL C 143 -24.67 -24.70 -12.27
CA VAL C 143 -23.47 -25.50 -12.03
C VAL C 143 -23.21 -25.62 -10.53
N ALA C 144 -23.66 -24.64 -9.76
CA ALA C 144 -23.61 -24.73 -8.30
C ALA C 144 -24.51 -25.86 -7.80
N MET C 145 -25.72 -25.91 -8.37
CA MET C 145 -26.64 -27.01 -8.10
C MET C 145 -26.00 -28.32 -8.54
N GLY C 146 -25.15 -28.24 -9.55
CA GLY C 146 -24.38 -29.38 -10.01
C GLY C 146 -23.41 -29.82 -8.93
N ARG C 147 -22.81 -28.85 -8.23
CA ARG C 147 -21.97 -29.16 -7.09
C ARG C 147 -22.79 -29.85 -6.02
N ALA C 148 -24.03 -29.40 -5.85
CA ALA C 148 -24.90 -29.96 -4.83
C ALA C 148 -25.30 -31.41 -5.10
N ILE C 149 -25.72 -31.71 -6.32
CA ILE C 149 -26.24 -33.03 -6.64
C ILE C 149 -25.15 -34.06 -6.93
N VAL C 150 -23.93 -33.59 -7.20
CA VAL C 150 -22.84 -34.51 -7.47
C VAL C 150 -22.37 -35.14 -6.15
N ARG C 151 -22.80 -34.54 -5.05
CA ARG C 151 -22.49 -35.05 -3.72
C ARG C 151 -23.40 -36.23 -3.39
N ASP C 152 -24.61 -36.20 -3.96
CA ASP C 152 -25.66 -37.17 -3.64
C ASP C 152 -25.87 -37.28 -2.13
N PRO C 153 -26.35 -36.19 -1.51
CA PRO C 153 -26.52 -36.17 -0.06
C PRO C 153 -27.90 -36.64 0.37
N LYS C 154 -28.12 -36.69 1.68
CA LYS C 154 -29.45 -36.98 2.21
C LYS C 154 -30.30 -35.71 2.22
N VAL C 155 -29.64 -34.56 2.27
CA VAL C 155 -30.34 -33.28 2.34
C VAL C 155 -29.75 -32.20 1.45
N PHE C 156 -30.61 -31.56 0.67
CA PHE C 156 -30.26 -30.38 -0.11
C PHE C 156 -30.59 -29.11 0.67
N LEU C 157 -29.59 -28.28 0.91
CA LEU C 157 -29.77 -27.03 1.62
C LEU C 157 -29.61 -25.86 0.65
N PHE C 158 -30.66 -25.06 0.50
CA PHE C 158 -30.62 -23.91 -0.40
C PHE C 158 -30.69 -22.62 0.38
N ASP C 159 -29.68 -21.77 0.26
CA ASP C 159 -29.73 -20.47 0.91
C ASP C 159 -29.89 -19.35 -0.12
N GLN C 160 -31.09 -18.79 -0.16
CA GLN C 160 -31.49 -17.72 -1.08
C GLN C 160 -30.89 -17.80 -2.48
N PRO C 161 -31.11 -18.92 -3.18
CA PRO C 161 -30.43 -19.27 -4.44
C PRO C 161 -30.72 -18.27 -5.56
N LEU C 162 -31.95 -17.79 -5.59
CA LEU C 162 -32.45 -16.90 -6.63
C LEU C 162 -32.44 -15.41 -6.25
N SER C 163 -31.80 -15.06 -5.14
CA SER C 163 -31.77 -13.67 -4.70
C SER C 163 -31.00 -12.74 -5.65
N ASN C 164 -29.87 -13.19 -6.18
CA ASN C 164 -29.04 -12.29 -6.97
C ASN C 164 -29.48 -12.23 -8.43
N LEU C 165 -30.42 -13.10 -8.79
CA LEU C 165 -30.93 -13.13 -10.16
C LEU C 165 -32.00 -12.06 -10.40
N ASP C 166 -32.41 -11.90 -11.65
CA ASP C 166 -33.47 -10.98 -12.01
C ASP C 166 -34.84 -11.67 -11.91
N ALA C 167 -35.91 -10.89 -12.07
CA ALA C 167 -37.26 -11.41 -11.93
C ALA C 167 -37.56 -12.51 -12.95
N LYS C 168 -37.15 -12.29 -14.20
CA LYS C 168 -37.34 -13.27 -15.26
C LYS C 168 -36.66 -14.58 -14.92
N LEU C 169 -35.39 -14.49 -14.50
CA LEU C 169 -34.61 -15.67 -14.18
C LEU C 169 -35.07 -16.30 -12.88
N ARG C 170 -35.63 -15.48 -11.98
CA ARG C 170 -36.17 -16.03 -10.74
C ARG C 170 -37.38 -16.89 -11.07
N THR C 171 -38.27 -16.35 -11.89
CA THR C 171 -39.49 -17.05 -12.27
C THR C 171 -39.17 -18.30 -13.09
N GLN C 172 -38.08 -18.26 -13.87
CA GLN C 172 -37.69 -19.41 -14.68
C GLN C 172 -37.06 -20.50 -13.80
N MET C 173 -35.96 -20.14 -13.15
CA MET C 173 -35.21 -21.04 -12.27
C MET C 173 -36.06 -21.63 -11.15
N ARG C 174 -37.11 -20.91 -10.75
CA ARG C 174 -38.04 -21.41 -9.74
C ARG C 174 -38.74 -22.66 -10.26
N ALA C 175 -39.36 -22.52 -11.43
CA ALA C 175 -40.02 -23.65 -12.09
C ALA C 175 -39.02 -24.77 -12.33
N GLU C 176 -37.80 -24.41 -12.71
CA GLU C 176 -36.76 -25.41 -12.93
C GLU C 176 -36.41 -26.15 -11.64
N ILE C 177 -36.48 -25.46 -10.51
CA ILE C 177 -36.20 -26.06 -9.21
C ILE C 177 -37.29 -27.04 -8.81
N LYS C 178 -38.55 -26.64 -8.98
CA LYS C 178 -39.67 -27.53 -8.69
C LYS C 178 -39.58 -28.79 -9.56
N ARG C 179 -39.36 -28.56 -10.86
CA ARG C 179 -39.20 -29.63 -11.84
C ARG C 179 -38.07 -30.57 -11.42
N LEU C 180 -36.99 -29.98 -10.93
CA LEU C 180 -35.83 -30.73 -10.48
C LEU C 180 -36.19 -31.61 -9.29
N HIS C 181 -36.97 -31.06 -8.37
CA HIS C 181 -37.37 -31.78 -7.17
C HIS C 181 -38.30 -32.94 -7.54
N GLN C 182 -39.03 -32.79 -8.65
CA GLN C 182 -39.85 -33.90 -9.12
C GLN C 182 -39.02 -35.10 -9.55
N ARG C 183 -37.77 -34.86 -9.96
CA ARG C 183 -36.91 -35.93 -10.45
C ARG C 183 -36.22 -36.69 -9.32
N LEU C 184 -35.34 -36.00 -8.60
CA LEU C 184 -34.58 -36.63 -7.51
C LEU C 184 -35.48 -36.99 -6.33
N GLY C 185 -36.14 -35.99 -5.77
CA GLY C 185 -37.07 -36.22 -4.69
C GLY C 185 -36.36 -36.31 -3.35
N THR C 186 -35.17 -35.74 -3.28
CA THR C 186 -34.40 -35.71 -2.04
C THR C 186 -34.97 -34.69 -1.07
N THR C 187 -34.79 -34.93 0.23
CA THR C 187 -35.24 -34.00 1.27
C THR C 187 -34.50 -32.67 1.11
N VAL C 188 -35.23 -31.58 1.12
CA VAL C 188 -34.64 -30.27 0.85
C VAL C 188 -35.20 -29.15 1.73
N ILE C 189 -34.30 -28.37 2.31
CA ILE C 189 -34.67 -27.17 3.06
C ILE C 189 -34.28 -25.94 2.27
N TYR C 190 -35.20 -24.99 2.15
CA TYR C 190 -35.04 -23.86 1.23
C TYR C 190 -35.28 -22.55 1.99
N VAL C 191 -34.37 -21.60 1.83
CA VAL C 191 -34.49 -20.32 2.53
C VAL C 191 -34.74 -19.16 1.58
N THR C 192 -35.75 -18.35 1.87
CA THR C 192 -36.13 -17.25 0.99
C THR C 192 -36.61 -16.02 1.74
N HIS C 193 -36.34 -14.85 1.18
CA HIS C 193 -36.93 -13.61 1.66
C HIS C 193 -38.16 -13.29 0.80
N ASP C 194 -38.39 -14.13 -0.19
CA ASP C 194 -39.50 -13.93 -1.13
C ASP C 194 -40.64 -14.89 -0.83
N GLN C 195 -41.86 -14.35 -0.76
CA GLN C 195 -43.05 -15.14 -0.47
C GLN C 195 -43.42 -16.04 -1.65
N VAL C 196 -43.21 -15.54 -2.86
CA VAL C 196 -43.61 -16.25 -4.09
C VAL C 196 -42.95 -17.62 -4.20
N GLU C 197 -41.64 -17.65 -4.05
CA GLU C 197 -40.87 -18.90 -4.14
C GLU C 197 -41.33 -19.89 -3.08
N ALA C 198 -41.63 -19.38 -1.89
CA ALA C 198 -42.12 -20.21 -0.80
C ALA C 198 -43.47 -20.84 -1.15
N MET C 199 -44.37 -20.03 -1.70
CA MET C 199 -45.70 -20.50 -2.09
C MET C 199 -45.62 -21.55 -3.19
N THR C 200 -44.79 -21.30 -4.19
CA THR C 200 -44.70 -22.18 -5.35
C THR C 200 -43.98 -23.50 -5.06
N LEU C 201 -42.80 -23.41 -4.46
CA LEU C 201 -41.92 -24.57 -4.32
C LEU C 201 -42.28 -25.51 -3.17
N ALA C 202 -42.64 -24.94 -2.03
CA ALA C 202 -42.73 -25.70 -0.78
C ALA C 202 -43.90 -26.66 -0.67
N ASP C 203 -43.64 -27.82 -0.10
CA ASP C 203 -44.70 -28.70 0.38
C ASP C 203 -45.21 -28.15 1.71
N ARG C 204 -44.27 -27.67 2.52
CA ARG C 204 -44.61 -26.97 3.77
C ARG C 204 -43.85 -25.65 3.89
N ILE C 205 -44.55 -24.61 4.32
CA ILE C 205 -43.93 -23.31 4.53
C ILE C 205 -43.85 -22.99 6.02
N VAL C 206 -42.64 -22.67 6.49
CA VAL C 206 -42.47 -22.19 7.85
C VAL C 206 -41.94 -20.76 7.81
N VAL C 207 -42.70 -19.85 8.42
CA VAL C 207 -42.36 -18.45 8.48
C VAL C 207 -41.61 -18.16 9.78
N MET C 208 -40.58 -17.32 9.72
CA MET C 208 -39.83 -16.97 10.92
C MET C 208 -39.55 -15.47 11.03
N ARG C 209 -40.01 -14.85 12.12
CA ARG C 209 -39.60 -13.48 12.40
C ARG C 209 -38.77 -13.42 13.68
N ASP C 210 -37.75 -12.59 13.66
CA ASP C 210 -36.82 -12.37 14.77
C ASP C 210 -36.43 -13.65 15.53
N GLY C 211 -35.84 -14.59 14.80
CA GLY C 211 -35.40 -15.85 15.38
C GLY C 211 -36.50 -16.78 15.87
N LEU C 212 -37.72 -16.27 15.95
CA LEU C 212 -38.86 -17.08 16.37
C LEU C 212 -39.65 -17.61 15.17
N ILE C 213 -40.07 -18.87 15.26
CA ILE C 213 -40.87 -19.45 14.21
C ILE C 213 -42.32 -19.07 14.43
N GLU C 214 -42.89 -18.34 13.47
CA GLU C 214 -44.21 -17.76 13.61
C GLU C 214 -45.34 -18.76 13.36
N GLN C 215 -45.19 -19.55 12.31
CA GLN C 215 -46.21 -20.53 11.93
C GLN C 215 -45.65 -21.58 10.96
N ILE C 216 -46.31 -22.73 10.89
CA ILE C 216 -45.96 -23.76 9.91
C ILE C 216 -47.22 -24.26 9.23
N GLY C 217 -47.08 -24.82 8.03
CA GLY C 217 -48.20 -25.41 7.34
C GLY C 217 -48.04 -25.39 5.83
N LYS C 218 -49.06 -25.92 5.13
CA LYS C 218 -49.10 -25.86 3.68
C LYS C 218 -49.28 -24.41 3.24
N PRO C 219 -48.83 -24.08 2.01
CA PRO C 219 -48.98 -22.72 1.48
C PRO C 219 -50.42 -22.22 1.55
N MET C 220 -51.36 -23.10 1.20
CA MET C 220 -52.77 -22.74 1.22
C MET C 220 -53.27 -22.59 2.67
N ASP C 221 -52.62 -23.28 3.61
CA ASP C 221 -53.00 -23.16 5.01
C ASP C 221 -52.59 -21.81 5.57
N LEU C 222 -51.46 -21.29 5.08
CA LEU C 222 -50.99 -19.97 5.50
C LEU C 222 -51.76 -18.87 4.78
N PHE C 223 -52.13 -19.13 3.53
CA PHE C 223 -52.87 -18.14 2.74
C PHE C 223 -54.30 -17.99 3.23
N LEU C 224 -54.97 -19.12 3.47
CA LEU C 224 -56.35 -19.12 3.91
C LEU C 224 -56.48 -18.79 5.39
N HIS C 225 -55.62 -19.40 6.21
CA HIS C 225 -55.74 -19.27 7.66
C HIS C 225 -54.43 -18.83 8.32
N PRO C 226 -54.12 -17.53 8.26
CA PRO C 226 -52.92 -17.00 8.92
C PRO C 226 -53.03 -17.05 10.44
N ALA C 227 -51.95 -17.44 11.10
CA ALA C 227 -51.95 -17.56 12.56
C ALA C 227 -52.12 -16.20 13.23
N ASN C 228 -51.51 -15.18 12.63
CA ASN C 228 -51.56 -13.83 13.18
C ASN C 228 -51.60 -12.76 12.09
N THR C 229 -51.48 -11.50 12.49
CA THR C 229 -51.55 -10.40 11.55
C THR C 229 -50.30 -10.33 10.67
N PHE C 230 -49.17 -10.82 11.20
CA PHE C 230 -47.92 -10.78 10.47
C PHE C 230 -47.90 -11.77 9.32
N VAL C 231 -48.29 -13.00 9.60
CA VAL C 231 -48.36 -14.04 8.58
C VAL C 231 -49.34 -13.60 7.50
N ALA C 232 -50.44 -13.01 7.93
CA ALA C 232 -51.45 -12.47 7.01
C ALA C 232 -50.85 -11.39 6.12
N SER C 233 -49.99 -10.56 6.71
CA SER C 233 -49.35 -9.48 5.97
C SER C 233 -48.30 -9.98 4.99
N PHE C 234 -47.67 -11.10 5.33
CA PHE C 234 -46.52 -11.59 4.59
C PHE C 234 -46.84 -12.31 3.28
N ILE C 235 -47.87 -13.16 3.27
CA ILE C 235 -48.11 -14.01 2.11
C ILE C 235 -49.16 -13.43 1.14
N GLY C 236 -48.85 -13.56 -0.14
CA GLY C 236 -49.70 -13.11 -1.23
C GLY C 236 -49.00 -12.04 -2.05
N SER C 237 -49.39 -11.87 -3.31
CA SER C 237 -48.74 -10.87 -4.16
C SER C 237 -49.06 -9.44 -3.68
N PRO C 238 -50.34 -9.06 -3.56
CA PRO C 238 -50.54 -7.85 -2.76
C PRO C 238 -50.55 -8.20 -1.27
N PRO C 239 -50.18 -7.25 -0.41
CA PRO C 239 -50.32 -7.50 1.03
C PRO C 239 -51.78 -7.42 1.47
N MET C 240 -52.16 -8.19 2.47
CA MET C 240 -53.52 -8.13 3.01
C MET C 240 -53.67 -6.77 3.68
N ASN C 241 -54.84 -6.16 3.56
CA ASN C 241 -55.04 -4.77 3.98
C ASN C 241 -54.75 -4.49 5.46
N LEU C 242 -55.41 -5.19 6.37
CA LEU C 242 -55.14 -5.05 7.81
C LEU C 242 -55.32 -3.63 8.35
N MET C 243 -56.56 -3.24 8.59
CA MET C 243 -56.86 -1.91 9.14
C MET C 243 -57.63 -2.02 10.46
N PRO C 244 -57.39 -1.07 11.39
CA PRO C 244 -58.05 -1.10 12.70
C PRO C 244 -59.56 -0.95 12.62
N ALA C 245 -60.25 -1.44 13.65
CA ALA C 245 -61.70 -1.54 13.66
C ALA C 245 -62.24 -1.95 15.04
N ARG C 246 -63.54 -1.78 15.23
CA ARG C 246 -64.21 -2.13 16.47
C ARG C 246 -65.56 -2.77 16.18
N ILE C 247 -66.33 -3.04 17.22
CA ILE C 247 -67.63 -3.67 17.01
C ILE C 247 -68.78 -2.97 17.74
N ALA C 248 -68.82 -3.13 19.06
CA ALA C 248 -69.92 -2.68 19.92
C ALA C 248 -71.26 -3.12 19.31
N VAL C 249 -72.30 -2.29 19.48
CA VAL C 249 -73.60 -2.50 18.83
C VAL C 249 -74.00 -3.98 18.94
N ASP C 250 -74.01 -4.65 17.79
CA ASP C 250 -74.23 -6.09 17.74
C ASP C 250 -72.87 -6.78 17.68
N SER C 251 -72.76 -7.90 18.38
CA SER C 251 -71.49 -8.61 18.54
C SER C 251 -71.27 -9.72 17.52
N THR C 252 -72.07 -10.76 17.64
CA THR C 252 -71.89 -11.98 16.87
C THR C 252 -72.09 -11.76 15.37
N GLN C 253 -72.75 -10.67 15.01
CA GLN C 253 -73.06 -10.42 13.60
C GLN C 253 -72.18 -9.36 12.94
N HIS C 254 -72.44 -8.10 13.27
CA HIS C 254 -71.80 -6.97 12.62
C HIS C 254 -70.46 -6.52 13.19
N VAL C 255 -69.58 -6.03 12.32
CA VAL C 255 -68.34 -5.39 12.73
C VAL C 255 -68.10 -4.13 11.90
N GLU C 256 -67.85 -3.01 12.59
CA GLU C 256 -67.71 -1.71 11.92
C GLU C 256 -66.28 -1.16 11.99
N LEU C 257 -65.86 -0.48 10.92
CA LEU C 257 -64.54 0.13 10.90
C LEU C 257 -64.56 1.60 10.46
N ASN C 258 -63.45 2.27 10.80
CA ASN C 258 -63.13 3.65 10.42
C ASN C 258 -64.26 4.66 10.55
N GLY C 259 -64.62 5.23 9.41
CA GLY C 259 -65.52 6.37 9.28
C GLY C 259 -66.98 6.02 9.40
N GLY C 260 -67.26 4.88 10.02
CA GLY C 260 -68.62 4.44 10.17
C GLY C 260 -69.07 3.41 9.15
N ASN C 261 -68.12 2.70 8.56
CA ASN C 261 -68.49 1.67 7.60
C ASN C 261 -68.80 0.38 8.36
N ARG C 262 -69.80 -0.37 7.91
CA ARG C 262 -70.20 -1.56 8.65
C ARG C 262 -70.32 -2.80 7.78
N ILE C 263 -69.76 -3.91 8.27
CA ILE C 263 -69.75 -5.16 7.52
C ILE C 263 -70.42 -6.29 8.31
N SER C 264 -71.31 -7.02 7.64
CA SER C 264 -71.97 -8.18 8.22
C SER C 264 -71.09 -9.42 8.12
N LEU C 265 -70.99 -10.18 9.20
CA LEU C 265 -70.12 -11.35 9.24
C LEU C 265 -70.90 -12.66 9.19
N LEU C 266 -70.33 -13.65 8.53
CA LEU C 266 -70.89 -14.99 8.51
C LEU C 266 -70.72 -15.60 9.91
N PRO C 267 -71.62 -16.52 10.29
CA PRO C 267 -71.65 -17.03 11.67
C PRO C 267 -70.31 -17.61 12.14
N ARG C 268 -69.68 -18.44 11.32
CA ARG C 268 -68.36 -19.01 11.62
C ARG C 268 -68.29 -19.55 13.04
N ALA C 269 -69.00 -20.65 13.29
CA ALA C 269 -69.12 -21.20 14.63
C ALA C 269 -67.78 -21.52 15.29
N GLY C 270 -67.69 -21.25 16.58
CA GLY C 270 -66.48 -21.47 17.35
C GLY C 270 -65.68 -20.21 17.63
N THR C 271 -66.17 -19.08 17.15
CA THR C 271 -65.47 -17.81 17.33
C THR C 271 -65.74 -17.19 18.69
N HIS C 272 -67.01 -16.84 18.92
CA HIS C 272 -67.48 -16.14 20.13
C HIS C 272 -66.59 -14.93 20.48
N LEU C 273 -66.56 -13.95 19.58
CA LEU C 273 -65.86 -12.70 19.83
C LEU C 273 -66.73 -11.78 20.71
N ALA C 274 -66.10 -10.79 21.33
CA ALA C 274 -66.79 -9.85 22.22
C ALA C 274 -67.21 -8.56 21.51
N PRO C 275 -68.34 -7.98 21.95
CA PRO C 275 -68.74 -6.65 21.46
C PRO C 275 -67.88 -5.55 22.06
N GLY C 276 -67.52 -4.55 21.26
CA GLY C 276 -66.68 -3.47 21.73
C GLY C 276 -65.21 -3.82 21.73
N GLN C 277 -64.92 -5.08 21.36
CA GLN C 277 -63.56 -5.59 21.37
C GLN C 277 -62.72 -4.94 20.28
N GLU C 278 -61.54 -4.46 20.66
CA GLU C 278 -60.62 -3.85 19.71
C GLU C 278 -60.14 -4.90 18.73
N VAL C 279 -60.29 -4.62 17.44
CA VAL C 279 -60.01 -5.63 16.43
C VAL C 279 -59.30 -5.03 15.22
N VAL C 280 -58.48 -5.83 14.53
CA VAL C 280 -57.96 -5.42 13.24
C VAL C 280 -58.63 -6.25 12.15
N PHE C 281 -59.41 -5.57 11.32
CA PHE C 281 -60.13 -6.18 10.21
C PHE C 281 -59.29 -6.18 8.94
N GLY C 282 -59.21 -7.32 8.28
CA GLY C 282 -58.52 -7.39 7.01
C GLY C 282 -59.21 -8.27 5.99
N ILE C 283 -58.93 -7.97 4.72
CA ILE C 283 -59.50 -8.69 3.60
C ILE C 283 -58.52 -8.61 2.43
N ARG C 284 -58.51 -9.63 1.58
CA ARG C 284 -57.61 -9.65 0.44
C ARG C 284 -58.18 -8.86 -0.74
N PRO C 285 -57.30 -8.20 -1.50
CA PRO C 285 -57.65 -7.37 -2.66
C PRO C 285 -58.41 -8.13 -3.74
N GLU C 286 -58.20 -9.44 -3.84
CA GLU C 286 -58.91 -10.25 -4.82
C GLU C 286 -60.36 -10.48 -4.40
N ASP C 287 -60.62 -10.33 -3.10
CA ASP C 287 -61.94 -10.60 -2.55
C ASP C 287 -62.80 -9.34 -2.47
N VAL C 288 -62.25 -8.22 -2.92
CA VAL C 288 -63.01 -6.98 -3.00
C VAL C 288 -63.24 -6.60 -4.47
N THR C 289 -64.46 -6.20 -4.81
CA THR C 289 -64.77 -5.85 -6.20
C THR C 289 -65.44 -4.49 -6.30
N LEU C 290 -65.70 -4.07 -7.55
CA LEU C 290 -66.41 -2.81 -7.77
C LEU C 290 -67.82 -3.10 -8.30
N ASP C 291 -68.82 -2.85 -7.47
CA ASP C 291 -70.22 -2.90 -7.86
C ASP C 291 -70.63 -4.18 -8.61
N GLY C 292 -69.92 -5.28 -8.36
CA GLY C 292 -70.10 -6.47 -9.17
C GLY C 292 -70.84 -7.60 -8.48
N VAL C 293 -71.43 -7.31 -7.33
CA VAL C 293 -72.19 -8.29 -6.55
C VAL C 293 -73.68 -8.10 -6.85
N GLU C 294 -73.96 -7.19 -7.81
CA GLU C 294 -75.32 -6.85 -8.26
C GLU C 294 -76.29 -6.63 -7.10
N GLY C 295 -76.14 -5.52 -6.40
CA GLY C 295 -77.01 -5.17 -5.30
C GLY C 295 -76.91 -6.13 -4.12
N SER C 296 -75.72 -6.20 -3.52
CA SER C 296 -75.44 -7.16 -2.45
C SER C 296 -76.40 -7.04 -1.27
N GLU C 297 -76.63 -8.16 -0.59
CA GLU C 297 -77.53 -8.22 0.54
C GLU C 297 -76.92 -7.79 1.89
N ARG C 298 -75.59 -7.74 1.95
CA ARG C 298 -74.91 -7.43 3.21
C ARG C 298 -74.48 -5.97 3.38
N ALA C 299 -74.72 -5.13 2.38
CA ALA C 299 -74.41 -3.70 2.46
C ALA C 299 -72.91 -3.41 2.70
N GLN C 300 -72.11 -3.58 1.65
CA GLN C 300 -70.66 -3.55 1.76
C GLN C 300 -70.06 -2.15 1.96
N ILE C 301 -68.74 -2.10 2.06
CA ILE C 301 -68.00 -0.89 2.43
C ILE C 301 -67.97 0.24 1.39
N LYS C 302 -67.72 1.46 1.85
CA LYS C 302 -67.64 2.66 1.02
C LYS C 302 -66.30 3.37 1.20
N ALA C 303 -65.69 3.80 0.10
CA ALA C 303 -64.38 4.46 0.17
C ALA C 303 -64.22 5.60 -0.82
N THR C 304 -63.05 6.24 -0.79
CA THR C 304 -62.72 7.30 -1.75
C THR C 304 -61.37 7.02 -2.40
N VAL C 305 -61.37 6.95 -3.73
CA VAL C 305 -60.19 6.56 -4.49
C VAL C 305 -58.97 7.47 -4.29
N ASP C 306 -57.85 6.85 -3.97
CA ASP C 306 -56.58 7.54 -3.83
C ASP C 306 -55.87 7.63 -5.18
N ILE C 307 -55.40 6.50 -5.68
CA ILE C 307 -54.73 6.43 -6.98
C ILE C 307 -55.12 5.17 -7.75
N VAL C 308 -54.81 5.14 -9.04
CA VAL C 308 -55.09 4.00 -9.88
C VAL C 308 -53.82 3.57 -10.58
N GLU C 309 -53.51 2.28 -10.48
CA GLU C 309 -52.28 1.72 -11.04
C GLU C 309 -52.59 0.65 -12.07
N PRO C 310 -52.63 1.02 -13.36
CA PRO C 310 -52.84 0.04 -14.42
C PRO C 310 -51.71 -0.98 -14.48
N LEU C 311 -52.08 -2.25 -14.45
CA LEU C 311 -51.13 -3.36 -14.44
C LEU C 311 -51.03 -4.04 -15.80
N GLY C 312 -52.18 -4.40 -16.35
CA GLY C 312 -52.28 -5.41 -17.38
C GLY C 312 -53.75 -5.73 -17.48
N SER C 313 -54.08 -6.97 -17.82
CA SER C 313 -55.47 -7.43 -17.79
C SER C 313 -56.17 -7.06 -16.48
N GLU C 314 -55.41 -7.02 -15.38
CA GLU C 314 -55.91 -6.51 -14.11
C GLU C 314 -55.36 -5.12 -13.83
N SER C 315 -55.77 -4.53 -12.71
CA SER C 315 -55.27 -3.22 -12.31
C SER C 315 -55.35 -3.07 -10.79
N ILE C 316 -54.48 -2.22 -10.24
CA ILE C 316 -54.42 -2.03 -8.80
C ILE C 316 -55.12 -0.74 -8.38
N LEU C 317 -56.20 -0.88 -7.62
CA LEU C 317 -56.94 0.28 -7.15
C LEU C 317 -56.66 0.56 -5.68
N HIS C 318 -56.09 1.72 -5.38
CA HIS C 318 -55.90 2.14 -4.01
C HIS C 318 -57.11 2.96 -3.57
N ALA C 319 -57.82 2.46 -2.55
CA ALA C 319 -59.00 3.15 -2.07
C ALA C 319 -58.84 3.53 -0.62
N THR C 320 -59.14 4.77 -0.28
CA THR C 320 -59.01 5.22 1.10
C THR C 320 -60.33 5.24 1.85
N VAL C 321 -60.42 4.38 2.86
CA VAL C 321 -61.51 4.43 3.83
C VAL C 321 -61.05 5.25 5.03
N GLY C 322 -61.62 6.44 5.18
CA GLY C 322 -61.28 7.28 6.31
C GLY C 322 -59.79 7.58 6.40
N ASP C 323 -59.25 7.49 7.60
CA ASP C 323 -57.83 7.73 7.83
C ASP C 323 -56.93 6.61 7.31
N HIS C 324 -57.53 5.51 6.85
CA HIS C 324 -56.76 4.37 6.36
C HIS C 324 -57.04 4.05 4.90
N SER C 325 -56.21 3.19 4.31
CA SER C 325 -56.39 2.83 2.90
C SER C 325 -56.24 1.33 2.68
N LEU C 326 -57.13 0.78 1.86
CA LEU C 326 -57.06 -0.62 1.45
C LEU C 326 -56.89 -0.73 -0.07
N VAL C 327 -56.26 -1.82 -0.49
CA VAL C 327 -55.96 -2.05 -1.90
C VAL C 327 -56.90 -3.11 -2.47
N VAL C 328 -57.44 -2.85 -3.65
CA VAL C 328 -58.38 -3.77 -4.29
C VAL C 328 -58.01 -4.00 -5.76
N LYS C 329 -57.94 -5.28 -6.14
CA LYS C 329 -57.66 -5.67 -7.52
C LYS C 329 -58.91 -5.51 -8.38
N VAL C 330 -58.76 -4.85 -9.52
CA VAL C 330 -59.89 -4.52 -10.40
C VAL C 330 -59.60 -4.91 -11.86
N GLY C 331 -60.58 -4.72 -12.73
CA GLY C 331 -60.46 -4.99 -14.16
C GLY C 331 -59.51 -4.03 -14.86
N GLY C 332 -59.31 -4.20 -16.16
CA GLY C 332 -58.34 -3.37 -16.88
C GLY C 332 -58.67 -1.93 -17.25
N LEU C 333 -59.95 -1.58 -17.41
CA LEU C 333 -60.28 -0.21 -17.84
C LEU C 333 -60.74 0.62 -16.65
N ASN C 334 -62.00 0.42 -16.25
CA ASN C 334 -62.58 1.00 -15.03
C ASN C 334 -62.20 2.46 -14.78
N GLU C 335 -62.89 3.39 -15.45
CA GLU C 335 -62.53 4.80 -15.44
C GLU C 335 -62.09 5.33 -14.08
N VAL C 336 -62.99 5.35 -13.09
CA VAL C 336 -62.62 5.80 -11.75
C VAL C 336 -62.03 7.22 -11.82
N HIS C 337 -60.71 7.31 -11.64
CA HIS C 337 -59.93 8.55 -11.51
C HIS C 337 -59.99 8.99 -10.05
N PRO C 338 -58.95 9.69 -9.58
CA PRO C 338 -58.88 10.09 -8.17
C PRO C 338 -59.84 11.21 -7.78
N GLY C 339 -60.32 11.16 -6.54
CA GLY C 339 -61.14 12.22 -5.97
C GLY C 339 -62.63 11.97 -5.93
N ASP C 340 -63.12 11.08 -6.79
CA ASP C 340 -64.55 10.75 -6.81
C ASP C 340 -64.85 9.55 -5.92
N PRO C 341 -65.97 9.63 -5.17
CA PRO C 341 -66.37 8.57 -4.24
C PRO C 341 -66.63 7.24 -4.94
N VAL C 342 -66.38 6.12 -4.24
CA VAL C 342 -66.57 4.80 -4.83
C VAL C 342 -67.06 3.80 -3.79
N THR C 343 -67.92 2.88 -4.23
CA THR C 343 -68.43 1.83 -3.35
C THR C 343 -67.70 0.52 -3.62
N LEU C 344 -67.17 -0.10 -2.55
CA LEU C 344 -66.43 -1.34 -2.69
C LEU C 344 -67.23 -2.50 -2.11
N HIS C 345 -67.25 -3.62 -2.83
CA HIS C 345 -68.01 -4.79 -2.37
C HIS C 345 -67.10 -5.88 -1.80
N VAL C 346 -67.30 -6.20 -0.53
CA VAL C 346 -66.47 -7.17 0.18
C VAL C 346 -67.09 -8.56 0.22
N ASP C 347 -66.27 -9.57 -0.01
CA ASP C 347 -66.72 -10.96 0.08
C ASP C 347 -66.78 -11.40 1.54
N LEU C 348 -67.95 -11.85 1.99
CA LEU C 348 -68.18 -12.13 3.40
C LEU C 348 -67.53 -13.43 3.89
N THR C 349 -67.25 -14.35 2.97
CA THR C 349 -66.67 -15.63 3.35
C THR C 349 -65.16 -15.54 3.59
N ARG C 350 -64.51 -14.60 2.91
CA ARG C 350 -63.06 -14.49 2.95
C ARG C 350 -62.52 -13.47 3.96
N VAL C 351 -63.41 -12.83 4.72
CA VAL C 351 -62.98 -11.81 5.68
C VAL C 351 -62.14 -12.41 6.82
N HIS C 352 -61.19 -11.63 7.31
CA HIS C 352 -60.38 -12.04 8.45
C HIS C 352 -60.34 -10.98 9.54
N LEU C 353 -60.31 -11.42 10.78
CA LEU C 353 -60.17 -10.51 11.93
C LEU C 353 -59.05 -10.99 12.84
N PHE C 354 -58.35 -10.05 13.46
CA PHE C 354 -57.33 -10.38 14.45
C PHE C 354 -57.48 -9.44 15.65
N ASP C 355 -56.85 -9.77 16.77
CA ASP C 355 -56.93 -8.92 17.96
C ASP C 355 -55.80 -7.89 18.01
N ALA C 356 -56.09 -6.70 18.53
CA ALA C 356 -55.13 -5.60 18.55
C ALA C 356 -53.93 -5.84 19.48
N GLN C 357 -54.16 -6.49 20.62
CA GLN C 357 -53.08 -6.75 21.56
C GLN C 357 -52.44 -8.09 21.23
N SER C 358 -53.16 -9.17 21.48
CA SER C 358 -52.72 -10.48 21.03
C SER C 358 -52.91 -10.46 19.53
N GLN C 359 -51.85 -10.70 18.76
CA GLN C 359 -51.95 -10.55 17.32
C GLN C 359 -52.54 -11.77 16.62
N ALA C 360 -52.95 -12.77 17.40
CA ALA C 360 -53.45 -14.03 16.85
C ALA C 360 -54.82 -13.84 16.19
N SER C 361 -55.37 -14.94 15.67
CA SER C 361 -56.60 -14.88 14.89
C SER C 361 -57.81 -14.35 15.66
N ILE C 362 -58.27 -15.11 16.65
CA ILE C 362 -59.43 -14.74 17.47
C ILE C 362 -60.67 -14.57 16.57
N TYR C 363 -60.65 -15.24 15.42
CA TYR C 363 -61.77 -15.27 14.49
C TYR C 363 -61.55 -16.37 13.46
N LYS D 25 40.69 48.21 17.83
CA LYS D 25 41.87 47.98 17.00
C LYS D 25 42.95 47.22 17.77
N GLU D 26 43.70 46.39 17.05
CA GLU D 26 44.80 45.63 17.64
C GLU D 26 46.04 45.73 16.76
N ALA D 27 47.20 45.51 17.35
CA ALA D 27 48.46 45.59 16.63
C ALA D 27 48.62 44.42 15.66
N THR D 28 47.87 43.36 15.89
CA THR D 28 47.95 42.16 15.06
C THR D 28 46.91 42.16 13.96
N TRP D 29 46.10 43.21 13.88
CA TRP D 29 45.07 43.31 12.86
C TRP D 29 45.69 43.38 11.46
N VAL D 30 45.23 42.49 10.58
CA VAL D 30 45.70 42.49 9.20
C VAL D 30 44.78 43.33 8.32
N THR D 31 43.68 43.78 8.91
CA THR D 31 42.75 44.67 8.22
C THR D 31 42.03 45.58 9.22
N ASP D 32 41.77 46.81 8.82
CA ASP D 32 41.08 47.77 9.67
C ASP D 32 39.60 47.44 9.76
N LYS D 33 38.98 47.20 8.61
CA LYS D 33 37.58 46.80 8.55
C LYS D 33 37.44 45.28 8.61
N PRO D 34 36.49 44.79 9.41
CA PRO D 34 36.25 43.36 9.63
C PRO D 34 36.07 42.57 8.33
N LEU D 35 36.69 41.41 8.25
CA LEU D 35 36.61 40.58 7.05
C LEU D 35 36.09 39.19 7.37
N THR D 36 34.93 38.84 6.83
CA THR D 36 34.37 37.51 7.00
C THR D 36 34.57 36.70 5.73
N LEU D 37 35.13 35.51 5.87
CA LEU D 37 35.49 34.68 4.72
C LEU D 37 34.84 33.30 4.78
N LYS D 38 34.66 32.69 3.61
CA LYS D 38 34.11 31.34 3.51
C LYS D 38 35.23 30.32 3.47
N ILE D 39 35.33 29.51 4.51
CA ILE D 39 36.37 28.50 4.60
C ILE D 39 35.79 27.08 4.64
N HIS D 40 36.28 26.22 3.77
CA HIS D 40 35.93 24.81 3.84
C HIS D 40 37.09 24.00 4.38
N MET D 41 36.97 23.54 5.62
CA MET D 41 38.01 22.72 6.22
C MET D 41 37.43 21.45 6.83
N HIS D 42 37.79 20.32 6.23
CA HIS D 42 37.40 19.02 6.75
C HIS D 42 38.66 18.16 6.79
N PHE D 43 39.07 17.74 7.99
CA PHE D 43 40.34 17.06 8.13
C PHE D 43 40.31 15.85 9.04
N ARG D 44 41.09 14.83 8.65
CA ARG D 44 41.28 13.61 9.43
C ARG D 44 39.98 12.87 9.69
N ASP D 45 38.98 13.12 8.84
CA ASP D 45 37.67 12.46 8.93
C ASP D 45 37.03 12.62 10.31
N LYS D 46 37.34 13.71 10.99
CA LYS D 46 36.86 13.93 12.35
C LYS D 46 36.25 15.31 12.55
N TRP D 47 37.06 16.34 12.40
CA TRP D 47 36.64 17.71 12.72
C TRP D 47 36.44 18.59 11.49
N VAL D 48 35.52 19.54 11.62
CA VAL D 48 35.36 20.61 10.65
C VAL D 48 35.59 21.93 11.35
N TRP D 49 35.93 22.98 10.59
CA TRP D 49 36.20 24.29 11.17
C TRP D 49 34.96 24.82 11.88
N ASP D 50 35.19 25.50 13.00
CA ASP D 50 34.10 26.10 13.76
C ASP D 50 34.46 27.54 14.11
N GLU D 51 33.66 28.49 13.64
CA GLU D 51 33.91 29.89 13.91
C GLU D 51 33.65 30.22 15.38
N ASN D 52 32.91 29.33 16.05
CA ASN D 52 32.60 29.52 17.46
C ASN D 52 33.65 28.89 18.37
N TRP D 53 34.69 28.32 17.76
CA TRP D 53 35.84 27.84 18.50
C TRP D 53 36.50 28.99 19.26
N PRO D 54 36.95 28.72 20.50
CA PRO D 54 37.67 29.72 21.27
C PRO D 54 38.91 30.23 20.53
N VAL D 55 39.66 29.30 19.95
CA VAL D 55 40.84 29.64 19.17
C VAL D 55 40.46 30.46 17.93
N ALA D 56 39.31 30.14 17.34
CA ALA D 56 38.84 30.84 16.15
C ALA D 56 38.38 32.25 16.49
N LYS D 57 37.63 32.38 17.59
CA LYS D 57 37.17 33.69 18.05
C LYS D 57 38.35 34.58 18.41
N GLU D 58 39.33 33.99 19.09
CA GLU D 58 40.55 34.69 19.45
C GLU D 58 41.28 35.13 18.18
N SER D 59 41.31 34.25 17.19
CA SER D 59 41.94 34.52 15.91
C SER D 59 41.26 35.70 15.22
N PHE D 60 39.94 35.78 15.36
CA PHE D 60 39.18 36.89 14.79
C PHE D 60 39.47 38.18 15.53
N ARG D 61 39.57 38.10 16.85
CA ARG D 61 39.83 39.30 17.66
C ARG D 61 41.21 39.85 17.35
N LEU D 62 42.17 38.96 17.13
CA LEU D 62 43.54 39.38 16.88
C LEU D 62 43.78 39.82 15.43
N THR D 63 43.23 39.08 14.47
CA THR D 63 43.48 39.38 13.06
C THR D 63 42.40 40.22 12.39
N ASN D 64 41.32 40.50 13.13
CA ASN D 64 40.15 41.19 12.59
C ASN D 64 39.62 40.50 11.33
N VAL D 65 39.79 39.18 11.27
CA VAL D 65 39.30 38.38 10.16
C VAL D 65 38.56 37.16 10.66
N LYS D 66 37.28 37.06 10.30
CA LYS D 66 36.44 35.96 10.76
C LYS D 66 36.33 34.88 9.68
N LEU D 67 36.66 33.65 10.04
CA LEU D 67 36.53 32.54 9.12
C LEU D 67 35.20 31.83 9.33
N GLN D 68 34.31 31.96 8.36
CA GLN D 68 33.01 31.31 8.42
C GLN D 68 33.06 29.98 7.68
N SER D 69 32.83 28.90 8.40
CA SER D 69 32.96 27.57 7.84
C SER D 69 31.77 27.17 6.98
N VAL D 70 32.04 26.78 5.74
CA VAL D 70 31.03 26.12 4.93
C VAL D 70 31.49 24.67 4.71
N ALA D 71 30.86 23.77 5.45
CA ALA D 71 31.19 22.36 5.40
C ALA D 71 30.05 21.54 5.99
N ASN D 72 30.04 20.24 5.69
CA ASN D 72 29.11 19.35 6.36
C ASN D 72 29.79 18.67 7.56
N LYS D 73 29.33 19.02 8.76
CA LYS D 73 29.85 18.42 9.97
C LYS D 73 29.37 16.98 10.09
N ALA D 74 28.25 16.70 9.44
CA ALA D 74 27.67 15.36 9.45
C ALA D 74 28.40 14.43 8.48
N ALA D 75 29.32 14.99 7.71
CA ALA D 75 30.10 14.19 6.75
C ALA D 75 31.12 13.32 7.48
N THR D 76 31.56 12.26 6.80
CA THR D 76 32.50 11.31 7.39
C THR D 76 33.90 11.48 6.80
N ASN D 77 34.05 11.13 5.52
CA ASN D 77 35.36 11.20 4.85
C ASN D 77 35.70 12.61 4.39
N SER D 78 36.87 13.09 4.83
CA SER D 78 37.30 14.46 4.52
C SER D 78 37.72 14.64 3.06
N GLN D 79 38.51 13.69 2.57
CA GLN D 79 39.01 13.72 1.20
C GLN D 79 37.86 13.80 0.21
N GLU D 80 36.84 12.98 0.46
CA GLU D 80 35.64 12.98 -0.36
C GLU D 80 34.96 14.34 -0.37
N GLN D 81 34.91 14.98 0.79
CA GLN D 81 34.31 16.31 0.90
C GLN D 81 35.10 17.34 0.13
N PHE D 82 36.42 17.20 0.14
CA PHE D 82 37.29 18.07 -0.65
C PHE D 82 36.99 17.91 -2.13
N ASN D 83 36.94 16.67 -2.59
CA ASN D 83 36.66 16.38 -4.00
C ASN D 83 35.29 16.86 -4.44
N LEU D 84 34.29 16.70 -3.58
CA LEU D 84 32.93 17.10 -3.89
C LEU D 84 32.78 18.61 -3.91
N MET D 85 33.42 19.29 -2.97
CA MET D 85 33.41 20.74 -2.93
C MET D 85 34.12 21.30 -4.16
N MET D 86 35.21 20.65 -4.56
CA MET D 86 35.97 21.09 -5.71
C MET D 86 35.19 20.86 -7.00
N ALA D 87 34.46 19.76 -7.06
CA ALA D 87 33.69 19.42 -8.25
C ALA D 87 32.31 20.08 -8.24
N SER D 88 32.00 20.79 -7.17
CA SER D 88 30.72 21.46 -7.04
C SER D 88 30.61 22.63 -8.02
N GLY D 89 31.75 23.26 -8.31
CA GLY D 89 31.78 24.40 -9.21
C GLY D 89 31.79 25.72 -8.44
N ASP D 90 31.34 25.68 -7.19
CA ASP D 90 31.35 26.87 -6.35
C ASP D 90 32.49 26.78 -5.34
N LEU D 91 33.50 27.61 -5.53
CA LEU D 91 34.69 27.60 -4.66
C LEU D 91 34.56 28.61 -3.53
N PRO D 92 35.00 28.22 -2.33
CA PRO D 92 35.06 29.11 -1.16
C PRO D 92 36.30 30.00 -1.20
N ASP D 93 36.54 30.73 -0.12
CA ASP D 93 37.70 31.61 -0.04
C ASP D 93 38.97 30.81 0.32
N VAL D 94 38.99 30.24 1.51
CA VAL D 94 40.14 29.49 2.00
C VAL D 94 39.81 28.01 2.13
N VAL D 95 40.70 27.14 1.67
CA VAL D 95 40.48 25.70 1.80
C VAL D 95 41.58 25.03 2.62
N GLY D 96 41.22 24.57 3.82
CA GLY D 96 42.17 23.93 4.70
C GLY D 96 42.02 22.42 4.75
N GLY D 97 42.98 21.75 5.36
CA GLY D 97 42.91 20.31 5.54
C GLY D 97 44.25 19.60 5.62
N ASP D 98 44.18 18.27 5.70
CA ASP D 98 45.37 17.44 5.78
C ASP D 98 45.48 16.52 4.57
N ASN D 99 46.70 16.13 4.25
CA ASN D 99 47.00 15.27 3.09
C ASN D 99 46.46 15.84 1.79
N LEU D 100 46.37 17.17 1.72
CA LEU D 100 45.90 17.86 0.53
C LEU D 100 47.05 18.35 -0.35
N LYS D 101 48.28 18.07 0.09
CA LYS D 101 49.49 18.52 -0.60
C LYS D 101 49.48 18.22 -2.09
N ASP D 102 49.44 16.94 -2.43
CA ASP D 102 49.37 16.50 -3.82
C ASP D 102 48.19 17.16 -4.53
N LYS D 103 47.05 17.20 -3.84
CA LYS D 103 45.84 17.84 -4.38
C LYS D 103 46.03 19.34 -4.52
N PHE D 104 46.71 19.95 -3.55
CA PHE D 104 47.01 21.38 -3.59
C PHE D 104 47.84 21.73 -4.82
N ILE D 105 48.78 20.86 -5.16
CA ILE D 105 49.62 21.07 -6.33
C ILE D 105 48.83 20.82 -7.61
N GLN D 106 48.02 19.76 -7.60
CA GLN D 106 47.18 19.41 -8.75
C GLN D 106 46.24 20.55 -9.15
N TYR D 107 45.43 21.00 -8.20
CA TYR D 107 44.46 22.06 -8.47
C TYR D 107 45.13 23.43 -8.45
N GLY D 108 46.37 23.47 -7.97
CA GLY D 108 47.17 24.68 -8.02
C GLY D 108 47.62 24.95 -9.44
N GLN D 109 48.09 23.91 -10.11
CA GLN D 109 48.52 24.02 -11.49
C GLN D 109 47.35 24.26 -12.44
N GLU D 110 46.18 23.74 -12.07
CA GLU D 110 45.00 23.85 -12.90
C GLU D 110 44.35 25.23 -12.77
N GLY D 111 44.83 26.00 -11.79
CA GLY D 111 44.37 27.36 -11.61
C GLY D 111 43.23 27.52 -10.64
N ALA D 112 43.04 26.54 -9.76
CA ALA D 112 42.02 26.63 -8.73
C ALA D 112 42.57 27.29 -7.47
N PHE D 113 43.89 27.44 -7.44
CA PHE D 113 44.58 28.04 -6.28
C PHE D 113 45.60 29.08 -6.71
N VAL D 114 45.57 30.23 -6.05
CA VAL D 114 46.45 31.34 -6.39
C VAL D 114 47.84 31.18 -5.76
N PRO D 115 48.90 31.35 -6.57
CA PRO D 115 50.27 31.32 -6.06
C PRO D 115 50.53 32.42 -5.03
N LEU D 116 51.11 32.05 -3.90
CA LEU D 116 51.29 32.99 -2.79
C LEU D 116 52.68 33.62 -2.77
N ASN D 117 53.51 33.29 -3.77
CA ASN D 117 54.92 33.65 -3.77
C ASN D 117 55.19 35.16 -3.60
N LYS D 118 54.62 35.96 -4.49
CA LYS D 118 54.80 37.41 -4.41
C LYS D 118 53.99 37.98 -3.24
N LEU D 119 52.90 37.31 -2.90
CA LEU D 119 52.10 37.69 -1.74
C LEU D 119 52.87 37.41 -0.46
N ILE D 120 53.63 36.31 -0.45
CA ILE D 120 54.49 36.00 0.68
C ILE D 120 55.63 37.00 0.77
N ASP D 121 56.28 37.29 -0.35
CA ASP D 121 57.36 38.25 -0.39
C ASP D 121 56.94 39.62 0.12
N GLN D 122 55.92 40.19 -0.50
CA GLN D 122 55.47 41.54 -0.15
C GLN D 122 54.74 41.61 1.19
N TYR D 123 53.68 40.82 1.33
CA TYR D 123 52.78 40.95 2.47
C TYR D 123 52.98 39.96 3.62
N ALA D 124 53.93 39.04 3.49
CA ALA D 124 54.11 38.03 4.53
C ALA D 124 55.58 37.87 4.94
N PRO D 125 56.06 38.78 5.80
CA PRO D 125 57.46 38.77 6.25
C PRO D 125 57.83 37.53 7.06
N HIS D 126 56.91 37.05 7.89
CA HIS D 126 57.17 35.93 8.77
C HIS D 126 57.31 34.62 7.99
N ILE D 127 56.39 34.39 7.06
CA ILE D 127 56.42 33.20 6.22
C ILE D 127 57.65 33.21 5.31
N LYS D 128 57.96 34.38 4.75
CA LYS D 128 59.11 34.54 3.89
C LYS D 128 60.40 34.28 4.66
N ALA D 129 60.50 34.82 5.87
CA ALA D 129 61.66 34.61 6.71
C ALA D 129 61.79 33.15 7.10
N PHE D 130 60.65 32.50 7.31
CA PHE D 130 60.62 31.08 7.65
C PHE D 130 61.15 30.24 6.49
N PHE D 131 60.67 30.53 5.28
CA PHE D 131 61.11 29.80 4.10
C PHE D 131 62.55 30.12 3.75
N LYS D 132 63.03 31.27 4.20
CA LYS D 132 64.44 31.62 4.04
C LYS D 132 65.30 30.83 5.01
N SER D 133 64.80 30.65 6.23
CA SER D 133 65.50 29.88 7.24
C SER D 133 65.26 28.39 7.06
N HIS D 134 64.25 28.05 6.26
CA HIS D 134 63.92 26.66 5.97
C HIS D 134 63.72 26.43 4.48
N PRO D 135 64.82 26.38 3.72
CA PRO D 135 64.72 26.12 2.27
C PRO D 135 64.27 24.69 1.97
N GLU D 136 64.66 23.74 2.81
CA GLU D 136 64.30 22.34 2.62
C GLU D 136 62.81 22.12 2.87
N VAL D 137 62.25 22.86 3.81
CA VAL D 137 60.82 22.83 4.08
C VAL D 137 60.05 23.37 2.88
N GLU D 138 60.52 24.49 2.35
CA GLU D 138 59.88 25.14 1.21
C GLU D 138 59.99 24.29 -0.06
N ARG D 139 61.07 23.51 -0.16
CA ARG D 139 61.31 22.68 -1.33
C ARG D 139 60.25 21.60 -1.53
N ALA D 140 59.83 20.98 -0.42
CA ALA D 140 58.86 19.90 -0.49
C ALA D 140 57.50 20.36 -0.98
N ILE D 141 57.07 21.54 -0.53
CA ILE D 141 55.74 22.03 -0.85
C ILE D 141 55.67 22.72 -2.22
N LYS D 142 56.83 22.92 -2.84
CA LYS D 142 56.88 23.57 -4.14
C LYS D 142 56.30 22.69 -5.24
N ALA D 143 55.61 23.33 -6.18
CA ALA D 143 55.06 22.64 -7.34
C ALA D 143 56.17 22.34 -8.34
N PRO D 144 55.86 21.62 -9.43
CA PRO D 144 56.85 21.48 -10.51
C PRO D 144 57.35 22.82 -11.04
N ASP D 145 56.45 23.79 -11.17
CA ASP D 145 56.82 25.13 -11.61
C ASP D 145 57.53 25.89 -10.51
N GLY D 146 57.35 25.44 -9.26
CA GLY D 146 58.05 26.01 -8.13
C GLY D 146 57.19 26.93 -7.27
N ASN D 147 55.94 27.11 -7.65
CA ASN D 147 55.03 27.98 -6.91
C ASN D 147 54.54 27.34 -5.62
N ILE D 148 54.16 28.18 -4.66
CA ILE D 148 53.58 27.70 -3.41
C ILE D 148 52.10 28.07 -3.37
N TYR D 149 51.25 27.06 -3.49
CA TYR D 149 49.81 27.30 -3.54
C TYR D 149 49.15 27.21 -2.18
N PHE D 150 49.91 26.77 -1.17
CA PHE D 150 49.34 26.58 0.16
C PHE D 150 50.35 26.84 1.27
N ILE D 151 49.87 27.42 2.37
CA ILE D 151 50.65 27.53 3.59
C ILE D 151 50.52 26.22 4.36
N PRO D 152 51.66 25.52 4.51
CA PRO D 152 51.76 24.18 5.12
C PRO D 152 51.76 24.17 6.64
N TYR D 153 51.40 23.02 7.21
CA TYR D 153 51.52 22.78 8.64
C TYR D 153 52.91 22.24 8.94
N VAL D 154 53.61 22.88 9.88
CA VAL D 154 55.00 22.55 10.16
C VAL D 154 55.19 22.10 11.61
N PRO D 155 55.04 20.79 11.86
CA PRO D 155 55.20 20.22 13.20
C PRO D 155 56.65 20.29 13.69
N ASP D 156 56.83 20.73 14.94
CA ASP D 156 58.15 20.85 15.52
C ASP D 156 58.43 19.75 16.54
N GLY D 157 59.61 19.16 16.45
CA GLY D 157 60.00 18.10 17.37
C GLY D 157 61.03 17.17 16.77
N VAL D 158 61.40 16.15 17.51
CA VAL D 158 62.42 15.20 17.07
C VAL D 158 61.80 13.85 16.69
N VAL D 159 61.33 13.11 17.69
CA VAL D 159 60.75 11.80 17.44
C VAL D 159 59.23 11.88 17.30
N ALA D 160 58.61 10.76 16.98
CA ALA D 160 57.16 10.70 16.81
C ALA D 160 56.56 9.51 17.58
N ARG D 161 56.87 8.31 17.12
CA ARG D 161 56.28 7.11 17.67
C ARG D 161 57.30 6.18 18.33
N GLY D 162 56.85 5.48 19.38
CA GLY D 162 57.68 4.53 20.08
C GLY D 162 56.81 3.48 20.74
N TYR D 163 57.39 2.30 21.00
CA TYR D 163 56.61 1.17 21.51
C TYR D 163 56.37 1.27 23.02
N PHE D 164 55.13 1.02 23.43
CA PHE D 164 54.74 1.07 24.84
C PHE D 164 54.16 -0.26 25.30
N ILE D 165 54.42 -0.62 26.55
CA ILE D 165 53.88 -1.87 27.09
C ILE D 165 53.48 -1.71 28.55
N ARG D 166 52.57 -2.58 29.00
CA ARG D 166 52.11 -2.58 30.38
C ARG D 166 53.19 -3.13 31.29
N GLU D 167 53.57 -2.37 32.31
CA GLU D 167 54.58 -2.81 33.26
C GLU D 167 54.01 -3.82 34.25
N ASP D 168 52.74 -3.62 34.62
CA ASP D 168 52.07 -4.48 35.57
C ASP D 168 51.84 -5.89 35.01
N TRP D 169 51.54 -5.97 33.72
CA TRP D 169 51.27 -7.25 33.07
C TRP D 169 52.53 -8.07 32.88
N LEU D 170 53.68 -7.44 33.12
CA LEU D 170 54.97 -8.13 33.04
C LEU D 170 55.36 -8.70 34.40
N LYS D 171 54.59 -8.36 35.43
CA LYS D 171 54.94 -8.73 36.79
C LYS D 171 54.12 -9.91 37.32
N LYS D 172 52.81 -9.72 37.44
CA LYS D 172 51.93 -10.76 37.98
C LYS D 172 51.93 -12.01 37.10
N LEU D 173 52.30 -11.85 35.83
CA LEU D 173 52.39 -12.99 34.93
C LEU D 173 53.81 -13.53 34.89
N ASN D 174 54.70 -12.87 35.63
CA ASN D 174 56.10 -13.26 35.77
C ASN D 174 56.83 -13.48 34.45
N LEU D 175 56.95 -12.40 33.66
CA LEU D 175 57.75 -12.45 32.45
C LEU D 175 58.56 -11.16 32.25
N LYS D 176 59.86 -11.31 32.09
CA LYS D 176 60.76 -10.19 31.83
C LYS D 176 60.38 -9.49 30.53
N PRO D 177 60.47 -8.14 30.51
CA PRO D 177 60.16 -7.36 29.31
C PRO D 177 60.91 -7.86 28.08
N PRO D 178 60.19 -8.05 26.96
CA PRO D 178 60.75 -8.66 25.75
C PRO D 178 61.90 -7.86 25.13
N GLN D 179 63.01 -8.54 24.87
CA GLN D 179 64.15 -7.90 24.24
C GLN D 179 64.19 -8.19 22.74
N ASN D 180 63.24 -9.00 22.27
CA ASN D 180 63.22 -9.41 20.87
C ASN D 180 61.84 -9.85 20.38
N ILE D 181 61.80 -10.38 19.16
CA ILE D 181 60.56 -10.80 18.53
C ILE D 181 59.99 -12.07 19.17
N ASP D 182 60.87 -13.00 19.53
CA ASP D 182 60.45 -14.25 20.15
C ASP D 182 59.85 -14.02 21.53
N GLU D 183 60.55 -13.22 22.33
CA GLU D 183 60.08 -12.91 23.69
C GLU D 183 58.77 -12.12 23.65
N LEU D 184 58.63 -11.25 22.66
CA LEU D 184 57.39 -10.49 22.50
C LEU D 184 56.26 -11.40 22.07
N TYR D 185 56.59 -12.37 21.23
CA TYR D 185 55.62 -13.37 20.77
C TYR D 185 55.09 -14.16 21.96
N THR D 186 56.02 -14.62 22.81
CA THR D 186 55.66 -15.40 23.98
C THR D 186 54.91 -14.55 25.01
N VAL D 187 55.24 -13.26 25.08
CA VAL D 187 54.59 -12.36 26.01
C VAL D 187 53.14 -12.08 25.60
N LEU D 188 52.93 -11.80 24.31
CA LEU D 188 51.59 -11.56 23.80
C LEU D 188 50.76 -12.84 23.87
N LYS D 189 51.40 -13.97 23.58
CA LYS D 189 50.75 -15.27 23.70
C LYS D 189 50.34 -15.54 25.15
N ALA D 190 51.17 -15.08 26.08
CA ALA D 190 50.89 -15.22 27.50
C ALA D 190 49.76 -14.27 27.90
N PHE D 191 49.64 -13.16 27.19
CA PHE D 191 48.56 -12.22 27.42
C PHE D 191 47.23 -12.81 26.97
N LYS D 192 47.25 -13.47 25.81
CA LYS D 192 46.02 -14.03 25.24
C LYS D 192 45.57 -15.29 26.00
N GLU D 193 46.50 -16.19 26.28
CA GLU D 193 46.17 -17.45 26.94
C GLU D 193 46.01 -17.29 28.45
N LYS D 194 47.13 -17.03 29.14
CA LYS D 194 47.08 -16.75 30.56
C LYS D 194 46.37 -15.42 30.76
N ASP D 195 45.85 -15.19 31.97
CA ASP D 195 45.10 -13.97 32.24
C ASP D 195 45.96 -12.91 32.92
N PRO D 196 46.36 -11.88 32.16
CA PRO D 196 47.20 -10.77 32.64
C PRO D 196 46.44 -9.79 33.53
N ASN D 197 45.13 -9.67 33.31
CA ASN D 197 44.29 -8.72 34.03
C ASN D 197 43.75 -9.35 35.32
N GLY D 198 43.04 -10.46 35.19
CA GLY D 198 42.47 -11.13 36.35
C GLY D 198 40.96 -11.04 36.50
N ASN D 199 40.28 -10.58 35.46
CA ASN D 199 38.82 -10.63 35.43
C ASN D 199 38.32 -12.07 35.30
N GLY D 200 39.24 -12.98 34.96
CA GLY D 200 38.93 -14.39 34.80
C GLY D 200 38.46 -14.74 33.40
N LYS D 201 38.85 -13.92 32.42
CA LYS D 201 38.43 -14.15 31.04
C LYS D 201 39.60 -14.03 30.06
N ALA D 202 39.37 -14.48 28.83
CA ALA D 202 40.35 -14.38 27.76
C ALA D 202 40.13 -13.10 26.94
N ASP D 203 39.20 -12.28 27.41
CA ASP D 203 38.73 -11.09 26.68
C ASP D 203 39.83 -10.08 26.36
N GLU D 204 40.96 -10.15 27.07
CA GLU D 204 42.04 -9.20 26.87
C GLU D 204 42.65 -9.30 25.46
N VAL D 205 43.01 -8.14 24.90
CA VAL D 205 43.61 -8.08 23.58
C VAL D 205 45.07 -7.62 23.66
N PRO D 206 46.00 -8.47 23.22
CA PRO D 206 47.44 -8.23 23.33
C PRO D 206 47.93 -6.96 22.64
N PHE D 207 47.52 -6.71 21.39
CA PHE D 207 48.02 -5.56 20.65
C PHE D 207 46.90 -4.65 20.13
N ILE D 208 47.06 -3.35 20.38
CA ILE D 208 46.09 -2.36 19.91
C ILE D 208 46.78 -1.16 19.28
N ASP D 209 45.97 -0.21 18.80
CA ASP D 209 46.42 1.08 18.28
C ASP D 209 45.22 1.91 17.83
N ARG D 210 45.41 3.22 17.74
CA ARG D 210 44.35 4.09 17.25
C ARG D 210 44.52 4.32 15.76
N HIS D 211 45.65 3.88 15.22
CA HIS D 211 45.90 3.93 13.79
C HIS D 211 45.98 2.52 13.22
N PRO D 212 45.05 2.19 12.31
CA PRO D 212 45.00 0.85 11.71
C PRO D 212 46.26 0.50 10.94
N ASP D 213 46.87 1.49 10.30
CA ASP D 213 48.07 1.27 9.50
C ASP D 213 49.22 0.68 10.32
N GLU D 214 49.18 0.92 11.63
CA GLU D 214 50.20 0.41 12.53
C GLU D 214 50.23 -1.12 12.55
N VAL D 215 49.13 -1.75 12.17
CA VAL D 215 49.08 -3.21 12.12
C VAL D 215 50.07 -3.72 11.08
N PHE D 216 50.41 -2.87 10.11
CA PHE D 216 51.42 -3.21 9.11
C PHE D 216 52.81 -2.99 9.69
N ARG D 217 52.94 -1.97 10.53
CA ARG D 217 54.23 -1.58 11.10
C ARG D 217 54.87 -2.74 11.88
N LEU D 218 54.03 -3.67 12.32
CA LEU D 218 54.49 -4.85 13.04
C LEU D 218 55.51 -5.66 12.24
N VAL D 219 55.48 -5.53 10.92
CA VAL D 219 56.41 -6.28 10.08
C VAL D 219 57.86 -5.82 10.31
N ASN D 220 58.03 -4.69 11.00
CA ASN D 220 59.37 -4.24 11.38
C ASN D 220 60.04 -5.26 12.30
N PHE D 221 59.23 -6.04 13.01
CA PHE D 221 59.75 -7.11 13.86
C PHE D 221 60.39 -8.21 13.04
N TRP D 222 59.93 -8.36 11.79
CA TRP D 222 60.52 -9.33 10.88
C TRP D 222 61.51 -8.67 9.93
N GLY D 223 61.74 -7.37 10.10
CA GLY D 223 62.71 -6.64 9.31
C GLY D 223 62.19 -6.07 8.01
N ALA D 224 60.88 -5.79 7.97
CA ALA D 224 60.27 -5.19 6.79
C ALA D 224 59.74 -3.79 7.12
N ARG D 225 59.69 -2.93 6.11
CA ARG D 225 59.25 -1.55 6.30
C ARG D 225 57.78 -1.38 5.95
N SER D 226 57.05 -0.64 6.77
CA SER D 226 55.66 -0.33 6.47
C SER D 226 55.53 1.01 5.74
N SER D 227 56.61 1.78 5.72
CA SER D 227 56.65 3.06 5.03
C SER D 227 58.08 3.57 4.94
N GLY D 228 58.25 4.72 4.28
CA GLY D 228 59.55 5.36 4.21
C GLY D 228 59.64 6.62 5.05
N SER D 229 58.52 7.00 5.66
CA SER D 229 58.46 8.23 6.43
C SER D 229 57.29 8.20 7.40
N ASP D 230 57.03 9.33 8.06
CA ASP D 230 55.91 9.45 8.99
C ASP D 230 54.59 9.16 8.31
N ASN D 231 54.47 9.61 7.06
CA ASN D 231 53.29 9.32 6.25
C ASN D 231 53.23 7.83 5.92
N TYR D 232 52.10 7.21 6.22
CA TYR D 232 51.94 5.79 5.98
C TYR D 232 51.95 5.46 4.50
N MET D 233 52.51 4.30 4.16
CA MET D 233 52.58 3.81 2.79
C MET D 233 53.29 4.81 1.88
N ASP D 234 54.48 5.24 2.30
CA ASP D 234 55.27 6.18 1.52
C ASP D 234 56.56 5.52 1.05
N PHE D 235 57.11 6.01 -0.05
CA PHE D 235 58.31 5.43 -0.64
C PHE D 235 59.54 5.76 0.21
N TYR D 236 60.69 5.24 -0.19
CA TYR D 236 61.94 5.54 0.49
C TYR D 236 63.15 5.29 -0.41
N ILE D 237 64.33 5.55 0.14
CA ILE D 237 65.58 5.39 -0.60
C ILE D 237 66.46 4.32 0.01
N ASP D 238 66.81 3.32 -0.79
CA ASP D 238 67.75 2.28 -0.36
C ASP D 238 68.98 2.28 -1.26
N ASN D 239 70.11 2.67 -0.68
CA ASN D 239 71.40 2.71 -1.37
C ASN D 239 71.35 3.43 -2.72
N GLY D 240 70.54 4.48 -2.80
CA GLY D 240 70.45 5.28 -4.00
C GLY D 240 69.36 4.86 -4.96
N ARG D 241 68.49 3.94 -4.53
CA ARG D 241 67.38 3.50 -5.37
C ARG D 241 66.03 3.75 -4.70
N VAL D 242 65.10 4.30 -5.45
CA VAL D 242 63.76 4.59 -4.93
C VAL D 242 62.92 3.32 -4.88
N LYS D 243 62.43 2.98 -3.69
CA LYS D 243 61.67 1.75 -3.52
C LYS D 243 60.46 1.94 -2.61
N HIS D 244 59.38 1.24 -2.92
CA HIS D 244 58.21 1.20 -2.05
C HIS D 244 58.30 -0.03 -1.15
N PRO D 245 58.06 0.17 0.15
CA PRO D 245 58.21 -0.89 1.15
C PRO D 245 57.23 -2.06 0.98
N TRP D 246 56.02 -1.78 0.51
CA TRP D 246 55.01 -2.81 0.35
C TRP D 246 55.24 -3.64 -0.91
N ALA D 247 55.85 -3.03 -1.92
CA ALA D 247 56.08 -3.69 -3.19
C ALA D 247 57.21 -4.71 -3.13
N GLU D 248 58.02 -4.63 -2.08
CA GLU D 248 59.14 -5.53 -1.91
C GLU D 248 58.68 -6.95 -1.56
N THR D 249 59.54 -7.93 -1.82
CA THR D 249 59.20 -9.33 -1.57
C THR D 249 59.52 -9.73 -0.14
N ALA D 250 60.06 -8.80 0.63
CA ALA D 250 60.31 -9.05 2.05
C ALA D 250 59.11 -8.63 2.88
N PHE D 251 58.13 -8.03 2.21
CA PHE D 251 56.93 -7.52 2.86
C PHE D 251 55.93 -8.63 3.17
N ARG D 252 55.84 -9.61 2.27
CA ARG D 252 54.86 -10.68 2.42
C ARG D 252 55.27 -11.68 3.50
N ASP D 253 56.56 -11.76 3.77
CA ASP D 253 57.06 -12.63 4.84
C ASP D 253 56.62 -12.10 6.20
N GLY D 254 56.63 -10.78 6.34
CA GLY D 254 56.18 -10.14 7.56
C GLY D 254 54.66 -10.13 7.64
N MET D 255 54.02 -9.88 6.51
CA MET D 255 52.56 -9.83 6.45
C MET D 255 51.93 -11.18 6.77
N LYS D 256 52.59 -12.26 6.35
CA LYS D 256 52.16 -13.60 6.68
C LYS D 256 52.14 -13.79 8.20
N HIS D 257 53.18 -13.29 8.85
CA HIS D 257 53.35 -13.47 10.28
C HIS D 257 52.44 -12.57 11.11
N VAL D 258 52.16 -11.37 10.61
CA VAL D 258 51.23 -10.49 11.32
C VAL D 258 49.80 -10.96 11.07
N ALA D 259 49.60 -11.67 9.96
CA ALA D 259 48.32 -12.32 9.70
C ALA D 259 48.16 -13.49 10.65
N GLN D 260 49.29 -14.14 10.97
CA GLN D 260 49.29 -15.19 11.98
C GLN D 260 48.99 -14.61 13.35
N TRP D 261 49.53 -13.42 13.63
CA TRP D 261 49.27 -12.73 14.89
C TRP D 261 47.79 -12.37 15.02
N TYR D 262 47.21 -11.88 13.92
CA TYR D 262 45.80 -11.54 13.89
C TYR D 262 44.95 -12.81 14.06
N LYS D 263 45.43 -13.91 13.49
CA LYS D 263 44.71 -15.18 13.53
C LYS D 263 44.70 -15.76 14.93
N GLU D 264 45.82 -15.61 15.64
CA GLU D 264 45.92 -16.12 17.02
C GLU D 264 45.16 -15.22 17.99
N GLY D 265 44.83 -14.02 17.54
CA GLY D 265 44.11 -13.08 18.37
C GLY D 265 45.04 -12.13 19.11
N LEU D 266 46.28 -12.06 18.67
CA LEU D 266 47.26 -11.16 19.27
C LEU D 266 47.00 -9.72 18.87
N ILE D 267 46.36 -9.55 17.72
CA ILE D 267 45.99 -8.22 17.22
C ILE D 267 44.50 -8.00 17.37
N ASP D 268 44.11 -6.77 17.71
CA ASP D 268 42.69 -6.41 17.82
C ASP D 268 42.00 -6.64 16.48
N LYS D 269 40.87 -7.34 16.52
CA LYS D 269 40.11 -7.64 15.31
C LYS D 269 39.54 -6.37 14.70
N GLU D 270 39.25 -5.40 15.56
CA GLU D 270 38.59 -4.15 15.17
C GLU D 270 39.59 -3.05 14.84
N ILE D 271 40.87 -3.40 14.82
CA ILE D 271 41.96 -2.43 14.63
C ILE D 271 41.79 -1.54 13.39
N PHE D 272 41.12 -2.04 12.36
CA PHE D 272 40.86 -1.26 11.16
C PHE D 272 39.62 -0.36 11.32
N THR D 273 38.80 -0.68 12.30
CA THR D 273 37.53 0.02 12.54
C THR D 273 37.63 0.99 13.71
N ARG D 274 37.96 0.45 14.88
CA ARG D 274 37.95 1.16 16.16
C ARG D 274 38.54 2.56 16.09
N LYS D 275 39.83 2.65 15.73
CA LYS D 275 40.50 3.94 15.51
C LYS D 275 40.56 4.82 16.77
N ALA D 276 40.01 6.02 16.67
CA ALA D 276 40.19 7.07 17.68
C ALA D 276 39.74 6.69 19.09
N ARG D 277 38.89 5.67 19.20
CA ARG D 277 38.37 5.26 20.50
C ARG D 277 39.17 4.12 21.13
N ALA D 278 40.25 3.71 20.45
CA ALA D 278 41.04 2.55 20.86
C ALA D 278 41.59 2.65 22.28
N ARG D 279 42.50 3.60 22.50
CA ARG D 279 43.20 3.72 23.78
C ARG D 279 42.26 3.98 24.95
N GLU D 280 41.15 4.67 24.69
CA GLU D 280 40.19 4.98 25.75
C GLU D 280 39.25 3.82 26.02
N GLN D 281 39.40 2.75 25.23
CA GLN D 281 38.58 1.55 25.41
C GLN D 281 39.40 0.40 25.96
N MET D 282 40.38 -0.04 25.18
CA MET D 282 41.21 -1.19 25.54
C MET D 282 41.97 -0.97 26.84
N PHE D 283 42.56 0.21 27.00
CA PHE D 283 43.27 0.55 28.23
C PHE D 283 42.28 0.94 29.32
N GLY D 284 41.21 1.62 28.93
CA GLY D 284 40.17 2.00 29.86
C GLY D 284 39.42 0.78 30.38
N GLY D 285 39.21 -0.19 29.51
CA GLY D 285 38.57 -1.43 29.87
C GLY D 285 39.59 -2.47 30.30
N ASN D 286 40.86 -2.03 30.37
CA ASN D 286 41.96 -2.85 30.86
C ASN D 286 42.20 -4.11 30.02
N LEU D 287 41.79 -4.07 28.76
CA LEU D 287 41.95 -5.23 27.89
C LEU D 287 43.21 -5.21 27.01
N GLY D 288 43.87 -4.06 26.91
CA GLY D 288 45.05 -3.97 26.06
C GLY D 288 46.35 -4.38 26.74
N GLY D 289 47.21 -5.11 26.02
CA GLY D 289 48.55 -5.40 26.51
C GLY D 289 49.71 -4.68 25.85
N PHE D 290 49.48 -4.14 24.65
CA PHE D 290 50.56 -3.54 23.88
C PHE D 290 50.04 -2.50 22.90
N THR D 291 50.86 -1.48 22.63
CA THR D 291 50.51 -0.46 21.66
C THR D 291 51.76 0.25 21.15
N HIS D 292 51.63 0.96 20.03
CA HIS D 292 52.72 1.77 19.53
C HIS D 292 52.44 3.25 19.79
N ASP D 293 51.56 3.82 18.97
CA ASP D 293 51.11 5.20 19.12
C ASP D 293 52.25 6.19 19.38
N TRP D 294 52.05 7.09 20.35
CA TRP D 294 52.97 8.20 20.59
C TRP D 294 53.37 8.25 22.06
N PHE D 295 54.37 9.07 22.38
CA PHE D 295 54.88 9.13 23.75
C PHE D 295 53.94 9.86 24.72
N ALA D 296 53.77 11.16 24.49
CA ALA D 296 53.08 12.04 25.42
C ALA D 296 51.67 11.58 25.80
N SER D 297 50.82 11.39 24.80
CA SER D 297 49.41 11.06 25.07
C SER D 297 49.25 9.67 25.66
N THR D 298 50.10 8.73 25.28
CA THR D 298 50.07 7.38 25.82
C THR D 298 50.50 7.39 27.28
N MET D 299 51.44 8.27 27.61
CA MET D 299 51.91 8.41 28.99
C MET D 299 50.98 9.31 29.80
N THR D 300 50.04 9.96 29.11
CA THR D 300 49.06 10.81 29.79
C THR D 300 48.03 9.94 30.52
N PHE D 301 47.80 8.75 29.99
CA PHE D 301 46.82 7.82 30.55
C PHE D 301 47.23 7.33 31.93
N ASN D 302 48.53 7.11 32.13
CA ASN D 302 49.05 6.66 33.42
C ASN D 302 48.61 7.57 34.55
N GLU D 303 48.60 8.88 34.29
CA GLU D 303 48.11 9.86 35.24
C GLU D 303 46.58 9.92 35.20
N GLY D 304 46.02 9.84 34.01
CA GLY D 304 44.59 10.00 33.81
C GLY D 304 43.69 8.93 34.38
N LEU D 305 43.89 7.68 33.96
CA LEU D 305 42.98 6.60 34.31
C LEU D 305 43.42 5.82 35.54
N ALA D 306 44.48 6.28 36.21
CA ALA D 306 45.02 5.61 37.39
C ALA D 306 43.97 5.39 38.48
N LYS D 307 42.97 6.27 38.54
CA LYS D 307 41.91 6.15 39.53
C LYS D 307 40.93 5.03 39.20
N THR D 308 40.49 4.99 37.94
CA THR D 308 39.55 3.96 37.49
C THR D 308 40.23 2.60 37.42
N VAL D 309 41.37 2.54 36.75
CA VAL D 309 42.17 1.32 36.72
C VAL D 309 43.36 1.48 37.66
N PRO D 310 43.30 0.79 38.81
CA PRO D 310 44.25 0.96 39.92
C PRO D 310 45.68 0.52 39.60
N GLY D 311 45.83 -0.61 38.91
CA GLY D 311 47.13 -1.20 38.69
C GLY D 311 47.76 -0.91 37.34
N PHE D 312 47.34 0.18 36.71
CA PHE D 312 47.78 0.48 35.35
C PHE D 312 49.07 1.30 35.32
N LYS D 313 50.13 0.70 34.81
CA LYS D 313 51.38 1.43 34.54
C LYS D 313 51.85 1.14 33.12
N LEU D 314 51.84 2.17 32.28
CA LEU D 314 52.30 2.04 30.91
C LEU D 314 53.70 2.62 30.78
N ILE D 315 54.64 1.83 30.25
CA ILE D 315 56.02 2.27 30.14
C ILE D 315 56.55 2.18 28.71
N PRO D 316 57.45 3.10 28.34
CA PRO D 316 58.15 3.05 27.05
C PRO D 316 59.19 1.93 27.02
N ILE D 317 59.31 1.25 25.89
CA ILE D 317 60.32 0.22 25.74
C ILE D 317 61.04 0.36 24.40
N ALA D 318 62.31 -0.01 24.38
CA ALA D 318 63.07 -0.02 23.13
C ALA D 318 62.48 -1.05 22.19
N PRO D 319 62.54 -0.77 20.87
CA PRO D 319 62.03 -1.72 19.88
C PRO D 319 62.70 -3.08 19.98
N PRO D 320 61.91 -4.16 20.03
CA PRO D 320 62.44 -5.52 20.15
C PRO D 320 63.36 -5.88 18.99
N THR D 321 64.35 -6.73 19.25
CA THR D 321 65.28 -7.18 18.22
C THR D 321 64.52 -7.94 17.13
N ASN D 322 64.72 -7.53 15.88
CA ASN D 322 64.03 -8.15 14.75
C ASN D 322 64.70 -9.44 14.30
N SER D 323 64.20 -10.01 13.22
CA SER D 323 64.73 -11.25 12.69
C SER D 323 66.02 -11.01 11.91
N LYS D 324 66.31 -9.74 11.64
CA LYS D 324 67.52 -9.37 10.93
C LYS D 324 68.66 -9.05 11.89
N GLY D 325 68.36 -9.11 13.18
CA GLY D 325 69.34 -8.83 14.20
C GLY D 325 69.63 -7.34 14.35
N GLN D 326 68.57 -6.53 14.26
CA GLN D 326 68.71 -5.08 14.35
C GLN D 326 67.63 -4.47 15.24
N ARG D 327 67.83 -3.22 15.62
CA ARG D 327 66.82 -2.47 16.36
C ARG D 327 66.20 -1.40 15.45
N TRP D 328 64.94 -1.60 15.11
CA TRP D 328 64.28 -0.72 14.15
C TRP D 328 63.15 0.11 14.75
N GLU D 329 63.24 1.43 14.55
CA GLU D 329 62.12 2.32 14.79
C GLU D 329 61.86 3.10 13.51
N GLU D 330 60.75 2.82 12.86
CA GLU D 330 60.50 3.33 11.51
C GLU D 330 60.00 4.76 11.48
N ASP D 331 59.08 5.10 12.38
CA ASP D 331 58.46 6.42 12.34
C ASP D 331 59.30 7.48 13.02
N SER D 332 59.57 8.55 12.27
CA SER D 332 60.27 9.71 12.79
C SER D 332 59.44 10.95 12.50
N ARG D 333 59.41 11.90 13.44
CA ARG D 333 58.67 13.13 13.22
C ARG D 333 59.29 13.90 12.07
N GLN D 334 58.47 14.23 11.09
CA GLN D 334 58.95 14.92 9.90
C GLN D 334 58.54 16.39 9.92
N LYS D 335 59.38 17.24 9.37
CA LYS D 335 59.04 18.64 9.21
C LYS D 335 58.13 18.80 8.01
N VAL D 336 57.25 19.80 8.08
CA VAL D 336 56.33 20.18 6.99
C VAL D 336 55.60 18.98 6.35
N ARG D 337 54.92 18.21 7.20
CA ARG D 337 54.06 17.12 6.72
C ARG D 337 52.97 17.67 5.79
N PRO D 338 52.45 16.82 4.89
CA PRO D 338 51.54 17.32 3.84
C PRO D 338 50.20 17.83 4.35
N ASP D 339 50.21 18.81 5.24
CA ASP D 339 48.99 19.43 5.75
C ASP D 339 49.03 20.93 5.49
N GLY D 340 47.88 21.60 5.57
CA GLY D 340 47.86 23.04 5.43
C GLY D 340 46.59 23.63 4.83
N TRP D 341 46.66 24.89 4.45
CA TRP D 341 45.50 25.55 3.82
C TRP D 341 45.90 26.42 2.64
N ALA D 342 44.95 26.69 1.75
CA ALA D 342 45.24 27.38 0.50
C ALA D 342 44.19 28.45 0.16
N ILE D 343 44.55 29.31 -0.79
CA ILE D 343 43.67 30.38 -1.24
C ILE D 343 43.17 30.13 -2.65
N THR D 344 41.85 30.16 -2.82
CA THR D 344 41.24 29.92 -4.13
C THR D 344 41.31 31.18 -5.01
N VAL D 345 40.81 31.06 -6.23
CA VAL D 345 40.79 32.18 -7.17
C VAL D 345 39.55 33.04 -6.99
N LYS D 346 38.58 32.52 -6.25
CA LYS D 346 37.33 33.24 -5.99
C LYS D 346 37.40 33.99 -4.66
N ASN D 347 38.56 33.93 -4.02
CA ASN D 347 38.78 34.56 -2.71
C ASN D 347 38.53 36.08 -2.73
N LYS D 348 39.02 36.72 -3.79
CA LYS D 348 38.87 38.17 -4.00
C LYS D 348 39.62 39.02 -2.97
N ASN D 349 40.22 38.38 -1.97
CA ASN D 349 41.04 39.09 -0.99
C ASN D 349 42.31 38.33 -0.64
N PRO D 350 43.25 38.23 -1.59
CA PRO D 350 44.48 37.48 -1.38
C PRO D 350 45.42 38.13 -0.36
N VAL D 351 45.36 39.45 -0.26
CA VAL D 351 46.25 40.20 0.63
C VAL D 351 45.92 39.98 2.10
N GLU D 352 44.67 40.19 2.48
CA GLU D 352 44.26 40.01 3.86
C GLU D 352 44.38 38.57 4.29
N THR D 353 44.25 37.65 3.34
CA THR D 353 44.35 36.22 3.63
C THR D 353 45.80 35.76 3.77
N ILE D 354 46.70 36.32 2.96
CA ILE D 354 48.11 35.95 3.08
C ILE D 354 48.70 36.62 4.32
N LYS D 355 48.13 37.75 4.72
CA LYS D 355 48.49 38.39 5.97
C LYS D 355 47.97 37.57 7.14
N PHE D 356 46.74 37.08 6.98
CA PHE D 356 46.10 36.22 7.99
C PHE D 356 46.91 34.94 8.20
N PHE D 357 47.45 34.41 7.11
CA PHE D 357 48.28 33.22 7.17
C PHE D 357 49.63 33.56 7.76
N ASP D 358 50.09 34.78 7.49
CA ASP D 358 51.35 35.26 8.03
C ASP D 358 51.26 35.39 9.55
N PHE D 359 50.05 35.66 10.04
CA PHE D 359 49.82 35.81 11.48
C PHE D 359 50.12 34.55 12.26
N TYR D 360 49.85 33.40 11.67
CA TYR D 360 50.02 32.13 12.37
C TYR D 360 51.47 31.69 12.46
N PHE D 361 52.34 32.34 11.68
CA PHE D 361 53.77 32.14 11.82
C PHE D 361 54.37 33.13 12.82
N SER D 362 53.58 34.14 13.18
CA SER D 362 53.98 35.10 14.19
C SER D 362 53.82 34.51 15.59
N ARG D 363 54.54 35.06 16.55
CA ARG D 363 54.49 34.59 17.93
C ARG D 363 53.08 34.51 18.53
N PRO D 364 52.26 35.58 18.38
CA PRO D 364 50.91 35.44 18.95
C PRO D 364 50.08 34.39 18.25
N GLY D 365 50.26 34.26 16.93
CA GLY D 365 49.56 33.24 16.16
C GLY D 365 49.93 31.85 16.61
N ARG D 366 51.23 31.63 16.81
CA ARG D 366 51.72 30.34 17.31
C ARG D 366 51.21 30.10 18.73
N ASP D 367 51.05 31.18 19.49
CA ASP D 367 50.54 31.09 20.85
C ASP D 367 49.09 30.60 20.87
N ILE D 368 48.24 31.24 20.08
CA ILE D 368 46.82 30.88 20.09
C ILE D 368 46.56 29.57 19.37
N SER D 369 47.42 29.23 18.41
CA SER D 369 47.25 27.98 17.66
C SER D 369 47.74 26.77 18.43
N ASN D 370 48.90 26.91 19.08
CA ASN D 370 49.45 25.82 19.87
C ASN D 370 48.83 25.67 21.26
N PHE D 371 48.71 26.78 21.97
CA PHE D 371 48.38 26.73 23.40
C PHE D 371 46.90 26.96 23.72
N GLY D 372 46.07 27.15 22.70
CA GLY D 372 44.67 27.50 22.95
C GLY D 372 44.52 28.99 23.18
N VAL D 373 43.65 29.36 24.13
CA VAL D 373 43.36 30.77 24.36
C VAL D 373 43.79 31.19 25.76
N PRO D 374 44.35 32.41 25.88
CA PRO D 374 44.80 32.92 27.19
C PRO D 374 43.64 33.27 28.10
N GLY D 375 43.83 33.06 29.41
CA GLY D 375 42.77 33.29 30.38
C GLY D 375 41.91 32.06 30.55
N VAL D 376 42.08 31.08 29.66
CA VAL D 376 41.32 29.84 29.70
C VAL D 376 42.26 28.63 29.71
N THR D 377 42.92 28.40 28.57
CA THR D 377 43.83 27.27 28.46
C THR D 377 45.20 27.54 29.06
N TYR D 378 45.72 28.75 28.84
CA TYR D 378 47.07 29.08 29.29
C TYR D 378 47.20 30.52 29.77
N ASP D 379 48.40 30.87 30.22
CA ASP D 379 48.72 32.23 30.63
C ASP D 379 50.10 32.62 30.12
N ILE D 380 50.39 33.92 30.15
CA ILE D 380 51.70 34.40 29.75
C ILE D 380 52.60 34.59 30.97
N LYS D 381 53.63 33.75 31.06
CA LYS D 381 54.61 33.86 32.13
C LYS D 381 56.03 33.96 31.58
N ASN D 382 56.71 35.02 31.98
CA ASN D 382 58.10 35.28 31.59
C ASN D 382 58.38 35.04 30.11
N GLY D 383 57.72 35.82 29.26
CA GLY D 383 57.92 35.73 27.81
C GLY D 383 57.55 34.40 27.19
N LYS D 384 56.84 33.55 27.93
CA LYS D 384 56.42 32.25 27.41
C LYS D 384 54.95 31.98 27.69
N ALA D 385 54.42 30.95 27.04
CA ALA D 385 53.03 30.54 27.27
C ALA D 385 52.99 29.24 28.07
N VAL D 386 52.36 29.29 29.24
CA VAL D 386 52.28 28.12 30.11
C VAL D 386 50.83 27.71 30.35
N PHE D 387 50.53 26.43 30.12
CA PHE D 387 49.18 25.91 30.26
C PHE D 387 48.63 26.05 31.68
N LYS D 388 47.31 26.19 31.78
CA LYS D 388 46.63 26.25 33.07
C LYS D 388 46.71 24.91 33.79
N ASP D 389 46.52 24.93 35.11
CA ASP D 389 46.49 23.70 35.90
C ASP D 389 45.29 22.85 35.51
N SER D 390 44.23 23.50 35.02
CA SER D 390 43.03 22.79 34.60
C SER D 390 43.31 21.91 33.38
N VAL D 391 44.21 22.38 32.52
CA VAL D 391 44.57 21.63 31.32
C VAL D 391 45.52 20.48 31.62
N LEU D 392 46.53 20.75 32.44
CA LEU D 392 47.57 19.77 32.74
C LEU D 392 47.07 18.62 33.61
N LYS D 393 46.09 18.91 34.47
CA LYS D 393 45.56 17.90 35.39
C LYS D 393 44.42 17.10 34.78
N SER D 394 44.04 17.45 33.55
CA SER D 394 42.96 16.75 32.86
C SER D 394 43.42 15.36 32.41
N PRO D 395 42.57 14.34 32.63
CA PRO D 395 42.86 12.97 32.21
C PRO D 395 42.95 12.85 30.69
N GLN D 396 42.13 13.61 29.99
CA GLN D 396 42.17 13.68 28.55
C GLN D 396 43.44 14.40 28.10
N PRO D 397 44.17 13.83 27.13
CA PRO D 397 45.39 14.44 26.59
C PRO D 397 45.17 15.88 26.14
N VAL D 398 46.16 16.73 26.36
CA VAL D 398 46.05 18.16 26.06
C VAL D 398 45.70 18.43 24.61
N ASN D 399 46.41 17.77 23.69
CA ASN D 399 46.18 17.96 22.27
C ASN D 399 44.75 17.60 21.87
N ASN D 400 44.19 16.60 22.54
CA ASN D 400 42.80 16.19 22.30
C ASN D 400 41.82 17.27 22.75
N GLN D 401 42.20 18.03 23.78
CA GLN D 401 41.40 19.16 24.23
C GLN D 401 41.50 20.29 23.23
N LEU D 402 42.72 20.53 22.76
CA LEU D 402 43.01 21.59 21.80
C LEU D 402 42.29 21.37 20.47
N TYR D 403 42.17 20.11 20.07
CA TYR D 403 41.46 19.77 18.84
C TYR D 403 40.01 20.24 18.89
N ASP D 404 39.38 20.01 20.04
CA ASP D 404 37.99 20.43 20.23
C ASP D 404 37.92 21.93 20.47
N MET D 405 39.02 22.52 20.92
CA MET D 405 39.07 23.96 21.16
C MET D 405 39.45 24.72 19.89
N GLY D 406 39.91 23.99 18.88
CA GLY D 406 40.31 24.60 17.63
C GLY D 406 41.79 24.89 17.55
N ALA D 407 42.56 24.21 18.39
CA ALA D 407 44.01 24.38 18.42
C ALA D 407 44.70 23.10 17.96
N GLN D 408 45.93 23.23 17.48
CA GLN D 408 46.70 22.12 16.94
C GLN D 408 45.98 21.47 15.75
N ILE D 409 45.22 22.29 15.02
CA ILE D 409 44.54 21.83 13.81
C ILE D 409 45.47 22.01 12.61
N PRO D 410 45.32 21.16 11.58
CA PRO D 410 46.23 21.19 10.43
C PRO D 410 46.07 22.43 9.55
N ILE D 411 46.21 23.61 10.14
CA ILE D 411 46.24 24.86 9.40
C ILE D 411 47.70 25.20 9.08
N GLY D 412 47.94 26.42 8.62
CA GLY D 412 49.27 26.82 8.23
C GLY D 412 50.11 27.37 9.38
N PHE D 413 49.75 27.01 10.60
CA PHE D 413 50.46 27.49 11.78
C PHE D 413 51.77 26.73 12.00
N TRP D 414 52.71 27.37 12.70
CA TRP D 414 53.97 26.75 13.07
C TRP D 414 53.88 26.20 14.49
N GLN D 415 54.17 24.92 14.66
CA GLN D 415 54.03 24.26 15.96
C GLN D 415 55.19 24.60 16.89
N ASP D 416 54.89 24.70 18.19
CA ASP D 416 55.89 24.96 19.21
C ASP D 416 56.03 23.74 20.12
N TYR D 417 57.21 23.14 20.13
CA TYR D 417 57.43 21.88 20.84
C TYR D 417 57.30 22.02 22.36
N ASP D 418 57.50 23.23 22.87
CA ASP D 418 57.39 23.49 24.30
C ASP D 418 56.01 23.13 24.81
N TYR D 419 55.00 23.40 23.99
CA TYR D 419 53.63 23.06 24.30
C TYR D 419 53.51 21.57 24.61
N GLU D 420 54.25 20.75 23.86
CA GLU D 420 54.25 19.31 24.06
C GLU D 420 55.11 18.93 25.26
N ARG D 421 56.19 19.69 25.47
CA ARG D 421 57.11 19.42 26.57
C ARG D 421 56.43 19.63 27.93
N GLN D 422 55.45 20.53 27.96
CA GLN D 422 54.77 20.83 29.22
C GLN D 422 54.00 19.64 29.80
N TRP D 423 53.19 18.99 28.97
CA TRP D 423 52.41 17.84 29.45
C TRP D 423 53.13 16.51 29.21
N THR D 424 54.35 16.58 28.72
CA THR D 424 55.18 15.37 28.58
C THR D 424 55.69 14.95 29.95
N THR D 425 55.38 13.71 30.34
CA THR D 425 55.75 13.19 31.65
C THR D 425 57.24 12.83 31.68
N PRO D 426 57.84 12.85 32.89
CA PRO D 426 59.27 12.48 33.04
C PRO D 426 59.59 11.10 32.51
N GLU D 427 58.65 10.15 32.64
CA GLU D 427 58.83 8.82 32.09
C GLU D 427 58.80 8.87 30.57
N ALA D 428 57.89 9.68 30.03
CA ALA D 428 57.78 9.88 28.59
C ALA D 428 59.05 10.51 28.04
N GLN D 429 59.56 11.51 28.76
CA GLN D 429 60.78 12.20 28.36
C GLN D 429 61.97 11.26 28.44
N ALA D 430 61.94 10.36 29.43
CA ALA D 430 62.99 9.35 29.57
C ALA D 430 62.95 8.38 28.41
N GLY D 431 61.75 8.03 27.97
CA GLY D 431 61.59 7.14 26.83
C GLY D 431 62.06 7.80 25.54
N ILE D 432 61.70 9.06 25.37
CA ILE D 432 62.13 9.83 24.21
C ILE D 432 63.65 9.91 24.15
N ASP D 433 64.26 10.31 25.27
CA ASP D 433 65.71 10.38 25.38
C ASP D 433 66.34 9.01 25.13
N MET D 434 65.65 7.96 25.55
CA MET D 434 66.12 6.60 25.32
C MET D 434 66.16 6.27 23.84
N TYR D 435 65.11 6.66 23.12
CA TYR D 435 65.02 6.41 21.69
C TYR D 435 66.03 7.23 20.90
N VAL D 436 66.24 8.48 21.32
CA VAL D 436 67.20 9.35 20.64
C VAL D 436 68.62 8.87 20.88
N LYS D 437 68.93 8.52 22.13
CA LYS D 437 70.24 8.02 22.50
C LYS D 437 70.54 6.68 21.82
N GLY D 438 69.52 5.84 21.73
CA GLY D 438 69.67 4.53 21.12
C GLY D 438 69.76 4.58 19.60
N LYS D 439 69.41 5.72 19.04
CA LYS D 439 69.41 5.93 17.59
C LYS D 439 68.59 4.87 16.86
N TYR D 440 67.49 4.46 17.48
CA TYR D 440 66.59 3.48 16.88
C TYR D 440 65.84 4.10 15.71
N VAL D 441 65.67 5.42 15.77
CA VAL D 441 64.95 6.17 14.75
C VAL D 441 65.59 6.07 13.38
N MET D 442 64.80 5.66 12.38
CA MET D 442 65.27 5.59 11.00
C MET D 442 65.03 6.92 10.30
N PRO D 443 65.95 7.33 9.42
CA PRO D 443 65.85 8.58 8.67
C PRO D 443 64.55 8.70 7.88
N GLY D 444 64.02 9.92 7.79
CA GLY D 444 62.77 10.15 7.09
C GLY D 444 62.95 10.42 5.61
N PHE D 445 61.92 10.11 4.83
CA PHE D 445 61.94 10.33 3.38
C PHE D 445 61.39 11.70 3.05
N GLU D 446 62.24 12.55 2.47
CA GLU D 446 61.87 13.93 2.17
C GLU D 446 60.95 14.04 0.96
N GLY D 447 61.16 13.16 -0.02
CA GLY D 447 60.44 13.24 -1.28
C GLY D 447 61.33 13.80 -2.37
N VAL D 448 60.77 13.95 -3.57
CA VAL D 448 61.56 14.44 -4.69
C VAL D 448 60.82 15.56 -5.44
N ASN D 449 61.55 16.27 -6.28
CA ASN D 449 60.97 17.33 -7.10
C ASN D 449 60.76 16.89 -8.53
N MET D 450 59.50 16.76 -8.93
CA MET D 450 59.15 16.29 -10.26
C MET D 450 58.72 17.45 -11.15
N THR D 451 59.03 17.36 -12.44
CA THR D 451 58.62 18.38 -13.40
C THR D 451 57.12 18.27 -13.69
N ARG D 452 56.62 19.16 -14.54
CA ARG D 452 55.19 19.24 -14.81
C ARG D 452 54.66 17.99 -15.52
N GLU D 453 55.46 17.46 -16.44
CA GLU D 453 55.02 16.32 -17.25
C GLU D 453 55.06 15.01 -16.48
N GLU D 454 56.06 14.83 -15.64
CA GLU D 454 56.27 13.55 -14.96
C GLU D 454 55.49 13.42 -13.65
N ARG D 455 54.96 14.52 -13.15
CA ARG D 455 54.20 14.47 -11.91
C ARG D 455 52.77 14.00 -12.13
N ALA D 456 52.25 14.21 -13.33
CA ALA D 456 50.88 13.85 -13.67
C ALA D 456 50.61 12.37 -13.44
N ILE D 457 51.59 11.54 -13.78
CA ILE D 457 51.50 10.09 -13.58
C ILE D 457 51.30 9.78 -12.10
N TYR D 458 52.14 10.40 -11.26
CA TYR D 458 52.04 10.27 -9.81
C TYR D 458 50.64 10.67 -9.34
N ASP D 459 50.24 11.90 -9.69
CA ASP D 459 48.95 12.45 -9.27
C ASP D 459 47.78 11.55 -9.62
N LYS D 460 47.75 11.05 -10.85
CA LYS D 460 46.65 10.21 -11.31
C LYS D 460 46.66 8.81 -10.71
N TYR D 461 47.80 8.13 -10.81
CA TYR D 461 47.89 6.71 -10.47
C TYR D 461 48.05 6.42 -8.98
N TRP D 462 48.87 7.21 -8.29
CA TRP D 462 49.27 6.88 -6.91
C TRP D 462 48.11 6.77 -5.94
N ALA D 463 47.05 7.54 -6.16
CA ALA D 463 45.88 7.48 -5.28
C ALA D 463 45.22 6.11 -5.36
N ASP D 464 44.90 5.69 -6.57
CA ASP D 464 44.26 4.40 -6.81
C ASP D 464 45.16 3.24 -6.38
N VAL D 465 46.46 3.37 -6.66
CA VAL D 465 47.42 2.34 -6.28
C VAL D 465 47.48 2.19 -4.76
N ARG D 466 47.58 3.31 -4.06
CA ARG D 466 47.65 3.32 -2.60
C ARG D 466 46.39 2.75 -1.98
N THR D 467 45.24 3.15 -2.52
CA THR D 467 43.95 2.64 -2.04
C THR D 467 43.89 1.12 -2.22
N TYR D 468 44.27 0.65 -3.40
CA TYR D 468 44.31 -0.78 -3.69
C TYR D 468 45.21 -1.54 -2.71
N MET D 469 46.39 -0.99 -2.47
CA MET D 469 47.33 -1.58 -1.51
C MET D 469 46.72 -1.66 -0.13
N TYR D 470 46.01 -0.61 0.26
CA TYR D 470 45.35 -0.56 1.57
C TYR D 470 44.31 -1.66 1.69
N GLU D 471 43.46 -1.77 0.67
CA GLU D 471 42.40 -2.78 0.67
C GLU D 471 42.97 -4.20 0.70
N MET D 472 43.99 -4.45 -0.12
CA MET D 472 44.63 -5.76 -0.18
C MET D 472 45.29 -6.12 1.16
N GLY D 473 46.01 -5.16 1.73
CA GLY D 473 46.66 -5.37 3.01
C GLY D 473 45.66 -5.65 4.11
N GLN D 474 44.56 -4.90 4.10
CA GLN D 474 43.49 -5.10 5.07
C GLN D 474 42.88 -6.49 4.91
N ALA D 475 42.75 -6.93 3.67
CA ALA D 475 42.22 -8.27 3.39
C ALA D 475 43.19 -9.35 3.87
N TRP D 476 44.48 -9.03 3.84
CA TRP D 476 45.51 -9.98 4.28
C TRP D 476 45.57 -10.09 5.80
N VAL D 477 45.45 -8.95 6.49
CA VAL D 477 45.51 -8.93 7.94
C VAL D 477 44.34 -9.69 8.56
N MET D 478 43.14 -9.38 8.09
CA MET D 478 41.93 -9.98 8.64
C MET D 478 41.79 -11.46 8.25
N GLY D 479 42.64 -11.90 7.32
CA GLY D 479 42.68 -13.30 6.94
C GLY D 479 41.59 -13.70 5.97
N THR D 480 41.06 -12.73 5.24
CA THR D 480 40.04 -13.01 4.24
C THR D 480 40.68 -13.55 2.96
N LYS D 481 41.98 -13.28 2.80
CA LYS D 481 42.73 -13.77 1.66
C LYS D 481 44.08 -14.34 2.10
N ASP D 482 44.67 -15.17 1.24
CA ASP D 482 45.98 -15.75 1.53
C ASP D 482 47.09 -14.95 0.86
N VAL D 483 48.10 -14.58 1.65
CA VAL D 483 49.23 -13.80 1.17
C VAL D 483 49.98 -14.49 0.03
N ASP D 484 50.59 -15.63 0.34
CA ASP D 484 51.43 -16.35 -0.62
C ASP D 484 50.68 -16.77 -1.88
N LYS D 485 49.40 -17.07 -1.74
CA LYS D 485 48.58 -17.50 -2.87
C LYS D 485 48.29 -16.34 -3.82
N THR D 486 47.90 -15.20 -3.27
CA THR D 486 47.48 -14.06 -4.07
C THR D 486 48.63 -13.10 -4.37
N TRP D 487 49.84 -13.46 -3.95
CA TRP D 487 51.00 -12.58 -4.11
C TRP D 487 51.33 -12.26 -5.56
N ASP D 488 51.29 -13.28 -6.42
CA ASP D 488 51.61 -13.10 -7.83
C ASP D 488 50.61 -12.17 -8.53
N GLU D 489 49.32 -12.47 -8.35
CA GLU D 489 48.26 -11.65 -8.92
C GLU D 489 48.32 -10.24 -8.36
N TYR D 490 48.74 -10.13 -7.11
CA TYR D 490 48.93 -8.83 -6.47
C TYR D 490 50.03 -8.05 -7.18
N GLN D 491 51.12 -8.72 -7.49
CA GLN D 491 52.24 -8.12 -8.22
C GLN D 491 51.81 -7.65 -9.60
N ARG D 492 51.10 -8.51 -10.32
CA ARG D 492 50.63 -8.17 -11.67
C ARG D 492 49.64 -7.00 -11.64
N GLN D 493 48.78 -6.98 -10.63
CA GLN D 493 47.83 -5.89 -10.45
C GLN D 493 48.55 -4.59 -10.14
N LEU D 494 49.63 -4.67 -9.37
CA LEU D 494 50.45 -3.50 -9.11
C LEU D 494 51.12 -3.03 -10.40
N LYS D 495 51.46 -3.98 -11.26
CA LYS D 495 52.09 -3.67 -12.54
C LYS D 495 51.13 -2.92 -13.46
N LEU D 496 49.90 -3.42 -13.57
CA LEU D 496 48.93 -2.82 -14.49
C LEU D 496 48.23 -1.60 -13.90
N ARG D 497 48.49 -1.31 -12.63
CA ARG D 497 47.87 -0.15 -11.99
C ARG D 497 48.80 1.06 -12.04
N GLY D 498 49.97 0.87 -12.64
CA GLY D 498 50.92 1.95 -12.84
C GLY D 498 51.70 2.36 -11.61
N LEU D 499 52.05 1.39 -10.77
CA LEU D 499 52.87 1.65 -9.59
C LEU D 499 54.32 1.88 -9.95
N TYR D 500 54.88 0.98 -10.75
CA TYR D 500 56.29 1.04 -11.13
C TYR D 500 56.55 2.18 -12.11
N GLN D 501 55.49 2.68 -12.72
CA GLN D 501 55.60 3.86 -13.57
C GLN D 501 55.89 5.07 -12.69
N VAL D 502 55.16 5.17 -11.58
CA VAL D 502 55.39 6.22 -10.59
C VAL D 502 56.75 6.04 -9.92
N LEU D 503 57.12 4.79 -9.67
CA LEU D 503 58.43 4.48 -9.09
C LEU D 503 59.57 4.96 -9.99
N GLN D 504 59.50 4.58 -11.27
CA GLN D 504 60.53 4.97 -12.23
C GLN D 504 60.52 6.47 -12.45
N MET D 505 59.36 7.09 -12.34
CA MET D 505 59.24 8.53 -12.50
C MET D 505 59.82 9.26 -11.28
N MET D 506 59.82 8.59 -10.14
CA MET D 506 60.40 9.14 -8.92
C MET D 506 61.92 8.99 -8.96
N GLN D 507 62.38 7.85 -9.48
CA GLN D 507 63.80 7.63 -9.71
C GLN D 507 64.32 8.63 -10.72
N GLN D 508 63.46 9.00 -11.67
CA GLN D 508 63.79 10.00 -12.69
C GLN D 508 64.15 11.34 -12.07
N ALA D 509 63.61 11.59 -10.87
CA ALA D 509 63.95 12.79 -10.11
C ALA D 509 65.18 12.55 -9.24
N TYR D 510 65.06 11.57 -8.33
CA TYR D 510 66.13 11.27 -7.38
C TYR D 510 67.50 11.09 -8.02
N ASP D 511 67.56 10.43 -9.17
CA ASP D 511 68.84 10.18 -9.83
C ASP D 511 69.46 11.48 -10.34
N ARG D 512 68.61 12.44 -10.68
CA ARG D 512 69.09 13.75 -11.11
C ARG D 512 69.50 14.58 -9.91
N GLN D 513 68.86 14.35 -8.77
CA GLN D 513 69.15 15.12 -7.57
C GLN D 513 70.44 14.63 -6.89
N TYR D 514 70.39 13.43 -6.32
CA TYR D 514 71.55 12.87 -5.62
C TYR D 514 72.40 12.00 -6.56
N LYS D 515 73.71 12.21 -6.52
CA LYS D 515 74.62 11.43 -7.36
C LYS D 515 75.65 10.68 -6.53
N ASN D 516 76.61 11.42 -5.98
CA ASN D 516 77.69 10.81 -5.21
C ASN D 516 77.56 11.10 -3.72
N MET E 1 -42.60 24.02 -12.95
CA MET E 1 -43.58 24.64 -13.83
C MET E 1 -44.14 23.63 -14.83
N VAL E 2 -45.07 24.08 -15.67
CA VAL E 2 -45.66 23.23 -16.69
C VAL E 2 -45.17 23.60 -18.08
N ALA E 3 -44.39 22.71 -18.69
CA ALA E 3 -43.77 22.99 -19.97
C ALA E 3 -43.67 21.73 -20.85
N SER E 4 -43.90 21.90 -22.14
CA SER E 4 -43.76 20.80 -23.09
C SER E 4 -42.30 20.58 -23.44
N VAL E 5 -41.95 19.36 -23.84
CA VAL E 5 -40.60 19.08 -24.28
C VAL E 5 -40.59 18.24 -25.55
N SER E 6 -39.93 18.76 -26.58
CA SER E 6 -39.86 18.09 -27.87
C SER E 6 -38.46 17.56 -28.16
N ILE E 7 -38.39 16.27 -28.45
CA ILE E 7 -37.17 15.59 -28.84
C ILE E 7 -37.23 15.25 -30.33
N GLN E 8 -36.36 15.87 -31.12
CA GLN E 8 -36.39 15.72 -32.57
C GLN E 8 -35.13 15.09 -33.13
N ASN E 9 -35.26 13.87 -33.65
CA ASN E 9 -34.18 13.16 -34.34
C ASN E 9 -32.86 13.11 -33.59
N VAL E 10 -32.94 13.00 -32.26
CA VAL E 10 -31.74 12.97 -31.43
C VAL E 10 -31.00 11.65 -31.61
N VAL E 11 -29.69 11.73 -31.82
CA VAL E 11 -28.86 10.56 -32.00
C VAL E 11 -27.48 10.74 -31.37
N LYS E 12 -27.01 9.73 -30.63
CA LYS E 12 -25.68 9.77 -30.06
C LYS E 12 -24.85 8.57 -30.51
N ARG E 13 -23.63 8.84 -30.97
CA ARG E 13 -22.76 7.82 -31.52
C ARG E 13 -21.46 7.67 -30.71
N TYR E 14 -21.08 6.43 -30.46
CA TYR E 14 -19.81 6.14 -29.78
C TYR E 14 -18.86 5.49 -30.77
N ASP E 15 -17.83 6.23 -31.14
CA ASP E 15 -16.86 5.81 -32.16
C ASP E 15 -17.60 5.47 -33.46
N LYS E 16 -17.33 4.29 -34.01
CA LYS E 16 -17.95 3.87 -35.27
C LYS E 16 -19.40 3.43 -35.06
N THR E 17 -19.66 2.75 -33.94
CA THR E 17 -21.00 2.24 -33.64
C THR E 17 -21.91 3.30 -33.03
N THR E 18 -23.21 3.11 -33.19
CA THR E 18 -24.20 4.11 -32.80
C THR E 18 -25.26 3.54 -31.84
N VAL E 19 -25.19 3.96 -30.58
CA VAL E 19 -26.13 3.48 -29.57
C VAL E 19 -27.59 3.82 -29.86
N VAL E 20 -27.89 5.10 -30.01
CA VAL E 20 -29.25 5.54 -30.33
C VAL E 20 -29.38 5.99 -31.79
N HIS E 21 -30.47 5.63 -32.43
CA HIS E 21 -30.68 5.99 -33.83
C HIS E 21 -31.95 6.80 -34.03
N GLY E 22 -31.80 8.08 -34.37
CA GLY E 22 -32.91 8.93 -34.75
C GLY E 22 -34.15 8.90 -33.87
N VAL E 23 -33.95 9.03 -32.56
CA VAL E 23 -35.08 8.99 -31.62
C VAL E 23 -35.88 10.29 -31.67
N SER E 24 -37.17 10.18 -31.95
CA SER E 24 -38.06 11.34 -32.02
C SER E 24 -39.30 11.14 -31.16
N LEU E 25 -39.45 11.97 -30.14
CA LEU E 25 -40.60 11.89 -29.25
C LEU E 25 -41.09 13.27 -28.84
N ASP E 26 -42.39 13.51 -28.97
CA ASP E 26 -42.97 14.77 -28.52
C ASP E 26 -43.72 14.56 -27.20
N ILE E 27 -43.36 15.36 -26.21
CA ILE E 27 -43.92 15.20 -24.87
C ILE E 27 -44.72 16.42 -24.46
N GLU E 28 -46.02 16.20 -24.23
CA GLU E 28 -46.94 17.26 -23.83
C GLU E 28 -46.60 17.79 -22.44
N PRO E 29 -47.01 19.04 -22.15
CA PRO E 29 -46.75 19.59 -20.82
C PRO E 29 -47.51 18.84 -19.73
N GLY E 30 -46.83 18.50 -18.64
CA GLY E 30 -47.45 17.80 -17.53
C GLY E 30 -47.75 16.35 -17.85
N GLU E 31 -47.08 15.81 -18.85
CA GLU E 31 -47.31 14.44 -19.29
C GLU E 31 -46.30 13.46 -18.68
N PHE E 32 -46.78 12.30 -18.27
CA PHE E 32 -45.90 11.26 -17.75
C PHE E 32 -45.57 10.25 -18.84
N VAL E 33 -44.30 10.22 -19.25
CA VAL E 33 -43.86 9.32 -20.29
C VAL E 33 -42.70 8.46 -19.79
N VAL E 34 -42.80 7.15 -20.00
CA VAL E 34 -41.78 6.24 -19.49
C VAL E 34 -41.00 5.53 -20.59
N LEU E 35 -39.68 5.68 -20.55
CA LEU E 35 -38.78 4.89 -21.39
C LEU E 35 -38.53 3.56 -20.70
N VAL E 36 -38.89 2.45 -21.33
CA VAL E 36 -38.72 1.15 -20.68
C VAL E 36 -38.04 0.17 -21.63
N GLY E 37 -37.24 -0.75 -21.09
CA GLY E 37 -36.54 -1.70 -21.92
C GLY E 37 -35.45 -2.47 -21.18
N PRO E 38 -34.72 -3.31 -21.92
CA PRO E 38 -33.61 -4.11 -21.36
C PRO E 38 -32.46 -3.23 -20.89
N SER E 39 -31.44 -3.86 -20.29
CA SER E 39 -30.32 -3.13 -19.71
C SER E 39 -29.57 -2.27 -20.74
N GLY E 40 -28.86 -2.90 -21.65
CA GLY E 40 -28.18 -2.16 -22.70
C GLY E 40 -29.16 -1.54 -23.68
N CYS E 41 -29.10 -0.22 -23.79
CA CYS E 41 -29.96 0.56 -24.69
C CYS E 41 -29.65 2.04 -24.54
N GLY E 42 -30.31 2.86 -25.34
CA GLY E 42 -30.07 4.29 -25.31
C GLY E 42 -31.14 5.11 -24.60
N LYS E 43 -31.99 4.46 -23.82
CA LYS E 43 -33.02 5.18 -23.07
C LYS E 43 -32.38 6.06 -21.99
N SER E 44 -31.41 5.49 -21.28
CA SER E 44 -30.70 6.21 -20.23
C SER E 44 -29.79 7.27 -20.87
N THR E 45 -29.23 6.93 -22.03
CA THR E 45 -28.41 7.88 -22.78
C THR E 45 -29.28 9.03 -23.26
N THR E 46 -30.52 8.71 -23.61
CA THR E 46 -31.48 9.72 -24.05
C THR E 46 -31.83 10.67 -22.92
N LEU E 47 -32.21 10.10 -21.78
CA LEU E 47 -32.53 10.88 -20.59
C LEU E 47 -31.36 11.76 -20.18
N ARG E 48 -30.16 11.18 -20.28
CA ARG E 48 -28.93 11.89 -19.93
C ARG E 48 -28.69 13.03 -20.92
N MET E 49 -29.07 12.82 -22.17
CA MET E 49 -28.94 13.83 -23.20
C MET E 49 -29.91 14.99 -22.95
N VAL E 50 -31.10 14.66 -22.46
CA VAL E 50 -32.07 15.67 -22.06
C VAL E 50 -31.53 16.46 -20.86
N ALA E 51 -30.90 15.74 -19.94
CA ALA E 51 -30.33 16.34 -18.74
C ALA E 51 -29.17 17.28 -19.06
N GLY E 52 -28.39 16.93 -20.07
CA GLY E 52 -27.24 17.71 -20.46
C GLY E 52 -25.93 17.12 -19.97
N LEU E 53 -26.02 15.96 -19.33
CA LEU E 53 -24.83 15.27 -18.83
C LEU E 53 -24.09 14.60 -19.98
N GLU E 54 -24.79 14.39 -21.09
CA GLU E 54 -24.17 13.87 -22.31
C GLU E 54 -24.44 14.77 -23.50
N GLU E 55 -23.49 14.82 -24.42
CA GLU E 55 -23.56 15.72 -25.57
C GLU E 55 -24.48 15.18 -26.67
N ILE E 56 -25.10 16.09 -27.41
CA ILE E 56 -25.95 15.73 -28.54
C ILE E 56 -25.13 15.68 -29.82
N SER E 57 -25.00 14.49 -30.40
CA SER E 57 -24.19 14.32 -31.60
C SER E 57 -24.96 14.70 -32.86
N GLY E 58 -26.28 14.74 -32.76
CA GLY E 58 -27.13 15.09 -33.89
C GLY E 58 -28.59 15.22 -33.50
N GLY E 59 -29.34 15.94 -34.32
CA GLY E 59 -30.73 16.21 -34.02
C GLY E 59 -30.86 17.33 -33.01
N THR E 60 -32.08 17.82 -32.81
CA THR E 60 -32.29 18.93 -31.90
C THR E 60 -33.39 18.62 -30.87
N ILE E 61 -33.19 19.10 -29.65
CA ILE E 61 -34.17 18.94 -28.59
C ILE E 61 -34.43 20.28 -27.89
N ARG E 62 -35.69 20.56 -27.58
CA ARG E 62 -36.01 21.84 -26.95
C ARG E 62 -37.16 21.72 -25.94
N ILE E 63 -37.14 22.58 -24.94
CA ILE E 63 -38.22 22.68 -23.97
C ILE E 63 -38.89 24.03 -24.12
N ASP E 64 -40.21 24.01 -24.35
CA ASP E 64 -40.96 25.21 -24.73
C ASP E 64 -40.35 25.87 -25.96
N GLY E 65 -39.90 27.11 -25.81
CA GLY E 65 -39.30 27.85 -26.90
C GLY E 65 -37.79 27.84 -26.88
N ARG E 66 -37.21 27.41 -25.76
CA ARG E 66 -35.76 27.39 -25.61
C ARG E 66 -35.16 26.10 -26.15
N VAL E 67 -34.16 26.23 -27.04
CA VAL E 67 -33.44 25.08 -27.55
C VAL E 67 -32.29 24.73 -26.61
N ILE E 68 -32.33 23.52 -26.07
CA ILE E 68 -31.38 23.13 -25.03
C ILE E 68 -30.16 22.39 -25.56
N ASN E 69 -30.06 22.24 -26.89
CA ASN E 69 -28.92 21.53 -27.47
C ASN E 69 -27.60 22.11 -27.02
N ASP E 70 -27.42 23.41 -27.23
CA ASP E 70 -26.26 24.09 -26.69
C ASP E 70 -26.71 24.85 -25.46
N LEU E 71 -26.39 24.33 -24.27
CA LEU E 71 -26.80 24.95 -23.03
C LEU E 71 -25.97 24.45 -21.85
N ALA E 72 -26.08 25.13 -20.72
CA ALA E 72 -25.45 24.66 -19.50
C ALA E 72 -26.49 23.91 -18.67
N PRO E 73 -26.08 22.82 -18.01
CA PRO E 73 -27.00 22.00 -17.19
C PRO E 73 -27.73 22.81 -16.12
N LYS E 74 -27.07 23.84 -15.59
CA LYS E 74 -27.68 24.70 -14.60
C LYS E 74 -28.85 25.50 -15.20
N ASP E 75 -28.72 25.82 -16.48
CA ASP E 75 -29.70 26.65 -17.17
C ASP E 75 -30.71 25.81 -17.95
N ARG E 76 -30.58 24.49 -17.87
CA ARG E 76 -31.42 23.58 -18.63
C ARG E 76 -32.84 23.49 -18.05
N ASP E 77 -33.00 24.05 -16.85
CA ASP E 77 -34.28 24.08 -16.15
C ASP E 77 -34.86 22.68 -15.95
N VAL E 78 -33.99 21.71 -15.67
CA VAL E 78 -34.42 20.34 -15.42
C VAL E 78 -33.83 19.81 -14.11
N ALA E 79 -34.47 18.81 -13.52
CA ALA E 79 -33.91 18.19 -12.31
C ALA E 79 -33.90 16.67 -12.45
N MET E 80 -32.82 16.04 -12.00
CA MET E 80 -32.64 14.60 -12.23
C MET E 80 -32.50 13.78 -10.96
N VAL E 81 -33.16 12.62 -10.93
CA VAL E 81 -33.01 11.63 -9.88
C VAL E 81 -32.26 10.40 -10.39
N PHE E 82 -31.11 10.11 -9.78
CA PHE E 82 -30.26 9.01 -10.22
C PHE E 82 -30.60 7.68 -9.55
N GLN E 83 -29.90 6.63 -9.98
CA GLN E 83 -30.08 5.28 -9.48
C GLN E 83 -29.27 5.05 -8.19
N ASN E 84 -28.23 5.86 -8.03
CA ASN E 84 -27.31 5.76 -6.91
C ASN E 84 -27.69 6.72 -5.80
N TYR E 85 -28.88 7.31 -5.95
CA TYR E 85 -29.55 8.19 -4.99
C TYR E 85 -28.90 9.57 -5.04
N ALA E 86 -27.67 9.61 -5.57
CA ALA E 86 -26.94 10.85 -5.85
C ALA E 86 -26.80 11.82 -4.68
N LEU E 87 -27.02 11.36 -3.45
CA LEU E 87 -26.91 12.26 -2.31
C LEU E 87 -25.58 12.10 -1.58
N TYR E 88 -25.04 13.21 -1.11
CA TYR E 88 -23.72 13.20 -0.49
C TYR E 88 -23.81 12.79 0.98
N PRO E 89 -22.98 11.81 1.38
CA PRO E 89 -23.03 11.21 2.72
C PRO E 89 -22.62 12.19 3.82
N HIS E 90 -21.69 13.08 3.51
CA HIS E 90 -21.14 14.01 4.50
C HIS E 90 -22.07 15.17 4.83
N LEU E 91 -22.81 15.65 3.84
CA LEU E 91 -23.74 16.75 4.05
C LEU E 91 -25.01 16.28 4.74
N ASN E 92 -25.66 17.20 5.46
CA ASN E 92 -26.92 16.89 6.13
C ASN E 92 -28.06 16.74 5.13
N VAL E 93 -29.15 16.13 5.56
CA VAL E 93 -30.31 15.93 4.69
C VAL E 93 -30.87 17.25 4.18
N ARG E 94 -31.18 18.16 5.12
CA ARG E 94 -31.64 19.49 4.77
C ARG E 94 -30.60 20.20 3.93
N ASP E 95 -29.33 19.98 4.28
CA ASP E 95 -28.21 20.55 3.55
C ASP E 95 -28.09 19.92 2.16
N ASN E 96 -28.44 18.64 2.06
CA ASN E 96 -28.46 17.94 0.79
C ASN E 96 -29.49 18.56 -0.15
N ILE E 97 -30.71 18.72 0.35
CA ILE E 97 -31.79 19.32 -0.42
C ILE E 97 -31.44 20.75 -0.82
N SER E 98 -30.77 21.46 0.09
CA SER E 98 -30.44 22.87 -0.11
C SER E 98 -29.13 23.08 -0.86
N PHE E 99 -28.50 21.99 -1.28
CA PHE E 99 -27.22 22.04 -1.98
C PHE E 99 -27.24 22.97 -3.19
N GLY E 100 -28.05 22.62 -4.19
CA GLY E 100 -28.17 23.39 -5.40
C GLY E 100 -28.59 24.82 -5.19
N LEU E 101 -29.44 25.04 -4.20
CA LEU E 101 -29.95 26.37 -3.87
C LEU E 101 -28.94 27.23 -3.10
N ARG E 102 -28.02 26.59 -2.39
CA ARG E 102 -27.02 27.33 -1.63
C ARG E 102 -26.03 28.05 -2.53
N LEU E 103 -25.95 27.64 -3.79
CA LEU E 103 -25.13 28.34 -4.78
C LEU E 103 -25.74 29.69 -5.13
N LYS E 104 -27.07 29.75 -5.15
CA LYS E 104 -27.77 31.00 -5.45
C LYS E 104 -28.24 31.71 -4.17
N ARG E 105 -27.56 32.80 -3.87
CA ARG E 105 -27.81 33.67 -2.72
C ARG E 105 -27.86 32.93 -1.38
N THR E 106 -28.80 33.34 -0.53
CA THR E 106 -29.01 32.86 0.85
C THR E 106 -30.08 33.78 1.44
N LYS E 107 -30.51 33.52 2.68
CA LYS E 107 -31.50 34.38 3.34
C LYS E 107 -32.79 34.54 2.53
N LYS E 108 -32.94 35.69 1.88
CA LYS E 108 -34.19 36.11 1.23
C LYS E 108 -34.80 35.06 0.29
N SER E 109 -34.00 34.10 -0.15
CA SER E 109 -34.53 32.92 -0.85
C SER E 109 -35.52 32.24 0.10
N VAL E 110 -35.21 32.37 1.38
CA VAL E 110 -35.99 31.93 2.56
C VAL E 110 -35.89 30.44 2.82
N ILE E 111 -35.86 29.63 1.76
CA ILE E 111 -35.60 28.20 1.86
C ILE E 111 -36.58 27.47 2.79
N ASP E 112 -37.28 28.22 3.63
CA ASP E 112 -38.17 27.66 4.64
C ASP E 112 -39.43 27.09 4.03
N ALA E 113 -40.16 27.91 3.28
CA ALA E 113 -41.38 27.45 2.64
C ALA E 113 -41.08 26.32 1.65
N ALA E 114 -39.95 26.41 0.98
CA ALA E 114 -39.54 25.40 0.00
C ALA E 114 -39.33 24.03 0.63
N VAL E 115 -38.45 23.96 1.63
CA VAL E 115 -38.16 22.68 2.27
C VAL E 115 -39.34 22.19 3.09
N LYS E 116 -40.14 23.13 3.59
CA LYS E 116 -41.35 22.78 4.33
C LYS E 116 -42.32 22.07 3.40
N THR E 117 -42.60 22.68 2.25
CA THR E 117 -43.51 22.09 1.29
C THR E 117 -42.99 20.77 0.75
N ALA E 118 -41.71 20.73 0.40
CA ALA E 118 -41.09 19.51 -0.14
C ALA E 118 -41.17 18.36 0.86
N ALA E 119 -40.68 18.60 2.08
CA ALA E 119 -40.66 17.58 3.12
C ALA E 119 -42.07 17.20 3.56
N ASP E 120 -43.03 18.12 3.40
CA ASP E 120 -44.42 17.84 3.73
C ASP E 120 -45.05 16.94 2.66
N ILE E 121 -44.66 17.18 1.41
CA ILE E 121 -45.11 16.36 0.29
C ILE E 121 -44.59 14.93 0.50
N LEU E 122 -43.30 14.83 0.80
CA LEU E 122 -42.69 13.52 0.99
C LEU E 122 -42.92 13.07 2.43
N GLY E 123 -43.46 13.98 3.24
CA GLY E 123 -43.89 13.68 4.60
C GLY E 123 -42.84 13.47 5.67
N LEU E 124 -41.69 14.11 5.56
CA LEU E 124 -40.70 13.98 6.62
C LEU E 124 -40.49 15.27 7.41
N GLN E 125 -41.12 15.35 8.58
CA GLN E 125 -40.83 16.41 9.55
C GLN E 125 -39.48 16.21 10.27
N PRO E 126 -39.26 15.03 10.91
CA PRO E 126 -38.04 14.83 11.69
C PRO E 126 -36.77 14.64 10.87
N LEU E 127 -36.91 14.21 9.61
CA LEU E 127 -35.75 13.84 8.82
C LEU E 127 -34.99 15.04 8.30
N LEU E 128 -35.51 16.24 8.55
CA LEU E 128 -34.85 17.46 8.11
C LEU E 128 -33.42 17.51 8.62
N GLU E 129 -33.23 17.16 9.90
CA GLU E 129 -31.89 17.05 10.45
C GLU E 129 -31.49 15.58 10.55
N ARG E 130 -30.64 15.15 9.62
CA ARG E 130 -30.18 13.76 9.52
C ARG E 130 -29.00 13.67 8.54
N LYS E 131 -28.41 12.49 8.46
CA LYS E 131 -27.37 12.22 7.49
C LYS E 131 -27.75 11.01 6.64
N PRO E 132 -27.45 11.05 5.33
CA PRO E 132 -27.79 9.96 4.41
C PRO E 132 -27.17 8.63 4.81
N SER E 133 -26.05 8.71 5.52
CA SER E 133 -25.32 7.54 6.02
C SER E 133 -26.18 6.68 6.94
N ASP E 134 -26.97 7.33 7.78
CA ASP E 134 -27.79 6.64 8.77
C ASP E 134 -29.25 6.42 8.35
N LEU E 135 -29.60 6.81 7.12
CA LEU E 135 -30.96 6.58 6.65
C LEU E 135 -31.08 5.28 5.87
N SER E 136 -32.31 4.90 5.52
CA SER E 136 -32.54 3.73 4.69
C SER E 136 -32.52 4.12 3.20
N GLY E 137 -32.57 3.12 2.33
CA GLY E 137 -32.55 3.35 0.90
C GLY E 137 -33.74 4.13 0.38
N GLY E 138 -34.94 3.71 0.79
CA GLY E 138 -36.16 4.36 0.36
C GLY E 138 -36.23 5.81 0.80
N GLN E 139 -35.75 6.08 2.02
CA GLN E 139 -35.71 7.43 2.53
C GLN E 139 -34.70 8.28 1.77
N ARG E 140 -33.58 7.65 1.40
CA ARG E 140 -32.56 8.31 0.59
C ARG E 140 -33.08 8.68 -0.79
N GLN E 141 -33.81 7.78 -1.42
CA GLN E 141 -34.38 8.05 -2.74
C GLN E 141 -35.49 9.10 -2.63
N ARG E 142 -36.20 9.07 -1.51
CA ARG E 142 -37.27 10.02 -1.26
C ARG E 142 -36.72 11.44 -1.11
N VAL E 143 -35.70 11.59 -0.28
CA VAL E 143 -35.09 12.90 -0.07
C VAL E 143 -34.34 13.34 -1.33
N ALA E 144 -33.89 12.37 -2.13
CA ALA E 144 -33.29 12.70 -3.42
C ALA E 144 -34.34 13.34 -4.32
N MET E 145 -35.53 12.74 -4.33
CA MET E 145 -36.67 13.32 -5.04
C MET E 145 -37.00 14.69 -4.45
N GLY E 146 -36.74 14.87 -3.16
CA GLY E 146 -36.91 16.15 -2.52
C GLY E 146 -35.97 17.21 -3.05
N ARG E 147 -34.72 16.80 -3.31
CA ARG E 147 -33.75 17.68 -3.95
C ARG E 147 -34.21 18.00 -5.37
N ALA E 148 -34.84 17.02 -6.01
CA ALA E 148 -35.32 17.21 -7.37
C ALA E 148 -36.42 18.26 -7.42
N ILE E 149 -37.37 18.18 -6.48
CA ILE E 149 -38.53 19.07 -6.50
C ILE E 149 -38.24 20.44 -5.88
N VAL E 150 -37.14 20.55 -5.15
CA VAL E 150 -36.78 21.83 -4.52
C VAL E 150 -36.19 22.78 -5.57
N ARG E 151 -35.85 22.23 -6.73
CA ARG E 151 -35.34 23.01 -7.85
C ARG E 151 -36.48 23.72 -8.56
N ASP E 152 -37.65 23.10 -8.51
CA ASP E 152 -38.83 23.55 -9.25
C ASP E 152 -38.51 23.76 -10.74
N PRO E 153 -38.19 22.66 -11.44
CA PRO E 153 -37.82 22.75 -12.85
C PRO E 153 -39.02 22.62 -13.78
N LYS E 154 -38.78 22.75 -15.08
CA LYS E 154 -39.81 22.48 -16.06
C LYS E 154 -39.93 20.98 -16.33
N VAL E 155 -38.85 20.25 -16.08
CA VAL E 155 -38.85 18.81 -16.37
C VAL E 155 -38.20 17.97 -15.25
N PHE E 156 -38.92 16.92 -14.85
CA PHE E 156 -38.40 15.91 -13.95
C PHE E 156 -37.83 14.73 -14.75
N LEU E 157 -36.56 14.43 -14.51
CA LEU E 157 -35.87 13.34 -15.17
C LEU E 157 -35.61 12.22 -14.19
N PHE E 158 -36.16 11.04 -14.43
CA PHE E 158 -35.92 9.91 -13.53
C PHE E 158 -35.13 8.82 -14.22
N ASP E 159 -33.96 8.47 -13.68
CA ASP E 159 -33.23 7.34 -14.25
C ASP E 159 -33.24 6.16 -13.30
N GLN E 160 -34.04 5.15 -13.65
CA GLN E 160 -34.21 3.95 -12.81
C GLN E 160 -34.22 4.28 -11.33
N PRO E 161 -35.18 5.12 -10.90
CA PRO E 161 -35.06 5.71 -9.55
C PRO E 161 -34.97 4.68 -8.44
N LEU E 162 -35.85 3.67 -8.41
CA LEU E 162 -35.62 2.63 -7.43
C LEU E 162 -35.26 1.32 -8.11
N SER E 163 -33.96 1.13 -8.33
CA SER E 163 -33.43 -0.15 -8.77
C SER E 163 -33.15 -1.05 -7.57
N ASN E 164 -32.56 -0.42 -6.56
CA ASN E 164 -31.98 -1.11 -5.42
C ASN E 164 -32.93 -1.37 -4.25
N LEU E 165 -34.13 -0.81 -4.30
CA LEU E 165 -35.08 -1.01 -3.22
C LEU E 165 -35.73 -2.38 -3.36
N ASP E 166 -36.29 -2.88 -2.27
CA ASP E 166 -36.98 -4.17 -2.29
C ASP E 166 -38.37 -3.99 -2.87
N ALA E 167 -38.99 -5.10 -3.30
CA ALA E 167 -40.29 -5.06 -3.94
C ALA E 167 -41.35 -4.44 -3.04
N LYS E 168 -41.30 -4.80 -1.76
CA LYS E 168 -42.19 -4.24 -0.75
C LYS E 168 -42.07 -2.73 -0.72
N LEU E 169 -40.85 -2.23 -0.69
CA LEU E 169 -40.59 -0.80 -0.69
C LEU E 169 -40.78 -0.19 -2.07
N ARG E 170 -40.54 -1.00 -3.10
CA ARG E 170 -40.66 -0.54 -4.48
C ARG E 170 -42.09 -0.18 -4.86
N THR E 171 -43.04 -1.04 -4.50
CA THR E 171 -44.44 -0.78 -4.82
C THR E 171 -44.92 0.49 -4.10
N GLN E 172 -44.38 0.69 -2.91
CA GLN E 172 -44.74 1.84 -2.08
C GLN E 172 -44.21 3.13 -2.72
N MET E 173 -42.91 3.16 -3.00
CA MET E 173 -42.31 4.33 -3.66
C MET E 173 -42.96 4.59 -5.02
N ARG E 174 -43.43 3.52 -5.65
CA ARG E 174 -44.14 3.62 -6.93
C ARG E 174 -45.43 4.39 -6.75
N ALA E 175 -46.23 3.94 -5.78
CA ALA E 175 -47.49 4.62 -5.45
C ALA E 175 -47.25 6.08 -5.06
N GLU E 176 -46.18 6.31 -4.31
CA GLU E 176 -45.81 7.66 -3.89
C GLU E 176 -45.43 8.53 -5.07
N ILE E 177 -44.81 7.93 -6.08
CA ILE E 177 -44.44 8.64 -7.31
C ILE E 177 -45.71 9.02 -8.06
N LYS E 178 -46.64 8.07 -8.16
CA LYS E 178 -47.92 8.32 -8.81
C LYS E 178 -48.65 9.48 -8.13
N ARG E 179 -48.76 9.41 -6.80
CA ARG E 179 -49.39 10.48 -6.03
C ARG E 179 -48.70 11.82 -6.22
N LEU E 180 -47.37 11.79 -6.24
CA LEU E 180 -46.57 13.01 -6.41
C LEU E 180 -46.84 13.67 -7.76
N HIS E 181 -46.86 12.87 -8.82
CA HIS E 181 -47.13 13.42 -10.14
C HIS E 181 -48.57 13.87 -10.28
N GLN E 182 -49.48 13.20 -9.58
CA GLN E 182 -50.89 13.59 -9.57
C GLN E 182 -51.07 14.90 -8.81
N ARG E 183 -50.16 15.19 -7.89
CA ARG E 183 -50.25 16.40 -7.08
C ARG E 183 -49.65 17.61 -7.80
N LEU E 184 -48.35 17.54 -8.05
CA LEU E 184 -47.62 18.64 -8.69
C LEU E 184 -48.01 18.76 -10.16
N GLY E 185 -47.72 17.71 -10.94
CA GLY E 185 -48.13 17.66 -12.33
C GLY E 185 -47.19 18.30 -13.34
N THR E 186 -45.92 18.43 -12.97
CA THR E 186 -44.92 18.94 -13.90
C THR E 186 -44.56 17.86 -14.91
N THR E 187 -44.10 18.26 -16.10
CA THR E 187 -43.68 17.32 -17.13
C THR E 187 -42.52 16.46 -16.65
N VAL E 188 -42.65 15.15 -16.82
CA VAL E 188 -41.66 14.20 -16.30
C VAL E 188 -41.41 13.04 -17.26
N ILE E 189 -40.15 12.77 -17.52
CA ILE E 189 -39.74 11.59 -18.29
C ILE E 189 -39.06 10.58 -17.35
N TYR E 190 -39.46 9.32 -17.50
CA TYR E 190 -39.12 8.27 -16.54
C TYR E 190 -38.48 7.06 -17.22
N VAL E 191 -37.37 6.59 -16.66
CA VAL E 191 -36.64 5.47 -17.24
C VAL E 191 -36.69 4.26 -16.31
N THR E 192 -37.04 3.10 -16.85
CA THR E 192 -37.17 1.90 -16.03
C THR E 192 -36.73 0.63 -16.75
N HIS E 193 -36.19 -0.31 -15.98
CA HIS E 193 -35.92 -1.66 -16.48
C HIS E 193 -37.08 -2.58 -16.10
N ASP E 194 -38.04 -2.03 -15.37
CA ASP E 194 -39.19 -2.80 -14.89
C ASP E 194 -40.44 -2.44 -15.69
N GLN E 195 -41.15 -3.46 -16.17
CA GLN E 195 -42.35 -3.26 -16.96
C GLN E 195 -43.53 -2.77 -16.11
N VAL E 196 -43.59 -3.24 -14.87
CA VAL E 196 -44.69 -2.91 -13.97
C VAL E 196 -44.80 -1.40 -13.72
N GLU E 197 -43.68 -0.79 -13.35
CA GLU E 197 -43.64 0.65 -13.07
C GLU E 197 -44.03 1.45 -14.32
N ALA E 198 -43.60 0.98 -15.48
CA ALA E 198 -43.94 1.60 -16.74
C ALA E 198 -45.45 1.56 -16.96
N MET E 199 -46.04 0.39 -16.73
CA MET E 199 -47.47 0.21 -16.89
C MET E 199 -48.28 1.09 -15.95
N THR E 200 -47.89 1.12 -14.68
CA THR E 200 -48.64 1.85 -13.66
C THR E 200 -48.50 3.36 -13.74
N LEU E 201 -47.27 3.84 -13.84
CA LEU E 201 -46.99 5.27 -13.73
C LEU E 201 -47.27 6.07 -15.00
N ALA E 202 -46.93 5.51 -16.14
CA ALA E 202 -46.90 6.28 -17.39
C ALA E 202 -48.28 6.62 -17.93
N ASP E 203 -48.41 7.84 -18.44
CA ASP E 203 -49.53 8.21 -19.30
C ASP E 203 -49.23 7.66 -20.69
N ARG E 204 -47.96 7.72 -21.06
CA ARG E 204 -47.50 7.12 -22.31
C ARG E 204 -46.25 6.27 -22.08
N ILE E 205 -46.24 5.08 -22.69
CA ILE E 205 -45.10 4.19 -22.59
C ILE E 205 -44.36 4.07 -23.92
N VAL E 206 -43.06 4.30 -23.88
CA VAL E 206 -42.22 4.06 -25.05
C VAL E 206 -41.22 2.94 -24.73
N VAL E 207 -41.29 1.90 -25.54
CA VAL E 207 -40.42 0.75 -25.36
C VAL E 207 -39.18 0.91 -26.24
N MET E 208 -38.04 0.55 -25.68
CA MET E 208 -36.76 0.65 -26.37
C MET E 208 -35.92 -0.61 -26.16
N ARG E 209 -35.54 -1.23 -27.27
CA ARG E 209 -34.63 -2.37 -27.27
C ARG E 209 -33.30 -1.81 -27.75
N ASP E 210 -32.24 -2.60 -27.77
CA ASP E 210 -30.98 -2.03 -28.23
C ASP E 210 -31.21 -1.73 -29.69
N GLY E 211 -31.19 -0.44 -30.01
CA GLY E 211 -31.56 0.02 -31.32
C GLY E 211 -32.24 1.37 -31.16
N LEU E 212 -33.16 1.67 -32.06
CA LEU E 212 -33.98 2.87 -31.98
C LEU E 212 -35.25 2.60 -31.17
N ILE E 213 -36.22 3.51 -31.25
CA ILE E 213 -37.47 3.41 -30.48
C ILE E 213 -38.43 2.37 -31.07
N GLU E 214 -38.82 1.40 -30.25
CA GLU E 214 -39.59 0.24 -30.69
C GLU E 214 -41.09 0.52 -30.90
N GLN E 215 -41.69 1.28 -29.98
CA GLN E 215 -43.12 1.58 -30.04
C GLN E 215 -43.50 2.63 -28.99
N ILE E 216 -44.63 3.29 -29.20
CA ILE E 216 -45.18 4.25 -28.24
C ILE E 216 -46.66 4.00 -28.04
N GLY E 217 -47.20 4.46 -26.92
CA GLY E 217 -48.64 4.39 -26.69
C GLY E 217 -49.01 4.30 -25.23
N LYS E 218 -50.32 4.25 -24.96
CA LYS E 218 -50.83 4.04 -23.62
C LYS E 218 -50.54 2.61 -23.17
N PRO E 219 -50.43 2.39 -21.85
CA PRO E 219 -50.15 1.05 -21.31
C PRO E 219 -51.07 -0.04 -21.84
N MET E 220 -52.37 0.25 -21.88
CA MET E 220 -53.35 -0.72 -22.37
C MET E 220 -53.23 -0.91 -23.87
N ASP E 221 -52.74 0.11 -24.56
CA ASP E 221 -52.54 0.03 -26.00
C ASP E 221 -51.39 -0.91 -26.32
N LEU E 222 -50.38 -0.91 -25.45
CA LEU E 222 -49.24 -1.81 -25.60
C LEU E 222 -49.59 -3.22 -25.15
N PHE E 223 -50.43 -3.32 -24.12
CA PHE E 223 -50.83 -4.62 -23.60
C PHE E 223 -51.75 -5.36 -24.57
N LEU E 224 -52.72 -4.64 -25.13
CA LEU E 224 -53.69 -5.22 -26.04
C LEU E 224 -53.11 -5.47 -27.43
N HIS E 225 -52.38 -4.50 -27.95
CA HIS E 225 -51.90 -4.57 -29.33
C HIS E 225 -50.40 -4.35 -29.43
N PRO E 226 -49.61 -5.40 -29.15
CA PRO E 226 -48.15 -5.33 -29.28
C PRO E 226 -47.71 -5.21 -30.75
N ALA E 227 -46.74 -4.34 -31.00
CA ALA E 227 -46.26 -4.12 -32.37
C ALA E 227 -45.56 -5.36 -32.91
N ASN E 228 -44.85 -6.06 -32.04
CA ASN E 228 -44.12 -7.26 -32.42
C ASN E 228 -44.11 -8.31 -31.31
N THR E 229 -43.34 -9.37 -31.49
CA THR E 229 -43.29 -10.45 -30.52
C THR E 229 -42.54 -10.04 -29.25
N PHE E 230 -41.65 -9.06 -29.40
CA PHE E 230 -40.84 -8.59 -28.28
C PHE E 230 -41.66 -7.81 -27.28
N VAL E 231 -42.47 -6.88 -27.79
CA VAL E 231 -43.36 -6.10 -26.93
C VAL E 231 -44.37 -7.02 -26.24
N ALA E 232 -44.85 -8.01 -26.99
CA ALA E 232 -45.78 -9.00 -26.47
C ALA E 232 -45.17 -9.82 -25.35
N SER E 233 -43.92 -10.22 -25.52
CA SER E 233 -43.22 -11.03 -24.52
C SER E 233 -42.81 -10.21 -23.30
N PHE E 234 -42.58 -8.92 -23.51
CA PHE E 234 -42.02 -8.06 -22.48
C PHE E 234 -43.04 -7.60 -21.44
N ILE E 235 -44.24 -7.25 -21.90
CA ILE E 235 -45.24 -6.66 -21.03
C ILE E 235 -46.26 -7.66 -20.50
N GLY E 236 -46.47 -7.61 -19.19
CA GLY E 236 -47.49 -8.38 -18.50
C GLY E 236 -46.90 -8.88 -17.20
N SER E 237 -47.73 -9.34 -16.27
CA SER E 237 -47.18 -9.92 -15.05
C SER E 237 -46.55 -11.29 -15.37
N PRO E 238 -47.34 -12.22 -15.95
CA PRO E 238 -46.65 -13.34 -16.61
C PRO E 238 -46.23 -12.94 -18.01
N PRO E 239 -45.19 -13.58 -18.56
CA PRO E 239 -44.86 -13.32 -19.97
C PRO E 239 -45.90 -13.97 -20.89
N MET E 240 -46.16 -13.35 -22.04
CA MET E 240 -47.09 -13.93 -23.00
C MET E 240 -46.56 -15.21 -23.62
N ASN E 241 -47.41 -16.23 -23.69
CA ASN E 241 -47.03 -17.51 -24.27
C ASN E 241 -46.77 -17.31 -25.75
N LEU E 242 -45.57 -17.69 -26.21
CA LEU E 242 -45.25 -17.56 -27.63
C LEU E 242 -44.74 -18.89 -28.18
N MET E 243 -45.55 -19.56 -28.97
CA MET E 243 -45.14 -20.83 -29.55
C MET E 243 -45.29 -20.85 -31.06
N PRO E 244 -44.40 -21.59 -31.76
CA PRO E 244 -44.45 -21.68 -33.22
C PRO E 244 -45.73 -22.35 -33.71
N ALA E 245 -46.16 -21.96 -34.91
CA ALA E 245 -47.44 -22.37 -35.45
C ALA E 245 -47.49 -22.14 -36.97
N ARG E 246 -48.41 -22.81 -37.64
CA ARG E 246 -48.57 -22.65 -39.07
C ARG E 246 -50.02 -22.66 -39.52
N ILE E 247 -50.22 -22.50 -40.82
CA ILE E 247 -51.54 -22.49 -41.44
C ILE E 247 -51.50 -23.39 -42.66
N ALA E 248 -52.51 -24.20 -42.90
CA ALA E 248 -52.40 -25.16 -43.99
C ALA E 248 -53.46 -25.06 -45.10
N VAL E 249 -54.64 -25.63 -44.85
CA VAL E 249 -55.69 -25.60 -45.88
C VAL E 249 -56.52 -24.31 -45.94
N ASP E 250 -57.09 -23.93 -44.80
CA ASP E 250 -57.84 -22.68 -44.68
C ASP E 250 -57.02 -21.64 -43.93
N SER E 251 -57.13 -20.38 -44.33
CA SER E 251 -56.29 -19.35 -43.76
C SER E 251 -56.92 -18.65 -42.57
N THR E 252 -57.95 -17.84 -42.81
CA THR E 252 -58.52 -17.01 -41.77
C THR E 252 -59.25 -17.82 -40.70
N GLN E 253 -59.65 -19.04 -41.05
CA GLN E 253 -60.43 -19.85 -40.12
C GLN E 253 -59.62 -20.91 -39.35
N HIS E 254 -58.33 -21.02 -39.64
CA HIS E 254 -57.52 -22.07 -39.01
C HIS E 254 -56.09 -21.65 -38.71
N VAL E 255 -55.59 -22.13 -37.56
CA VAL E 255 -54.19 -22.01 -37.17
C VAL E 255 -53.79 -23.33 -36.49
N GLU E 256 -52.65 -23.89 -36.88
CA GLU E 256 -52.24 -25.21 -36.43
C GLU E 256 -51.09 -25.15 -35.41
N LEU E 257 -51.07 -26.11 -34.48
CA LEU E 257 -50.06 -26.13 -33.44
C LEU E 257 -49.24 -27.41 -33.46
N ASN E 258 -48.20 -27.43 -32.63
CA ASN E 258 -47.27 -28.54 -32.52
C ASN E 258 -47.85 -29.93 -32.26
N GLY E 259 -48.59 -30.08 -31.17
CA GLY E 259 -49.00 -31.40 -30.72
C GLY E 259 -50.20 -31.98 -31.46
N GLY E 260 -50.52 -31.40 -32.62
CA GLY E 260 -51.62 -31.85 -33.42
C GLY E 260 -52.86 -31.06 -33.08
N ASN E 261 -52.65 -29.92 -32.45
CA ASN E 261 -53.75 -29.03 -32.05
C ASN E 261 -54.08 -28.01 -33.13
N ARG E 262 -55.37 -27.73 -33.30
CA ARG E 262 -55.81 -26.79 -34.30
C ARG E 262 -56.83 -25.82 -33.70
N ILE E 263 -56.68 -24.54 -34.01
CA ILE E 263 -57.53 -23.50 -33.45
C ILE E 263 -58.28 -22.72 -34.52
N SER E 264 -59.57 -22.52 -34.32
CA SER E 264 -60.37 -21.70 -35.22
C SER E 264 -60.19 -20.23 -34.86
N LEU E 265 -59.95 -19.39 -35.85
CA LEU E 265 -59.67 -17.97 -35.62
C LEU E 265 -60.83 -17.08 -36.03
N LEU E 266 -61.05 -16.01 -35.28
CA LEU E 266 -62.05 -15.00 -35.63
C LEU E 266 -61.57 -14.21 -36.84
N PRO E 267 -62.51 -13.76 -37.70
CA PRO E 267 -62.13 -13.11 -38.96
C PRO E 267 -61.27 -11.85 -38.80
N ARG E 268 -61.71 -10.94 -37.93
CA ARG E 268 -60.95 -9.73 -37.60
C ARG E 268 -60.34 -9.01 -38.80
N ALA E 269 -61.16 -8.35 -39.60
CA ALA E 269 -60.71 -7.71 -40.84
C ALA E 269 -59.54 -6.74 -40.59
N GLY E 270 -58.62 -6.68 -41.54
CA GLY E 270 -57.42 -5.89 -41.39
C GLY E 270 -56.21 -6.76 -41.12
N THR E 271 -56.42 -8.07 -41.21
CA THR E 271 -55.38 -9.07 -40.97
C THR E 271 -54.42 -9.25 -42.15
N HIS E 272 -54.97 -9.65 -43.29
CA HIS E 272 -54.19 -10.08 -44.44
C HIS E 272 -53.23 -11.22 -44.07
N LEU E 273 -53.80 -12.35 -43.66
CA LEU E 273 -53.01 -13.53 -43.37
C LEU E 273 -52.69 -14.31 -44.64
N ALA E 274 -51.78 -15.27 -44.53
CA ALA E 274 -51.45 -16.14 -45.65
C ALA E 274 -51.49 -17.61 -45.24
N PRO E 275 -51.96 -18.48 -46.14
CA PRO E 275 -51.87 -19.93 -45.93
C PRO E 275 -50.44 -20.43 -46.13
N GLY E 276 -50.01 -21.37 -45.29
CA GLY E 276 -48.66 -21.91 -45.37
C GLY E 276 -47.64 -21.02 -44.70
N GLN E 277 -48.08 -19.86 -44.24
CA GLN E 277 -47.19 -18.89 -43.61
C GLN E 277 -46.72 -19.35 -42.24
N GLU E 278 -45.40 -19.35 -42.05
CA GLU E 278 -44.83 -19.65 -40.74
C GLU E 278 -45.16 -18.51 -39.79
N VAL E 279 -45.75 -18.83 -38.65
CA VAL E 279 -46.24 -17.79 -37.75
C VAL E 279 -45.92 -18.16 -36.31
N VAL E 280 -45.67 -17.17 -35.47
CA VAL E 280 -45.56 -17.43 -34.05
C VAL E 280 -46.85 -16.98 -33.37
N PHE E 281 -47.56 -17.96 -32.80
CA PHE E 281 -48.82 -17.70 -32.12
C PHE E 281 -48.58 -17.36 -30.66
N GLY E 282 -49.10 -16.20 -30.25
CA GLY E 282 -49.07 -15.83 -28.85
C GLY E 282 -50.43 -15.82 -28.18
N ILE E 283 -50.42 -16.01 -26.86
CA ILE E 283 -51.64 -15.95 -26.06
C ILE E 283 -51.31 -15.56 -24.63
N ARG E 284 -52.21 -14.82 -23.97
CA ARG E 284 -51.98 -14.43 -22.59
C ARG E 284 -52.41 -15.54 -21.63
N PRO E 285 -51.66 -15.71 -20.52
CA PRO E 285 -51.98 -16.73 -19.52
C PRO E 285 -53.35 -16.55 -18.89
N GLU E 286 -53.84 -15.31 -18.84
CA GLU E 286 -55.16 -15.01 -18.30
C GLU E 286 -56.25 -15.40 -19.29
N ASP E 287 -55.88 -15.50 -20.56
CA ASP E 287 -56.84 -15.77 -21.63
C ASP E 287 -56.94 -17.27 -21.91
N VAL E 288 -56.22 -18.07 -21.14
CA VAL E 288 -56.30 -19.51 -21.25
C VAL E 288 -57.01 -20.07 -20.01
N THR E 289 -57.93 -21.00 -20.23
CA THR E 289 -58.74 -21.58 -19.17
C THR E 289 -58.68 -23.11 -19.17
N LEU E 290 -59.40 -23.73 -18.24
CA LEU E 290 -59.43 -25.17 -18.13
C LEU E 290 -60.70 -25.80 -18.70
N ASP E 291 -60.50 -26.66 -19.71
CA ASP E 291 -61.52 -27.54 -20.32
C ASP E 291 -62.84 -26.90 -20.74
N GLY E 292 -63.94 -27.35 -20.13
CA GLY E 292 -65.28 -27.08 -20.62
C GLY E 292 -66.14 -26.04 -19.93
N VAL E 293 -65.52 -25.11 -19.19
CA VAL E 293 -66.25 -24.07 -18.46
C VAL E 293 -67.35 -23.40 -19.29
N GLU E 294 -66.97 -22.66 -20.32
CA GLU E 294 -67.96 -22.03 -21.20
C GLU E 294 -67.79 -22.47 -22.65
N GLY E 295 -66.77 -21.95 -23.32
CA GLY E 295 -66.44 -22.33 -24.69
C GLY E 295 -67.50 -22.10 -25.75
N SER E 296 -67.75 -23.11 -26.58
CA SER E 296 -67.09 -24.41 -26.41
C SER E 296 -66.75 -25.17 -27.69
N GLU E 297 -65.73 -26.01 -27.56
CA GLU E 297 -65.25 -27.00 -28.54
C GLU E 297 -64.49 -26.50 -29.77
N ARG E 298 -64.63 -25.23 -30.14
CA ARG E 298 -63.86 -24.75 -31.29
C ARG E 298 -62.65 -23.92 -30.85
N ALA E 299 -62.57 -23.62 -29.56
CA ALA E 299 -61.44 -22.86 -29.02
C ALA E 299 -60.45 -23.72 -28.25
N GLN E 300 -60.75 -25.00 -28.06
CA GLN E 300 -59.99 -25.81 -27.13
C GLN E 300 -58.65 -26.29 -27.67
N ILE E 301 -57.90 -26.98 -26.81
CA ILE E 301 -56.55 -27.42 -27.11
C ILE E 301 -56.22 -28.58 -26.16
N LYS E 302 -55.24 -29.41 -26.53
CA LYS E 302 -54.90 -30.56 -25.70
C LYS E 302 -53.43 -30.52 -25.27
N ALA E 303 -53.20 -30.75 -23.99
CA ALA E 303 -51.85 -30.69 -23.43
C ALA E 303 -51.63 -31.73 -22.35
N THR E 304 -50.42 -31.74 -21.81
CA THR E 304 -50.07 -32.59 -20.69
C THR E 304 -49.44 -31.72 -19.60
N VAL E 305 -49.96 -31.82 -18.38
CA VAL E 305 -49.51 -30.96 -17.30
C VAL E 305 -48.04 -31.16 -16.99
N ASP E 306 -47.29 -30.07 -16.98
CA ASP E 306 -45.87 -30.11 -16.62
C ASP E 306 -45.73 -29.94 -15.12
N ILE E 307 -46.01 -28.73 -14.64
CA ILE E 307 -45.97 -28.42 -13.22
C ILE E 307 -47.07 -27.41 -12.88
N VAL E 308 -47.43 -27.33 -11.60
CA VAL E 308 -48.39 -26.35 -11.12
C VAL E 308 -47.83 -25.65 -9.88
N GLU E 309 -47.80 -24.31 -9.90
CA GLU E 309 -47.26 -23.56 -8.77
C GLU E 309 -48.33 -22.71 -8.11
N PRO E 310 -48.84 -23.15 -6.96
CA PRO E 310 -49.82 -22.31 -6.26
C PRO E 310 -49.22 -21.00 -5.77
N LEU E 311 -49.83 -19.87 -6.14
CA LEU E 311 -49.36 -18.57 -5.70
C LEU E 311 -50.12 -18.11 -4.46
N GLY E 312 -51.34 -18.62 -4.31
CA GLY E 312 -52.34 -18.00 -3.47
C GLY E 312 -53.69 -18.54 -3.90
N SER E 313 -54.73 -17.72 -3.74
CA SER E 313 -56.06 -18.03 -4.28
C SER E 313 -55.99 -18.41 -5.76
N GLU E 314 -54.99 -17.90 -6.47
CA GLU E 314 -54.73 -18.30 -7.85
C GLU E 314 -53.57 -19.28 -7.92
N SER E 315 -53.27 -19.78 -9.11
CA SER E 315 -52.15 -20.68 -9.32
C SER E 315 -51.63 -20.63 -10.76
N ILE E 316 -50.35 -20.95 -10.93
CA ILE E 316 -49.73 -20.94 -12.25
C ILE E 316 -49.58 -22.35 -12.80
N LEU E 317 -50.27 -22.64 -13.90
CA LEU E 317 -50.20 -23.96 -14.52
C LEU E 317 -49.33 -23.95 -15.77
N HIS E 318 -48.25 -24.73 -15.74
CA HIS E 318 -47.42 -24.91 -16.92
C HIS E 318 -47.90 -26.15 -17.68
N ALA E 319 -48.31 -25.95 -18.93
CA ALA E 319 -48.83 -27.05 -19.73
C ALA E 319 -48.01 -27.27 -21.00
N THR E 320 -47.66 -28.53 -21.27
CA THR E 320 -46.89 -28.86 -22.47
C THR E 320 -47.79 -29.42 -23.55
N VAL E 321 -47.91 -28.72 -24.67
CA VAL E 321 -48.69 -29.21 -25.80
C VAL E 321 -47.81 -30.05 -26.73
N GLY E 322 -46.91 -29.38 -27.46
CA GLY E 322 -45.95 -30.06 -28.30
C GLY E 322 -44.64 -30.10 -27.54
N ASP E 323 -43.54 -29.92 -28.25
CA ASP E 323 -42.23 -29.87 -27.61
C ASP E 323 -42.08 -28.56 -26.83
N HIS E 324 -43.07 -27.67 -26.98
CA HIS E 324 -43.06 -26.39 -26.30
C HIS E 324 -44.09 -26.38 -25.18
N SER E 325 -44.12 -25.29 -24.40
CA SER E 325 -45.03 -25.19 -23.27
C SER E 325 -45.65 -23.81 -23.15
N LEU E 326 -46.94 -23.77 -22.80
CA LEU E 326 -47.61 -22.50 -22.56
C LEU E 326 -48.09 -22.43 -21.09
N VAL E 327 -48.16 -21.20 -20.59
CA VAL E 327 -48.53 -20.96 -19.20
C VAL E 327 -49.95 -20.43 -19.07
N VAL E 328 -50.71 -20.98 -18.13
CA VAL E 328 -52.09 -20.60 -17.94
C VAL E 328 -52.42 -20.33 -16.47
N LYS E 329 -53.02 -19.18 -16.20
CA LYS E 329 -53.46 -18.83 -14.85
C LYS E 329 -54.76 -19.57 -14.50
N VAL E 330 -54.76 -20.25 -13.35
CA VAL E 330 -55.90 -21.05 -12.95
C VAL E 330 -56.28 -20.71 -11.51
N GLY E 331 -57.42 -21.21 -11.05
CA GLY E 331 -57.78 -21.01 -9.65
C GLY E 331 -56.88 -21.85 -8.77
N GLY E 332 -56.52 -21.26 -7.63
CA GLY E 332 -55.60 -21.85 -6.68
C GLY E 332 -56.30 -22.95 -5.90
N LEU E 333 -57.63 -22.90 -5.95
CA LEU E 333 -58.49 -23.74 -5.13
C LEU E 333 -58.88 -25.07 -5.75
N ASN E 334 -58.31 -25.42 -6.90
CA ASN E 334 -58.60 -26.73 -7.49
C ASN E 334 -57.42 -27.71 -7.44
N GLU E 335 -57.75 -29.00 -7.40
CA GLU E 335 -56.73 -30.04 -7.26
C GLU E 335 -56.30 -30.54 -8.63
N VAL E 336 -55.05 -30.24 -9.00
CA VAL E 336 -54.51 -30.67 -10.28
C VAL E 336 -53.20 -31.42 -10.11
N HIS E 337 -53.03 -32.52 -10.84
CA HIS E 337 -51.87 -33.38 -10.67
C HIS E 337 -51.02 -33.42 -11.94
N PRO E 338 -49.70 -33.58 -11.79
CA PRO E 338 -48.77 -33.62 -12.93
C PRO E 338 -48.81 -34.95 -13.68
N GLY E 339 -48.60 -34.89 -14.99
CA GLY E 339 -48.45 -36.10 -15.79
C GLY E 339 -49.70 -36.55 -16.54
N ASP E 340 -50.86 -36.14 -16.05
CA ASP E 340 -52.12 -36.49 -16.70
C ASP E 340 -52.56 -35.42 -17.69
N PRO E 341 -53.07 -35.84 -18.85
CA PRO E 341 -53.50 -34.93 -19.92
C PRO E 341 -54.61 -33.97 -19.48
N VAL E 342 -54.61 -32.77 -20.07
CA VAL E 342 -55.58 -31.74 -19.72
C VAL E 342 -55.97 -30.93 -20.95
N THR E 343 -57.24 -30.51 -21.01
CA THR E 343 -57.74 -29.70 -22.11
C THR E 343 -57.81 -28.23 -21.72
N LEU E 344 -57.22 -27.36 -22.53
CA LEU E 344 -57.24 -25.93 -22.24
C LEU E 344 -58.08 -25.15 -23.24
N HIS E 345 -58.90 -24.23 -22.73
CA HIS E 345 -59.76 -23.44 -23.61
C HIS E 345 -59.23 -22.02 -23.77
N VAL E 346 -58.88 -21.64 -25.01
CA VAL E 346 -58.26 -20.35 -25.27
C VAL E 346 -59.31 -19.32 -25.71
N ASP E 347 -59.14 -18.08 -25.26
CA ASP E 347 -60.03 -16.99 -25.67
C ASP E 347 -59.67 -16.52 -27.08
N LEU E 348 -60.65 -16.60 -27.98
CA LEU E 348 -60.41 -16.35 -29.40
C LEU E 348 -60.25 -14.87 -29.73
N THR E 349 -60.76 -14.00 -28.87
CA THR E 349 -60.69 -12.57 -29.14
C THR E 349 -59.33 -11.97 -28.78
N ARG E 350 -58.68 -12.54 -27.78
CA ARG E 350 -57.43 -11.98 -27.27
C ARG E 350 -56.17 -12.63 -27.83
N VAL E 351 -56.34 -13.60 -28.73
CA VAL E 351 -55.20 -14.30 -29.32
C VAL E 351 -54.38 -13.34 -30.17
N HIS E 352 -53.08 -13.61 -30.26
CA HIS E 352 -52.20 -12.80 -31.09
C HIS E 352 -51.43 -13.67 -32.05
N LEU E 353 -51.16 -13.14 -33.25
CA LEU E 353 -50.31 -13.84 -34.20
C LEU E 353 -49.21 -12.90 -34.68
N PHE E 354 -48.03 -13.45 -34.89
CA PHE E 354 -46.91 -12.67 -35.41
C PHE E 354 -46.20 -13.45 -36.51
N ASP E 355 -45.36 -12.77 -37.29
CA ASP E 355 -44.64 -13.43 -38.37
C ASP E 355 -43.34 -14.01 -37.82
N ALA E 356 -42.93 -15.15 -38.35
CA ALA E 356 -41.69 -15.80 -37.90
C ALA E 356 -40.49 -14.98 -38.37
N GLN E 357 -40.62 -14.37 -39.54
CA GLN E 357 -39.56 -13.58 -40.14
C GLN E 357 -39.62 -12.09 -39.78
N SER E 358 -40.67 -11.41 -40.22
CA SER E 358 -40.83 -9.98 -39.95
C SER E 358 -41.05 -9.69 -38.47
N GLN E 359 -41.54 -10.68 -37.75
CA GLN E 359 -41.79 -10.60 -36.30
C GLN E 359 -42.87 -9.61 -35.88
N ALA E 360 -43.42 -8.86 -36.83
CA ALA E 360 -44.43 -7.86 -36.49
C ALA E 360 -45.80 -8.48 -36.24
N SER E 361 -46.76 -7.63 -35.86
CA SER E 361 -48.12 -8.06 -35.59
C SER E 361 -48.84 -8.44 -36.88
N ILE E 362 -49.43 -9.63 -36.91
CA ILE E 362 -50.17 -10.05 -38.10
C ILE E 362 -51.66 -10.02 -37.80
N TYR E 363 -52.11 -10.86 -36.87
CA TYR E 363 -53.51 -10.86 -36.46
C TYR E 363 -53.85 -9.59 -35.70
C1 BEM F . 43.03 9.78 5.20
C2 BEM F . 42.30 9.78 6.53
O2 BEM F . 42.19 8.44 7.01
C3 BEM F . 43.06 10.63 7.52
O3 BEM F . 42.43 10.53 8.80
C4 BEM F . 44.52 10.18 7.64
O4 BEM F . 45.23 11.29 8.21
C5 BEM F . 45.18 9.84 6.30
O5 BEM F . 44.30 9.15 5.39
C6 BEM F . 46.34 8.93 6.53
O6B BEM F . 46.35 7.81 5.96
O6A BEM F . 47.32 9.35 7.20
O1 BEM F . 42.27 9.05 4.22
C1 BEM F . 45.80 10.93 9.49
C2 BEM F . 47.04 11.79 9.74
O2 BEM F . 46.67 13.17 9.84
C3 BEM F . 47.69 11.36 11.04
O3 BEM F . 48.83 12.20 11.29
C4 BEM F . 46.68 11.49 12.17
O4 BEM F . 47.26 10.99 13.37
C5 BEM F . 45.41 10.70 11.85
O5 BEM F . 44.88 11.06 10.58
C6 BEM F . 44.39 10.97 12.91
O6B BEM F . 43.90 10.00 13.53
O6A BEM F . 43.93 12.14 13.04
C1 BEM F . 47.59 12.10 14.22
C2 BEM F . 47.98 11.63 15.61
O2 BEM F . 49.13 10.78 15.53
C3 BEM F . 48.27 12.83 16.50
O3 BEM F . 48.72 12.35 17.78
C4 BEM F . 49.33 13.73 15.87
O4 BEM F . 49.48 14.97 16.59
C5 BEM F . 48.93 14.08 14.44
O5 BEM F . 48.63 12.91 13.68
C6 BEM F . 50.05 14.83 13.76
O6B BEM F . 50.16 16.04 14.02
O6A BEM F . 50.51 14.34 12.71
C1 MAW F . 50.56 14.91 17.55
C2 MAW F . 50.72 16.28 18.22
O2 MAW F . 49.49 16.63 18.85
C3 MAW F . 51.84 16.27 19.27
O3 MAW F . 51.73 17.45 20.08
C4 MAW F . 51.66 15.08 20.17
C5 MAW F . 50.85 14.07 19.85
O5 MAW F . 50.28 13.90 18.52
C6 MAW F . 50.53 13.06 20.85
O6A MAW F . 49.34 12.75 21.03
O6B MAW F . 51.48 12.56 21.48
#